data_3Q0A
#
_entry.id   3Q0A
#
_cell.length_a   81.346
_cell.length_b   111.379
_cell.length_c   275.495
_cell.angle_alpha   90.00
_cell.angle_beta   90.00
_cell.angle_gamma   90.00
#
_symmetry.space_group_name_H-M   'P 21 21 21'
#
loop_
_entity.id
_entity.type
_entity.pdbx_description
1 polymer 'Virion RNA polymerase'
2 polymer "DNA (5'-D(*TP*GP*CP*CP*TP*CP*CP*CP*AP*GP*GP*CP*A*GP*TP*CP*AP*AP*AP*AP*GP*AP*AP*GP*CP*GP*GP*AP*GP*CP*TP*TP*CP*TP*TP*C)-3')"
3 non-polymer 'PHOSPHATE ION'
4 non-polymer "GUANOSINE-5'-TRIPHOSPHATE"
5 water water
#
loop_
_entity_poly.entity_id
_entity_poly.type
_entity_poly.pdbx_seq_one_letter_code
_entity_poly.pdbx_strand_id
1 'polypeptide(L)'
;MGGSHHHHHHRSESTVTEELKEGIDAVYPSLVGTADSKAEGIKNYFKLSFTLPEEQKSRTVGSEAPLKDVAQALSSRARY
ELFTEKETANPAFNGEVIKRYKELMEHGEGIADILRSRLAKFLNTKDVGKRFAQGTEANRWVGGKLLNIVEQDGDTFKYN
EQLLQTAVLAGLQWRLTATSNTAIKDAKDVAAITGIDQALLPEGLVEQFDTGMTLTEAVSSLAQKIESYWGLSRNPNAPL
GYTKGIPTAMAAEILAAFVESTDVVENIVDMSEIDPDNKKTIGLYTITELDSFDPINSFPTAIEEAVLVNPTEKMFFGDD
IPPVANTQLRNPAVRNTPEQKAALKAEQATEFYVHTPMVQFYETLGKDRILELMGAGTLNKELLNDNHAKSLEGKNRSVE
DSYNQLFSVIEQVRAQSEDISTVPIHYAYNMTRVGRMQMLGKYNPQSAKLVREAILPTKATLDLSNQNNEDFSAFQLGLA
QALDIKVHTMTREVMSDELTKLLEGNLKPAIDMMVEFNTTGSLPENAVDVLNTALGDRKSFVALMALMEYSRYLVAEDKS
AFVTPLYVEADGVTNGPINAMMLMTGGLFTPDWIRNIAKGGLFIGSPNKTMNEHRSTADNNDLYQASTNALMESLGKLRS
NYASNMPIQSQIDSLLSLMDLFLPDINLGENGALELKRGIAKNPLTITIYGSGARGIAGKLVSSVTDAIYERMSDVLKAR
AKDPNISAAMAMFGKQAASEAHAEELLARFLKDMETLTSTVPVKRKGVLELQSTGTGAKGKINPKTYTIKGEQLKALQEN
MLHFFVEPLRNGITQTVGESLVYSTEQLQKATQIQSVVLEDMFKQRVQEKLAEKAKDPTWKKGDFLTQKELNDIQASLNN
LAPMIETGSQTFYIAGSENAEVANQVLATNLDDRMRVPMSIYAPAQAGVAGIPFMTIGTGDGMMMQTLSTMKGAPKNTLK
IFDGMNIGLNDITDASRKANEAVYTSWQGNPIKNVYESYAKFMKNVDFSKLSPEALEAIGKSALEYDQRENATVDDIANA
ASLIERNLRNIALGVDIRHKVLDKVNLSIDQMAAVGAPYQNNGKIDLSNMTPEQQADELNKLFREELEARKQKVAKAR
;
A,B
2 'polydeoxyribonucleotide'
;(DT)(DG)(DC)(DC)(DT)(DC)(DC)(DC)(DA)(DG)(DG)(DC)(DA)(DG)(DT)(DC)(DA)(DA)(DA)(DA)
(DG)(DA)(DA)(DG)(DC)(DG)(DG)(DA)(DG)(DC)(DT)(DT)(DC)(DT)(DT)(DC)
;
C,D
#
loop_
_chem_comp.id
_chem_comp.type
_chem_comp.name
_chem_comp.formula
DA DNA linking 2'-DEOXYADENOSINE-5'-MONOPHOSPHATE 'C10 H14 N5 O6 P'
DC DNA linking 2'-DEOXYCYTIDINE-5'-MONOPHOSPHATE 'C9 H14 N3 O7 P'
DG DNA linking 2'-DEOXYGUANOSINE-5'-MONOPHOSPHATE 'C10 H14 N5 O7 P'
DT DNA linking THYMIDINE-5'-MONOPHOSPHATE 'C10 H15 N2 O8 P'
GTP non-polymer GUANOSINE-5'-TRIPHOSPHATE 'C10 H16 N5 O14 P3'
PO4 non-polymer 'PHOSPHATE ION' 'O4 P -3'
#
# COMPACT_ATOMS: atom_id res chain seq x y z
N GLU A 18 42.50 35.13 -4.14
CA GLU A 18 41.31 34.84 -4.99
C GLU A 18 41.62 33.73 -6.02
N GLU A 19 42.32 32.70 -5.56
CA GLU A 19 42.70 31.56 -6.40
C GLU A 19 41.60 30.50 -6.49
N LEU A 20 40.41 30.84 -6.02
CA LEU A 20 39.25 29.94 -6.03
C LEU A 20 38.75 29.60 -7.43
N LYS A 21 39.16 30.41 -8.41
CA LYS A 21 38.90 30.14 -9.83
C LYS A 21 39.54 28.82 -10.25
N GLU A 22 40.76 28.60 -9.79
CA GLU A 22 41.53 27.37 -10.04
C GLU A 22 40.97 26.20 -9.22
N GLY A 23 40.50 26.50 -8.01
CA GLY A 23 39.99 25.50 -7.07
C GLY A 23 38.85 24.65 -7.62
N ILE A 24 37.82 25.32 -8.13
CA ILE A 24 36.65 24.65 -8.69
C ILE A 24 36.88 24.13 -10.12
N ASP A 25 37.90 24.68 -10.78
CA ASP A 25 38.29 24.23 -12.12
C ASP A 25 38.98 22.86 -12.05
N ALA A 26 39.66 22.60 -10.93
CA ALA A 26 40.31 21.30 -10.71
C ALA A 26 39.26 20.21 -10.49
N VAL A 27 38.17 20.56 -9.80
CA VAL A 27 37.10 19.61 -9.49
C VAL A 27 36.21 19.34 -10.71
N TYR A 28 35.90 20.39 -11.46
CA TYR A 28 35.07 20.26 -12.67
C TYR A 28 35.78 20.79 -13.92
N PRO A 29 36.81 20.06 -14.40
CA PRO A 29 37.62 20.58 -15.50
C PRO A 29 37.00 20.44 -16.90
N SER A 30 36.09 19.49 -17.07
CA SER A 30 35.56 19.17 -18.39
C SER A 30 34.20 19.81 -18.72
N LEU A 31 33.75 20.73 -17.88
CA LEU A 31 32.50 21.45 -18.15
C LEU A 31 32.68 22.43 -19.30
N VAL A 32 31.64 22.59 -20.11
CA VAL A 32 31.67 23.44 -21.29
C VAL A 32 31.66 24.91 -20.88
N GLY A 33 32.65 25.67 -21.35
CA GLY A 33 32.68 27.11 -21.16
C GLY A 33 33.87 27.65 -20.39
N THR A 34 34.14 28.94 -20.58
CA THR A 34 35.22 29.63 -19.90
C THR A 34 34.73 30.25 -18.59
N ALA A 35 35.51 30.09 -17.53
CA ALA A 35 35.16 30.59 -16.21
C ALA A 35 35.52 32.07 -16.01
N ASP A 36 35.11 32.89 -16.98
CA ASP A 36 35.19 34.35 -16.86
C ASP A 36 34.01 34.97 -17.62
N SER A 37 33.36 35.94 -16.99
CA SER A 37 32.20 36.61 -17.58
C SER A 37 32.58 37.58 -18.70
N LYS A 38 33.87 37.87 -18.81
CA LYS A 38 34.37 38.81 -19.81
C LYS A 38 34.83 38.14 -21.11
N ALA A 39 34.85 36.80 -21.11
CA ALA A 39 35.18 36.02 -22.31
C ALA A 39 34.06 36.13 -23.36
N GLU A 40 34.42 35.92 -24.63
CA GLU A 40 33.46 36.12 -25.74
C GLU A 40 32.77 34.85 -26.23
N GLY A 41 33.38 33.70 -25.98
CA GLY A 41 32.77 32.41 -26.36
C GLY A 41 31.66 31.99 -25.42
N ILE A 42 31.55 30.70 -25.17
CA ILE A 42 30.61 30.17 -24.17
C ILE A 42 31.20 30.35 -22.78
N LYS A 43 30.40 30.90 -21.87
CA LYS A 43 30.85 31.14 -20.50
C LYS A 43 30.16 30.19 -19.54
N ASN A 44 30.96 29.46 -18.76
CA ASN A 44 30.42 28.52 -17.78
C ASN A 44 29.99 29.22 -16.50
N TYR A 45 28.67 29.30 -16.29
CA TYR A 45 28.12 30.05 -15.17
C TYR A 45 27.99 29.25 -13.87
N PHE A 46 28.28 27.96 -13.93
CA PHE A 46 28.32 27.14 -12.71
C PHE A 46 29.58 27.44 -11.92
N LYS A 47 30.71 27.54 -12.63
CA LYS A 47 32.00 27.81 -12.00
C LYS A 47 32.18 29.28 -11.63
N LEU A 48 31.37 30.14 -12.23
CA LEU A 48 31.35 31.57 -11.88
C LEU A 48 30.46 31.83 -10.67
N SER A 49 29.46 30.99 -10.46
CA SER A 49 28.46 31.18 -9.40
C SER A 49 28.77 30.43 -8.11
N PHE A 50 29.59 29.38 -8.20
CA PHE A 50 29.88 28.54 -7.04
C PHE A 50 31.36 28.38 -6.76
N THR A 51 31.69 28.25 -5.47
CA THR A 51 33.06 28.00 -5.02
C THR A 51 33.08 26.85 -4.02
N LEU A 52 34.27 26.26 -3.83
CA LEU A 52 34.47 25.25 -2.80
C LEU A 52 34.43 25.89 -1.41
N PRO A 53 33.81 25.20 -0.43
CA PRO A 53 33.71 25.76 0.91
C PRO A 53 35.00 25.59 1.70
N GLU A 54 35.20 26.47 2.69
CA GLU A 54 36.35 26.40 3.59
C GLU A 54 36.46 25.02 4.24
N GLU A 55 35.33 24.54 4.76
CA GLU A 55 35.23 23.20 5.35
C GLU A 55 34.18 22.36 4.61
N GLN A 56 34.45 21.07 4.48
CA GLN A 56 33.60 20.15 3.72
C GLN A 56 32.14 20.18 4.17
N LYS A 57 31.25 20.28 3.18
CA LYS A 57 29.81 20.30 3.42
C LYS A 57 29.15 19.01 2.94
N SER A 58 29.57 18.54 1.77
CA SER A 58 29.02 17.31 1.18
C SER A 58 30.10 16.27 0.94
N ARG A 59 29.79 15.02 1.27
CA ARG A 59 30.72 13.91 1.11
C ARG A 59 30.77 13.35 -0.31
N THR A 60 30.02 13.95 -1.23
CA THR A 60 30.01 13.54 -2.63
C THR A 60 30.86 14.44 -3.53
N VAL A 61 31.41 15.51 -2.95
CA VAL A 61 32.28 16.43 -3.69
C VAL A 61 33.60 15.74 -4.02
N GLY A 62 33.85 15.57 -5.32
CA GLY A 62 35.05 14.89 -5.81
C GLY A 62 34.82 13.45 -6.23
N SER A 63 33.60 12.95 -5.98
CA SER A 63 33.25 11.58 -6.33
C SER A 63 32.94 11.44 -7.82
N GLU A 64 33.53 10.42 -8.44
CA GLU A 64 33.32 10.16 -9.87
C GLU A 64 31.89 9.66 -10.13
N ALA A 65 31.35 8.87 -9.20
CA ALA A 65 30.01 8.33 -9.32
C ALA A 65 29.32 8.29 -7.95
N PRO A 66 28.65 9.40 -7.57
CA PRO A 66 27.96 9.54 -6.29
C PRO A 66 26.92 8.44 -6.00
N LEU A 67 26.14 8.06 -7.01
CA LEU A 67 25.13 7.00 -6.86
C LEU A 67 25.77 5.66 -6.52
N LYS A 68 26.86 5.33 -7.20
CA LYS A 68 27.61 4.10 -6.92
C LYS A 68 28.28 4.16 -5.55
N ASP A 69 28.91 5.29 -5.24
CA ASP A 69 29.62 5.48 -3.97
C ASP A 69 28.71 5.40 -2.75
N VAL A 70 27.54 6.05 -2.82
CA VAL A 70 26.59 6.05 -1.71
C VAL A 70 25.82 4.72 -1.62
N ALA A 71 25.51 4.12 -2.77
CA ALA A 71 24.93 2.77 -2.79
C ALA A 71 25.83 1.77 -2.07
N GLN A 72 27.15 1.86 -2.34
CA GLN A 72 28.17 1.05 -1.69
C GLN A 72 28.23 1.35 -0.19
N ALA A 73 28.07 2.63 0.16
CA ALA A 73 28.03 3.04 1.56
C ALA A 73 26.80 2.48 2.27
N LEU A 74 25.66 2.49 1.57
CA LEU A 74 24.40 2.01 2.13
C LEU A 74 24.26 0.49 2.12
N SER A 75 25.22 -0.20 1.51
CA SER A 75 25.14 -1.66 1.35
C SER A 75 25.33 -2.46 2.65
N SER A 76 26.05 -1.88 3.61
CA SER A 76 26.24 -2.50 4.91
C SER A 76 26.43 -1.45 6.02
N ARG A 77 26.33 -1.89 7.26
CA ARG A 77 26.53 -1.03 8.42
C ARG A 77 27.99 -0.58 8.56
N ALA A 78 28.92 -1.51 8.34
CA ALA A 78 30.35 -1.23 8.44
C ALA A 78 30.82 -0.22 7.39
N ARG A 79 30.27 -0.33 6.18
CA ARG A 79 30.60 0.57 5.09
C ARG A 79 29.98 1.95 5.29
N TYR A 80 28.80 1.98 5.91
CA TYR A 80 28.12 3.23 6.24
C TYR A 80 28.87 3.99 7.33
N GLU A 81 29.32 3.25 8.35
CA GLU A 81 30.14 3.81 9.42
C GLU A 81 31.46 4.37 8.90
N LEU A 82 32.03 3.69 7.90
CA LEU A 82 33.32 4.07 7.31
C LEU A 82 33.19 5.32 6.44
N PHE A 83 32.10 5.39 5.67
CA PHE A 83 31.83 6.52 4.79
C PHE A 83 31.55 7.80 5.60
N THR A 84 30.73 7.66 6.64
CA THR A 84 30.38 8.79 7.51
C THR A 84 31.44 9.07 8.56
N GLU A 85 32.48 8.22 8.60
CA GLU A 85 33.59 8.35 9.55
C GLU A 85 33.11 8.37 11.02
N LYS A 86 32.10 7.54 11.30
CA LYS A 86 31.56 7.40 12.65
C LYS A 86 31.85 5.98 13.17
N GLU A 87 31.97 5.85 14.48
CA GLU A 87 32.18 4.55 15.11
C GLU A 87 30.91 3.71 15.03
N THR A 88 29.77 4.32 15.34
CA THR A 88 28.48 3.61 15.35
C THR A 88 27.43 4.32 14.50
N ALA A 89 26.62 3.52 13.80
CA ALA A 89 25.55 4.05 12.95
C ALA A 89 24.18 3.77 13.57
N ASN A 90 23.19 4.54 13.14
CA ASN A 90 21.81 4.38 13.58
C ASN A 90 21.40 2.91 13.56
N PRO A 91 21.02 2.35 14.73
CA PRO A 91 20.63 0.94 14.84
C PRO A 91 19.38 0.57 14.03
N ALA A 92 18.59 1.57 13.65
CA ALA A 92 17.43 1.36 12.79
C ALA A 92 17.84 0.92 11.39
N PHE A 93 19.09 1.23 11.03
CA PHE A 93 19.69 0.81 9.76
C PHE A 93 20.10 -0.67 9.85
N ASN A 94 19.11 -1.55 9.84
CA ASN A 94 19.33 -2.99 9.92
C ASN A 94 19.17 -3.69 8.57
N GLY A 95 19.11 -5.02 8.59
CA GLY A 95 19.01 -5.84 7.39
C GLY A 95 17.87 -5.49 6.44
N GLU A 96 16.69 -5.25 7.00
CA GLU A 96 15.49 -4.94 6.22
C GLU A 96 15.56 -3.57 5.54
N VAL A 97 16.08 -2.59 6.28
CA VAL A 97 16.24 -1.21 5.79
C VAL A 97 17.31 -1.15 4.71
N ILE A 98 18.39 -1.90 4.90
CA ILE A 98 19.47 -2.01 3.91
C ILE A 98 18.94 -2.55 2.56
N LYS A 99 18.04 -3.52 2.64
CA LYS A 99 17.44 -4.13 1.47
C LYS A 99 16.57 -3.12 0.69
N ARG A 100 15.87 -2.25 1.40
CA ARG A 100 15.01 -1.25 0.78
C ARG A 100 15.78 -0.08 0.16
N TYR A 101 16.94 0.24 0.74
CA TYR A 101 17.80 1.28 0.20
C TYR A 101 18.56 0.83 -1.05
N LYS A 102 18.91 -0.45 -1.09
CA LYS A 102 19.50 -1.06 -2.27
C LYS A 102 18.55 -0.89 -3.46
N GLU A 103 17.26 -1.04 -3.18
CA GLU A 103 16.20 -0.93 -4.19
C GLU A 103 15.93 0.51 -4.59
N LEU A 104 16.05 1.44 -3.63
CA LEU A 104 15.86 2.86 -3.91
C LEU A 104 17.05 3.43 -4.68
N MET A 105 18.24 2.90 -4.40
CA MET A 105 19.45 3.26 -5.14
C MET A 105 19.33 2.87 -6.61
N GLU A 106 18.80 1.68 -6.87
CA GLU A 106 18.54 1.21 -8.22
C GLU A 106 17.48 2.06 -8.92
N HIS A 107 16.58 2.65 -8.12
CA HIS A 107 15.59 3.59 -8.63
C HIS A 107 16.21 4.96 -8.95
N GLY A 108 17.23 5.32 -8.19
CA GLY A 108 18.01 6.53 -8.47
C GLY A 108 18.67 6.45 -9.83
N GLU A 109 19.16 5.26 -10.18
CA GLU A 109 19.70 4.99 -11.51
C GLU A 109 18.66 5.18 -12.61
N GLY A 110 17.40 4.95 -12.27
CA GLY A 110 16.29 5.11 -13.20
C GLY A 110 15.98 6.57 -13.44
N ILE A 111 15.89 7.35 -12.35
CA ILE A 111 15.67 8.80 -12.44
C ILE A 111 16.81 9.46 -13.20
N ALA A 112 18.04 9.01 -12.95
CA ALA A 112 19.22 9.50 -13.66
C ALA A 112 19.12 9.18 -15.15
N ASP A 113 18.56 8.02 -15.47
CA ASP A 113 18.38 7.60 -16.87
C ASP A 113 17.29 8.40 -17.59
N ILE A 114 16.22 8.75 -16.86
CA ILE A 114 15.17 9.60 -17.42
C ILE A 114 15.76 10.98 -17.73
N LEU A 115 16.55 11.50 -16.79
CA LEU A 115 17.15 12.82 -16.91
C LEU A 115 18.08 12.96 -18.12
N ARG A 116 18.78 11.87 -18.44
CA ARG A 116 19.73 11.86 -19.57
C ARG A 116 19.01 11.87 -20.92
N SER A 117 17.93 11.11 -21.04
CA SER A 117 17.12 11.07 -22.27
C SER A 117 16.44 12.40 -22.52
N ARG A 118 16.09 13.10 -21.44
CA ARG A 118 15.44 14.39 -21.54
C ARG A 118 16.42 15.44 -22.04
N LEU A 119 17.65 15.41 -21.53
CA LEU A 119 18.71 16.27 -22.01
C LEU A 119 18.97 16.06 -23.50
N ALA A 120 19.10 14.78 -23.88
CA ALA A 120 19.33 14.39 -25.27
C ALA A 120 18.24 14.92 -26.20
N LYS A 121 16.99 14.77 -25.76
CA LYS A 121 15.83 15.28 -26.49
C LYS A 121 15.84 16.79 -26.62
N PHE A 122 16.30 17.47 -25.55
CA PHE A 122 16.39 18.93 -25.54
C PHE A 122 17.47 19.43 -26.49
N LEU A 123 18.58 18.71 -26.56
CA LEU A 123 19.69 19.08 -27.43
C LEU A 123 19.35 18.89 -28.91
N ASN A 124 18.48 17.92 -29.19
CA ASN A 124 18.09 17.57 -30.56
C ASN A 124 16.98 18.46 -31.11
N THR A 125 15.98 18.76 -30.28
CA THR A 125 14.84 19.59 -30.67
C THR A 125 15.26 21.03 -30.96
N LYS A 126 14.94 21.50 -32.17
CA LYS A 126 15.32 22.84 -32.67
C LYS A 126 16.83 23.03 -32.79
N ASP A 127 17.55 21.91 -32.91
CA ASP A 127 19.01 21.88 -33.08
C ASP A 127 19.78 22.75 -32.09
N VAL A 128 19.29 22.79 -30.85
CA VAL A 128 19.86 23.58 -29.77
C VAL A 128 21.30 23.14 -29.46
N GLY A 129 21.52 21.83 -29.43
CA GLY A 129 22.86 21.26 -29.23
C GLY A 129 23.87 21.73 -30.25
N LYS A 130 23.49 21.70 -31.52
CA LYS A 130 24.33 22.18 -32.61
C LYS A 130 24.58 23.69 -32.55
N ARG A 131 23.56 24.45 -32.17
CA ARG A 131 23.66 25.90 -32.07
C ARG A 131 24.55 26.32 -30.90
N PHE A 132 24.41 25.61 -29.77
CA PHE A 132 25.20 25.86 -28.57
C PHE A 132 26.69 25.55 -28.78
N ALA A 133 26.97 24.51 -29.58
CA ALA A 133 28.34 24.15 -29.95
C ALA A 133 28.96 25.19 -30.87
N GLN A 134 28.12 25.87 -31.64
CA GLN A 134 28.57 26.89 -32.60
C GLN A 134 28.70 28.29 -32.01
N GLY A 135 28.24 28.47 -30.77
CA GLY A 135 28.39 29.75 -30.07
C GLY A 135 27.13 30.37 -29.49
N THR A 136 25.97 29.89 -29.90
CA THR A 136 24.69 30.38 -29.36
C THR A 136 24.66 30.16 -27.84
N GLU A 137 24.40 31.24 -27.09
CA GLU A 137 24.48 31.20 -25.63
C GLU A 137 23.22 30.63 -24.99
N ALA A 138 22.91 29.38 -25.34
CA ALA A 138 21.70 28.70 -24.86
C ALA A 138 21.75 28.42 -23.36
N ASN A 139 22.95 28.41 -22.80
CA ASN A 139 23.17 28.18 -21.37
C ASN A 139 22.72 29.36 -20.49
N ARG A 140 22.32 30.46 -21.14
CA ARG A 140 21.82 31.64 -20.43
C ARG A 140 20.32 31.81 -20.65
N TRP A 141 19.70 30.89 -21.37
CA TRP A 141 18.25 30.87 -21.56
C TRP A 141 17.55 30.38 -20.31
N VAL A 142 16.28 30.76 -20.14
CA VAL A 142 15.49 30.33 -18.98
C VAL A 142 15.32 28.81 -18.90
N GLY A 143 15.35 28.15 -20.05
CA GLY A 143 15.21 26.69 -20.10
C GLY A 143 16.51 25.95 -20.38
N GLY A 144 17.63 26.67 -20.36
CA GLY A 144 18.91 26.07 -20.72
C GLY A 144 20.05 26.23 -19.73
N LYS A 145 19.75 26.74 -18.54
CA LYS A 145 20.78 26.96 -17.51
C LYS A 145 21.49 25.69 -17.07
N LEU A 146 20.87 24.53 -17.32
CA LEU A 146 21.48 23.23 -17.08
C LEU A 146 22.65 22.92 -18.04
N LEU A 147 22.71 23.63 -19.16
CA LEU A 147 23.83 23.51 -20.09
C LEU A 147 25.14 24.03 -19.48
N ASN A 148 25.05 24.54 -18.25
CA ASN A 148 26.22 24.95 -17.49
C ASN A 148 26.86 23.79 -16.76
N ILE A 149 26.13 22.69 -16.61
CA ILE A 149 26.65 21.50 -15.94
C ILE A 149 26.83 20.32 -16.92
N VAL A 150 26.86 20.61 -18.21
CA VAL A 150 27.11 19.56 -19.21
C VAL A 150 28.56 19.53 -19.71
N GLU A 151 28.96 18.38 -20.25
CA GLU A 151 30.30 18.19 -20.79
C GLU A 151 30.20 17.77 -22.24
N GLN A 152 31.22 18.12 -23.03
CA GLN A 152 31.25 17.79 -24.44
C GLN A 152 31.57 16.31 -24.63
N ASP A 153 30.72 15.62 -25.38
CA ASP A 153 30.88 14.20 -25.69
C ASP A 153 30.60 13.94 -27.15
N GLY A 154 31.66 13.83 -27.94
CA GLY A 154 31.54 13.66 -29.39
C GLY A 154 30.94 14.89 -30.04
N ASP A 155 29.97 14.66 -30.93
CA ASP A 155 29.27 15.74 -31.62
C ASP A 155 28.04 16.23 -30.83
N THR A 156 27.95 15.83 -29.57
CA THR A 156 26.83 16.21 -28.69
C THR A 156 27.31 16.50 -27.26
N PHE A 157 26.35 16.67 -26.34
CA PHE A 157 26.66 16.99 -24.95
C PHE A 157 26.03 16.00 -23.97
N LYS A 158 26.65 15.87 -22.80
CA LYS A 158 26.16 14.99 -21.73
C LYS A 158 26.36 15.62 -20.36
N TYR A 159 25.55 15.18 -19.40
CA TYR A 159 25.65 15.64 -18.02
C TYR A 159 27.00 15.33 -17.38
N ASN A 160 27.43 16.20 -16.48
CA ASN A 160 28.52 15.88 -15.56
C ASN A 160 27.97 14.89 -14.53
N GLU A 161 28.48 13.67 -14.59
CA GLU A 161 27.95 12.57 -13.75
C GLU A 161 27.94 12.87 -12.26
N GLN A 162 28.99 13.51 -11.75
CA GLN A 162 29.05 13.90 -10.33
C GLN A 162 27.87 14.80 -9.96
N LEU A 163 27.66 15.86 -10.74
CA LEU A 163 26.60 16.81 -10.47
C LEU A 163 25.21 16.23 -10.68
N LEU A 164 25.05 15.43 -11.73
CA LEU A 164 23.77 14.78 -12.01
C LEU A 164 23.35 13.82 -10.90
N GLN A 165 24.26 12.91 -10.55
CA GLN A 165 23.96 11.87 -9.57
C GLN A 165 23.71 12.40 -8.15
N THR A 166 24.47 13.43 -7.77
CA THR A 166 24.30 14.08 -6.46
C THR A 166 22.94 14.74 -6.36
N ALA A 167 22.51 15.36 -7.46
CA ALA A 167 21.19 15.97 -7.55
C ALA A 167 20.09 14.91 -7.40
N VAL A 168 20.29 13.77 -8.06
CA VAL A 168 19.37 12.62 -7.96
C VAL A 168 19.26 12.13 -6.51
N LEU A 169 20.40 12.06 -5.83
CA LEU A 169 20.43 11.69 -4.40
C LEU A 169 19.58 12.65 -3.56
N ALA A 170 19.69 13.94 -3.83
CA ALA A 170 18.85 14.94 -3.17
C ALA A 170 17.39 14.73 -3.53
N GLY A 171 17.14 14.42 -4.80
CA GLY A 171 15.79 14.11 -5.28
C GLY A 171 15.17 12.93 -4.55
N LEU A 172 16.00 11.94 -4.23
CA LEU A 172 15.55 10.75 -3.50
C LEU A 172 15.18 11.06 -2.06
N GLN A 173 16.00 11.86 -1.38
CA GLN A 173 15.71 12.25 -0.01
C GLN A 173 14.45 13.12 0.08
N TRP A 174 14.27 14.00 -0.91
CA TRP A 174 13.07 14.82 -1.04
C TRP A 174 11.84 13.94 -1.28
N ARG A 175 12.01 12.89 -2.07
CA ARG A 175 10.94 11.95 -2.38
C ARG A 175 10.44 11.24 -1.12
N LEU A 176 11.35 11.01 -0.18
CA LEU A 176 11.04 10.27 1.03
C LEU A 176 10.37 11.10 2.13
N THR A 177 10.82 12.33 2.31
CA THR A 177 10.46 13.10 3.51
C THR A 177 9.84 14.48 3.28
N ALA A 178 9.69 14.89 2.02
CA ALA A 178 9.17 16.23 1.71
C ALA A 178 7.76 16.47 2.25
N THR A 179 6.90 15.46 2.12
CA THR A 179 5.49 15.54 2.55
C THR A 179 5.35 15.76 4.06
N SER A 180 6.26 15.17 4.84
CA SER A 180 6.27 15.36 6.29
C SER A 180 6.85 16.71 6.72
N ASN A 181 7.33 17.48 5.74
CA ASN A 181 7.88 18.82 6.00
C ASN A 181 7.08 19.95 5.36
N THR A 182 6.06 19.59 4.57
CA THR A 182 5.23 20.57 3.88
C THR A 182 4.43 21.43 4.85
N ALA A 183 4.13 22.66 4.43
CA ALA A 183 3.32 23.58 5.22
C ALA A 183 1.84 23.22 5.14
N ILE A 184 1.11 23.49 6.23
CA ILE A 184 -0.33 23.29 6.26
C ILE A 184 -1.00 24.50 5.59
N LYS A 185 -1.90 24.24 4.65
CA LYS A 185 -2.60 25.30 3.93
C LYS A 185 -4.02 25.49 4.44
N ASP A 186 -4.32 26.67 4.97
CA ASP A 186 -5.67 27.02 5.39
C ASP A 186 -6.50 27.53 4.20
N ALA A 187 -7.71 28.01 4.48
CA ALA A 187 -8.61 28.54 3.45
C ALA A 187 -8.05 29.80 2.79
N LYS A 188 -7.39 30.64 3.59
CA LYS A 188 -6.76 31.87 3.09
C LYS A 188 -5.66 31.56 2.08
N ASP A 189 -4.83 30.56 2.38
CA ASP A 189 -3.74 30.15 1.51
C ASP A 189 -4.25 29.68 0.15
N VAL A 190 -5.28 28.83 0.17
CA VAL A 190 -5.91 28.31 -1.05
C VAL A 190 -6.53 29.45 -1.88
N ALA A 191 -7.06 30.44 -1.19
CA ALA A 191 -7.65 31.62 -1.82
C ALA A 191 -6.61 32.42 -2.60
N ALA A 192 -5.43 32.61 -1.99
CA ALA A 192 -4.34 33.34 -2.61
C ALA A 192 -3.77 32.64 -3.84
N ILE A 193 -3.77 31.31 -3.82
CA ILE A 193 -3.28 30.51 -4.95
C ILE A 193 -4.27 30.55 -6.12
N THR A 194 -5.54 30.30 -5.81
CA THR A 194 -6.58 30.14 -6.83
C THR A 194 -7.06 31.46 -7.44
N GLY A 195 -7.12 32.50 -6.60
CA GLY A 195 -7.67 33.78 -7.02
C GLY A 195 -9.18 33.85 -6.82
N ILE A 196 -9.69 32.97 -5.96
CA ILE A 196 -11.10 32.94 -5.60
C ILE A 196 -11.25 33.43 -4.17
N ASP A 197 -12.25 34.28 -3.93
CA ASP A 197 -12.53 34.82 -2.60
C ASP A 197 -12.63 33.70 -1.56
N GLN A 198 -11.97 33.91 -0.41
CA GLN A 198 -11.90 32.90 0.64
C GLN A 198 -13.27 32.36 1.05
N ALA A 199 -14.24 33.27 1.16
CA ALA A 199 -15.60 32.91 1.56
C ALA A 199 -16.33 32.07 0.50
N LEU A 200 -16.03 32.31 -0.77
CA LEU A 200 -16.75 31.67 -1.88
C LEU A 200 -16.12 30.37 -2.37
N LEU A 201 -15.03 29.95 -1.72
CA LEU A 201 -14.33 28.71 -2.09
C LEU A 201 -15.25 27.49 -2.04
N PRO A 202 -15.28 26.69 -3.12
CA PRO A 202 -16.10 25.47 -3.15
C PRO A 202 -15.61 24.44 -2.14
N GLU A 203 -16.52 23.57 -1.70
CA GLU A 203 -16.22 22.56 -0.70
C GLU A 203 -15.24 21.52 -1.25
N GLY A 204 -14.23 21.19 -0.45
CA GLY A 204 -13.24 20.16 -0.81
C GLY A 204 -12.00 20.68 -1.51
N LEU A 205 -12.12 21.86 -2.14
CA LEU A 205 -11.01 22.49 -2.86
C LEU A 205 -9.81 22.77 -1.94
N VAL A 206 -10.11 23.22 -0.72
CA VAL A 206 -9.08 23.45 0.31
C VAL A 206 -8.34 22.15 0.62
N GLU A 207 -9.10 21.05 0.72
CA GLU A 207 -8.53 19.72 0.97
C GLU A 207 -7.66 19.25 -0.21
N GLN A 208 -8.09 19.55 -1.43
CA GLN A 208 -7.32 19.20 -2.63
C GLN A 208 -5.96 19.90 -2.64
N PHE A 209 -5.95 21.18 -2.29
CA PHE A 209 -4.74 22.00 -2.33
C PHE A 209 -3.84 21.86 -1.11
N ASP A 210 -4.36 21.26 -0.03
CA ASP A 210 -3.56 20.96 1.15
C ASP A 210 -2.80 19.64 0.98
N THR A 211 -3.36 18.75 0.16
CA THR A 211 -2.74 17.46 -0.15
C THR A 211 -1.64 17.62 -1.20
N GLY A 212 -1.81 18.60 -2.07
CA GLY A 212 -0.85 18.85 -3.16
C GLY A 212 0.18 19.92 -2.88
N MET A 213 1.22 19.94 -3.71
CA MET A 213 2.22 21.00 -3.70
C MET A 213 2.09 21.80 -4.98
N THR A 214 2.13 23.12 -4.85
CA THR A 214 2.19 24.00 -6.01
C THR A 214 3.57 23.90 -6.64
N LEU A 215 3.71 24.39 -7.87
CA LEU A 215 4.99 24.37 -8.56
C LEU A 215 6.13 24.93 -7.71
N THR A 216 5.96 26.17 -7.24
CA THR A 216 6.97 26.85 -6.43
C THR A 216 7.31 26.07 -5.15
N GLU A 217 6.28 25.50 -4.53
CA GLU A 217 6.43 24.70 -3.31
C GLU A 217 7.32 23.48 -3.52
N ALA A 218 7.05 22.74 -4.60
CA ALA A 218 7.79 21.52 -4.93
C ALA A 218 9.23 21.82 -5.34
N VAL A 219 9.41 22.83 -6.20
CA VAL A 219 10.71 23.16 -6.75
C VAL A 219 11.66 23.78 -5.71
N SER A 220 11.19 24.76 -4.96
CA SER A 220 12.04 25.44 -3.99
C SER A 220 12.59 24.50 -2.92
N SER A 221 11.75 23.59 -2.42
CA SER A 221 12.19 22.57 -1.46
C SER A 221 13.19 21.61 -2.08
N LEU A 222 12.96 21.24 -3.34
CA LEU A 222 13.88 20.43 -4.13
C LEU A 222 15.22 21.15 -4.38
N ALA A 223 15.14 22.40 -4.85
CA ALA A 223 16.33 23.19 -5.19
C ALA A 223 17.20 23.48 -3.97
N GLN A 224 16.57 23.58 -2.80
CA GLN A 224 17.27 23.77 -1.54
C GLN A 224 18.14 22.54 -1.23
N LYS A 225 17.54 21.36 -1.40
CA LYS A 225 18.22 20.08 -1.19
C LYS A 225 19.39 19.87 -2.13
N ILE A 226 19.12 20.00 -3.44
CA ILE A 226 20.15 19.80 -4.46
C ILE A 226 21.37 20.66 -4.19
N GLU A 227 21.14 21.95 -3.94
CA GLU A 227 22.23 22.91 -3.73
C GLU A 227 23.06 22.57 -2.48
N SER A 228 22.39 22.12 -1.41
CA SER A 228 23.11 21.73 -0.19
C SER A 228 23.88 20.43 -0.41
N TYR A 229 23.29 19.51 -1.17
CA TYR A 229 23.93 18.25 -1.51
C TYR A 229 25.13 18.45 -2.44
N TRP A 230 25.06 19.49 -3.27
CA TRP A 230 26.19 19.86 -4.11
C TRP A 230 27.37 20.34 -3.25
N GLY A 231 27.06 20.85 -2.06
CA GLY A 231 28.06 21.19 -1.04
C GLY A 231 28.99 22.33 -1.38
N LEU A 232 28.48 23.31 -2.12
CA LEU A 232 29.28 24.46 -2.57
C LEU A 232 28.70 25.77 -2.02
N SER A 233 29.56 26.79 -1.92
CA SER A 233 29.12 28.12 -1.50
C SER A 233 28.75 28.96 -2.71
N ARG A 234 27.77 29.84 -2.53
CA ARG A 234 27.40 30.79 -3.57
C ARG A 234 28.46 31.88 -3.66
N ASN A 235 28.71 32.35 -4.89
CA ASN A 235 29.61 33.46 -5.10
C ASN A 235 28.83 34.77 -4.95
N PRO A 236 29.20 35.59 -3.94
CA PRO A 236 28.48 36.84 -3.67
C PRO A 236 28.52 37.85 -4.83
N ASN A 237 29.50 37.70 -5.72
CA ASN A 237 29.64 38.58 -6.88
C ASN A 237 29.04 38.00 -8.17
N ALA A 238 28.31 36.89 -8.03
CA ALA A 238 27.67 36.22 -9.16
C ALA A 238 26.16 36.48 -9.19
N PRO A 239 25.57 36.59 -10.40
CA PRO A 239 24.15 36.91 -10.55
C PRO A 239 23.22 35.83 -10.00
N LEU A 240 22.12 36.25 -9.39
CA LEU A 240 21.11 35.34 -8.84
C LEU A 240 20.51 34.39 -9.89
N GLY A 241 20.48 34.83 -11.14
CA GLY A 241 19.97 34.02 -12.25
C GLY A 241 20.69 32.70 -12.43
N TYR A 242 21.89 32.58 -11.88
CA TYR A 242 22.65 31.34 -11.97
C TYR A 242 22.86 30.67 -10.60
N THR A 243 23.20 31.47 -9.58
CA THR A 243 23.39 30.96 -8.22
C THR A 243 22.14 30.27 -7.72
N LYS A 244 20.99 30.87 -8.01
CA LYS A 244 19.70 30.34 -7.60
C LYS A 244 19.04 29.62 -8.79
N GLY A 245 19.44 29.99 -10.00
CA GLY A 245 18.84 29.47 -11.23
C GLY A 245 19.24 28.07 -11.65
N ILE A 246 20.53 27.77 -11.54
CA ILE A 246 21.04 26.44 -11.93
C ILE A 246 20.47 25.30 -11.08
N PRO A 247 20.50 25.42 -9.73
CA PRO A 247 19.85 24.38 -8.92
C PRO A 247 18.33 24.30 -9.09
N THR A 248 17.68 25.43 -9.34
CA THR A 248 16.24 25.46 -9.64
C THR A 248 15.95 24.75 -10.97
N ALA A 249 16.79 24.98 -11.97
CA ALA A 249 16.69 24.28 -13.25
C ALA A 249 16.83 22.77 -13.09
N MET A 250 17.78 22.36 -12.24
CA MET A 250 17.98 20.95 -11.91
C MET A 250 16.79 20.37 -11.15
N ALA A 251 16.22 21.18 -10.25
CA ALA A 251 15.01 20.79 -9.49
C ALA A 251 13.81 20.57 -10.40
N ALA A 252 13.62 21.46 -11.37
CA ALA A 252 12.51 21.37 -12.30
C ALA A 252 12.59 20.11 -13.17
N GLU A 253 13.80 19.71 -13.53
CA GLU A 253 14.01 18.49 -14.33
C GLU A 253 13.79 17.21 -13.53
N ILE A 254 14.26 17.21 -12.29
CA ILE A 254 14.04 16.08 -11.39
C ILE A 254 12.55 15.88 -11.10
N LEU A 255 11.83 17.00 -10.93
CA LEU A 255 10.38 16.94 -10.75
C LEU A 255 9.69 16.35 -11.98
N ALA A 256 10.12 16.78 -13.17
CA ALA A 256 9.60 16.26 -14.44
C ALA A 256 9.92 14.78 -14.63
N ALA A 257 11.10 14.37 -14.16
CA ALA A 257 11.50 12.98 -14.16
C ALA A 257 10.62 12.15 -13.21
N PHE A 258 10.29 12.73 -12.05
CA PHE A 258 9.43 12.08 -11.06
C PHE A 258 7.98 11.92 -11.53
N VAL A 259 7.52 12.86 -12.35
CA VAL A 259 6.20 12.77 -12.99
C VAL A 259 6.19 11.59 -13.96
N GLU A 260 7.27 11.42 -14.72
CA GLU A 260 7.40 10.32 -15.67
C GLU A 260 7.49 8.95 -14.99
N SER A 261 8.10 8.89 -13.82
CA SER A 261 8.28 7.63 -13.10
C SER A 261 7.13 7.31 -12.17
N THR A 262 6.18 8.23 -12.05
CA THR A 262 5.01 8.11 -11.16
C THR A 262 5.36 8.11 -9.67
N ASP A 263 6.44 8.82 -9.32
CA ASP A 263 6.76 9.11 -7.93
C ASP A 263 5.98 10.35 -7.49
N VAL A 264 5.75 11.24 -8.44
CA VAL A 264 4.93 12.43 -8.24
C VAL A 264 3.83 12.45 -9.30
N VAL A 265 2.61 12.76 -8.88
CA VAL A 265 1.47 12.85 -9.80
C VAL A 265 1.14 14.31 -10.09
N GLU A 266 1.20 14.69 -11.36
CA GLU A 266 0.89 16.05 -11.80
C GLU A 266 -0.58 16.22 -12.10
N ASN A 267 -1.17 17.27 -11.55
CA ASN A 267 -2.57 17.61 -11.78
C ASN A 267 -2.76 19.10 -12.07
N ILE A 268 -3.07 19.42 -13.33
CA ILE A 268 -3.34 20.79 -13.75
C ILE A 268 -4.81 21.12 -13.47
N VAL A 269 -5.04 21.86 -12.40
CA VAL A 269 -6.40 22.17 -11.94
C VAL A 269 -6.91 23.45 -12.62
N ASP A 270 -8.07 23.33 -13.28
CA ASP A 270 -8.65 24.44 -14.03
C ASP A 270 -9.69 25.19 -13.19
N MET A 271 -9.50 26.49 -13.05
CA MET A 271 -10.38 27.31 -12.22
C MET A 271 -11.64 27.77 -12.94
N SER A 272 -11.66 27.63 -14.27
CA SER A 272 -12.83 27.98 -15.08
C SER A 272 -13.95 26.95 -14.93
N GLU A 273 -13.64 25.83 -14.27
CA GLU A 273 -14.62 24.80 -13.94
C GLU A 273 -15.38 25.19 -12.67
N ILE A 274 -14.78 26.09 -11.90
CA ILE A 274 -15.38 26.59 -10.66
C ILE A 274 -15.89 28.01 -10.86
N ASP A 275 -14.97 28.94 -11.10
CA ASP A 275 -15.32 30.32 -11.42
C ASP A 275 -14.99 30.57 -12.89
N PRO A 276 -16.02 30.58 -13.75
CA PRO A 276 -15.87 30.64 -15.21
C PRO A 276 -15.02 31.81 -15.73
N ASP A 277 -15.04 32.95 -15.07
CA ASP A 277 -14.23 34.11 -15.48
C ASP A 277 -12.83 34.16 -14.87
N ASN A 278 -12.49 33.14 -14.07
CA ASN A 278 -11.13 32.91 -13.62
C ASN A 278 -10.40 32.04 -14.64
N LYS A 279 -9.27 32.54 -15.14
CA LYS A 279 -8.56 31.87 -16.23
C LYS A 279 -7.26 31.16 -15.79
N LYS A 280 -7.09 31.02 -14.48
CA LYS A 280 -5.93 30.32 -13.93
C LYS A 280 -6.02 28.80 -14.11
N THR A 281 -4.92 28.20 -14.57
CA THR A 281 -4.74 26.76 -14.51
C THR A 281 -3.54 26.50 -13.62
N ILE A 282 -3.77 25.82 -12.50
CA ILE A 282 -2.77 25.68 -11.45
C ILE A 282 -2.25 24.25 -11.34
N GLY A 283 -0.93 24.11 -11.44
CA GLY A 283 -0.28 22.81 -11.30
C GLY A 283 -0.22 22.38 -9.86
N LEU A 284 -0.67 21.15 -9.60
CA LEU A 284 -0.65 20.57 -8.26
C LEU A 284 0.07 19.23 -8.29
N TYR A 285 1.03 19.08 -7.39
CA TYR A 285 1.93 17.92 -7.39
C TYR A 285 1.88 17.18 -6.06
N THR A 286 1.56 15.89 -6.13
CA THR A 286 1.48 15.04 -4.94
C THR A 286 2.46 13.87 -5.02
N ILE A 287 3.28 13.73 -4.00
CA ILE A 287 4.21 12.61 -3.89
C ILE A 287 3.45 11.33 -3.53
N THR A 288 3.58 10.31 -4.37
CA THR A 288 3.00 9.00 -4.13
C THR A 288 3.52 8.45 -2.80
N GLU A 289 2.60 8.16 -1.90
CA GLU A 289 2.96 7.64 -0.59
C GLU A 289 3.45 6.20 -0.67
N LEU A 290 4.46 5.90 0.13
CA LEU A 290 4.92 4.53 0.33
C LEU A 290 3.90 3.85 1.21
N ASP A 291 3.73 2.54 1.05
CA ASP A 291 2.88 1.76 1.94
C ASP A 291 3.43 1.88 3.36
N SER A 292 2.55 2.19 4.32
CA SER A 292 2.96 2.54 5.68
C SER A 292 3.85 1.51 6.39
N PHE A 293 3.73 0.24 6.00
CA PHE A 293 4.57 -0.83 6.56
C PHE A 293 5.95 -0.95 5.90
N ASP A 294 6.26 -0.02 5.00
CA ASP A 294 7.57 0.06 4.35
C ASP A 294 8.69 0.15 5.40
N PRO A 295 9.69 -0.75 5.32
CA PRO A 295 10.85 -0.69 6.20
C PRO A 295 11.61 0.64 6.15
N ILE A 296 11.56 1.32 5.01
CA ILE A 296 12.27 2.60 4.84
C ILE A 296 11.70 3.74 5.68
N ASN A 297 10.44 3.60 6.09
CA ASN A 297 9.80 4.58 7.00
C ASN A 297 10.47 4.62 8.37
N SER A 298 11.01 3.48 8.79
CA SER A 298 11.70 3.37 10.07
C SER A 298 13.05 4.10 10.09
N PHE A 299 13.60 4.40 8.91
CA PHE A 299 14.82 5.19 8.79
C PHE A 299 14.92 5.87 7.42
N PRO A 300 14.19 7.00 7.25
CA PRO A 300 14.10 7.63 5.93
C PRO A 300 15.15 8.72 5.65
N THR A 301 16.11 8.91 6.56
CA THR A 301 17.12 9.96 6.40
C THR A 301 18.54 9.40 6.23
N ALA A 302 18.65 8.16 5.79
CA ALA A 302 19.95 7.50 5.62
C ALA A 302 20.84 8.22 4.61
N ILE A 303 20.25 8.61 3.49
CA ILE A 303 20.96 9.38 2.46
C ILE A 303 21.45 10.71 3.05
N GLU A 304 20.51 11.46 3.64
CA GLU A 304 20.81 12.77 4.23
C GLU A 304 21.98 12.73 5.21
N GLU A 305 21.97 11.72 6.09
CA GLU A 305 23.00 11.58 7.13
C GLU A 305 24.33 11.07 6.56
N ALA A 306 24.27 10.46 5.37
CA ALA A 306 25.47 9.98 4.69
C ALA A 306 26.13 11.07 3.85
N VAL A 307 25.31 11.87 3.15
CA VAL A 307 25.79 12.89 2.22
C VAL A 307 26.34 14.11 2.96
N LEU A 308 25.57 14.62 3.91
CA LEU A 308 25.92 15.86 4.61
C LEU A 308 26.69 15.64 5.90
N VAL A 309 27.70 16.49 6.12
CA VAL A 309 28.44 16.52 7.38
C VAL A 309 27.53 16.96 8.53
N ASN A 310 26.67 17.94 8.27
CA ASN A 310 25.71 18.44 9.25
C ASN A 310 24.27 18.37 8.70
N PRO A 311 23.64 17.19 8.83
CA PRO A 311 22.34 16.92 8.21
C PRO A 311 21.19 17.71 8.83
N THR A 312 20.29 18.18 7.97
CA THR A 312 19.11 18.93 8.42
C THR A 312 18.08 17.96 8.97
N GLU A 313 17.73 16.97 8.15
CA GLU A 313 16.66 16.03 8.46
C GLU A 313 17.22 14.77 9.13
N LYS A 314 16.72 14.51 10.33
CA LYS A 314 17.15 13.40 11.17
C LYS A 314 16.37 13.45 12.47
N MET A 315 16.28 12.32 13.16
CA MET A 315 15.76 12.29 14.52
C MET A 315 16.90 12.51 15.49
N PHE A 316 16.61 13.17 16.60
CA PHE A 316 17.61 13.45 17.63
C PHE A 316 17.39 12.57 18.85
N PHE A 317 18.16 11.49 18.94
CA PHE A 317 18.06 10.54 20.04
C PHE A 317 19.13 10.77 21.11
N GLY A 318 18.82 10.33 22.33
CA GLY A 318 19.74 10.37 23.45
C GLY A 318 20.29 11.75 23.73
N ASP A 319 21.61 11.88 23.62
CA ASP A 319 22.28 13.13 23.94
C ASP A 319 22.82 13.80 22.67
N ASP A 320 22.15 13.50 21.56
CA ASP A 320 22.40 14.16 20.29
C ASP A 320 21.37 15.29 20.18
N ILE A 321 21.79 16.50 20.56
CA ILE A 321 20.87 17.64 20.63
C ILE A 321 20.96 18.54 19.38
N PRO A 322 19.79 19.03 18.91
CA PRO A 322 19.72 19.89 17.71
C PRO A 322 20.47 21.20 17.88
N PRO A 323 21.08 21.69 16.78
CA PRO A 323 21.72 23.00 16.81
C PRO A 323 20.70 24.12 17.01
N VAL A 324 21.15 25.26 17.49
CA VAL A 324 20.27 26.42 17.68
C VAL A 324 20.36 27.31 16.45
N ALA A 325 19.21 27.53 15.81
CA ALA A 325 19.11 28.33 14.59
C ALA A 325 19.47 29.80 14.83
N ASN A 326 20.29 30.35 13.95
CA ASN A 326 20.78 31.72 14.08
C ASN A 326 19.78 32.79 13.65
N THR A 327 19.05 32.51 12.58
CA THR A 327 18.12 33.50 12.04
C THR A 327 16.68 33.05 12.15
N GLN A 328 15.80 34.04 12.33
CA GLN A 328 14.35 33.87 12.34
C GLN A 328 13.88 33.09 11.12
N LEU A 329 12.91 32.19 11.33
CA LEU A 329 12.41 31.31 10.28
C LEU A 329 11.91 32.10 9.07
N ARG A 330 12.58 31.87 7.93
CA ARG A 330 12.33 32.56 6.65
C ARG A 330 12.53 34.09 6.73
N ASN A 331 13.32 34.53 7.70
CA ASN A 331 13.81 35.90 7.75
C ASN A 331 15.32 35.92 7.96
N PRO A 332 16.10 35.68 6.89
CA PRO A 332 17.55 35.64 7.01
C PRO A 332 18.16 36.98 7.43
N ALA A 333 17.44 38.07 7.21
CA ALA A 333 17.88 39.40 7.64
C ALA A 333 17.70 39.63 9.13
N VAL A 334 16.82 38.84 9.76
CA VAL A 334 16.55 38.95 11.19
C VAL A 334 17.29 37.86 11.98
N ARG A 335 18.23 38.28 12.82
CA ARG A 335 18.92 37.34 13.70
C ARG A 335 18.12 37.14 14.97
N ASN A 336 17.98 35.88 15.38
CA ASN A 336 17.44 35.55 16.69
C ASN A 336 18.30 36.21 17.75
N THR A 337 17.65 36.89 18.70
CA THR A 337 18.36 37.60 19.75
C THR A 337 19.03 36.60 20.71
N PRO A 338 20.05 37.05 21.46
CA PRO A 338 20.66 36.18 22.46
C PRO A 338 19.64 35.54 23.40
N GLU A 339 18.59 36.28 23.77
CA GLU A 339 17.57 35.75 24.68
C GLU A 339 16.66 34.73 23.99
N GLN A 340 16.41 34.94 22.69
CA GLN A 340 15.61 34.02 21.90
C GLN A 340 16.36 32.70 21.68
N LYS A 341 17.66 32.81 21.44
CA LYS A 341 18.52 31.64 21.24
C LYS A 341 18.60 30.76 22.49
N ALA A 342 18.60 31.40 23.66
CA ALA A 342 18.62 30.68 24.93
C ALA A 342 17.30 29.93 25.16
N ALA A 343 16.19 30.55 24.74
CA ALA A 343 14.89 29.91 24.80
C ALA A 343 14.81 28.70 23.87
N LEU A 344 15.29 28.86 22.64
CA LEU A 344 15.34 27.76 21.67
C LEU A 344 16.19 26.61 22.16
N LYS A 345 17.27 26.93 22.88
CA LYS A 345 18.16 25.93 23.47
C LYS A 345 17.45 25.18 24.60
N ALA A 346 16.75 25.92 25.46
CA ALA A 346 16.03 25.36 26.60
C ALA A 346 14.96 24.34 26.20
N GLU A 347 14.27 24.62 25.08
CA GLU A 347 13.21 23.74 24.58
C GLU A 347 13.74 22.54 23.81
N GLN A 348 14.86 22.73 23.11
CA GLN A 348 15.51 21.66 22.37
C GLN A 348 16.24 20.70 23.30
N ALA A 349 16.54 21.15 24.51
CA ALA A 349 17.16 20.31 25.53
C ALA A 349 16.16 19.36 26.19
N THR A 350 14.87 19.69 26.11
CA THR A 350 13.81 18.89 26.72
C THR A 350 13.71 17.49 26.10
N GLU A 351 13.78 16.48 26.97
CA GLU A 351 13.71 15.08 26.55
C GLU A 351 12.27 14.61 26.44
N PHE A 352 11.95 13.95 25.33
CA PHE A 352 10.62 13.43 25.08
C PHE A 352 10.65 11.92 25.10
N TYR A 353 9.63 11.31 25.69
CA TYR A 353 9.60 9.86 25.85
C TYR A 353 8.31 9.23 25.36
N VAL A 354 8.46 8.11 24.65
CA VAL A 354 7.33 7.35 24.14
C VAL A 354 6.58 6.71 25.31
N HIS A 355 5.29 7.00 25.41
CA HIS A 355 4.44 6.35 26.39
C HIS A 355 3.87 5.07 25.79
N THR A 356 4.43 3.95 26.20
CA THR A 356 4.14 2.64 25.61
C THR A 356 2.65 2.26 25.64
N PRO A 357 1.96 2.43 26.80
CA PRO A 357 0.54 2.07 26.85
C PRO A 357 -0.30 2.67 25.72
N MET A 358 -0.15 3.97 25.46
CA MET A 358 -0.93 4.63 24.41
C MET A 358 -0.56 4.15 23.00
N VAL A 359 0.73 3.95 22.75
CA VAL A 359 1.18 3.38 21.48
C VAL A 359 0.53 2.01 21.27
N GLN A 360 0.63 1.15 22.28
CA GLN A 360 0.00 -0.18 22.26
C GLN A 360 -1.51 -0.09 22.03
N PHE A 361 -2.15 0.90 22.67
CA PHE A 361 -3.58 1.14 22.50
C PHE A 361 -3.92 1.51 21.06
N TYR A 362 -3.19 2.49 20.51
CA TYR A 362 -3.34 2.88 19.12
C TYR A 362 -3.19 1.68 18.17
N GLU A 363 -2.14 0.89 18.42
CA GLU A 363 -1.78 -0.27 17.59
C GLU A 363 -2.84 -1.38 17.65
N THR A 364 -3.44 -1.57 18.84
CA THR A 364 -4.45 -2.59 19.04
C THR A 364 -5.79 -2.20 18.40
N LEU A 365 -6.19 -0.94 18.56
CA LEU A 365 -7.36 -0.41 17.86
C LEU A 365 -7.21 -0.54 16.34
N GLY A 366 -6.05 -0.15 15.84
CA GLY A 366 -5.77 -0.22 14.41
C GLY A 366 -6.17 1.03 13.65
N LYS A 367 -5.49 1.27 12.53
CA LYS A 367 -5.73 2.45 11.70
C LYS A 367 -7.20 2.65 11.36
N ASP A 368 -7.87 1.57 10.97
CA ASP A 368 -9.29 1.58 10.63
C ASP A 368 -10.19 2.07 11.76
N ARG A 369 -10.06 1.47 12.94
CA ARG A 369 -10.92 1.78 14.08
C ARG A 369 -10.64 3.16 14.70
N ILE A 370 -9.39 3.62 14.59
CA ILE A 370 -9.03 4.99 14.99
C ILE A 370 -9.66 6.02 14.03
N LEU A 371 -9.67 5.69 12.75
CA LEU A 371 -10.36 6.51 11.75
C LEU A 371 -11.87 6.52 12.02
N GLU A 372 -12.41 5.36 12.40
CA GLU A 372 -13.82 5.27 12.77
C GLU A 372 -14.10 6.14 13.99
N LEU A 373 -13.26 6.02 15.00
CA LEU A 373 -13.45 6.71 16.27
C LEU A 373 -13.14 8.21 16.19
N MET A 374 -12.05 8.58 15.54
CA MET A 374 -11.55 9.95 15.58
C MET A 374 -11.71 10.72 14.28
N GLY A 375 -12.14 10.03 13.22
CA GLY A 375 -12.43 10.67 11.94
C GLY A 375 -13.88 10.47 11.55
N ALA A 376 -14.09 9.94 10.34
CA ALA A 376 -15.42 9.61 9.85
C ALA A 376 -15.54 8.11 9.54
N GLY A 377 -14.40 7.43 9.55
CA GLY A 377 -14.35 5.99 9.29
C GLY A 377 -14.44 5.65 7.81
N THR A 378 -15.15 4.57 7.51
CA THR A 378 -15.36 4.14 6.14
C THR A 378 -16.56 4.89 5.55
N LEU A 379 -16.33 5.56 4.44
CA LEU A 379 -17.33 6.45 3.85
C LEU A 379 -18.24 5.73 2.85
N ASN A 380 -19.54 5.77 3.13
CA ASN A 380 -20.54 5.32 2.17
C ASN A 380 -20.92 6.50 1.27
N LYS A 381 -20.35 6.53 0.07
CA LYS A 381 -20.50 7.69 -0.81
C LYS A 381 -21.89 7.85 -1.43
N GLU A 382 -22.87 7.14 -0.89
CA GLU A 382 -24.28 7.37 -1.25
C GLU A 382 -25.23 7.52 -0.04
N LEU A 383 -24.69 7.38 1.16
CA LEU A 383 -25.39 7.79 2.38
C LEU A 383 -24.83 9.11 2.86
N LEU A 384 -24.06 9.76 1.98
CA LEU A 384 -23.35 11.00 2.30
C LEU A 384 -23.60 12.06 1.22
N ASN A 385 -23.83 13.29 1.66
CA ASN A 385 -23.92 14.45 0.78
C ASN A 385 -22.56 14.68 0.10
N ASP A 386 -22.59 14.99 -1.19
CA ASP A 386 -21.36 15.18 -1.98
C ASP A 386 -20.38 16.18 -1.37
N ASN A 387 -20.89 17.29 -0.83
CA ASN A 387 -20.05 18.29 -0.16
C ASN A 387 -19.62 17.85 1.23
N HIS A 388 -20.51 17.17 1.95
CA HIS A 388 -20.22 16.68 3.29
C HIS A 388 -19.15 15.58 3.27
N ALA A 389 -19.16 14.77 2.22
CA ALA A 389 -18.17 13.71 2.05
C ALA A 389 -16.75 14.24 1.87
N LYS A 390 -16.64 15.40 1.21
CA LYS A 390 -15.34 16.03 0.96
C LYS A 390 -14.70 16.61 2.21
N SER A 391 -15.53 17.00 3.18
CA SER A 391 -15.05 17.46 4.48
C SER A 391 -14.53 16.27 5.29
N LEU A 392 -15.26 15.16 5.21
CA LEU A 392 -14.91 13.93 5.93
C LEU A 392 -13.65 13.27 5.38
N GLU A 393 -13.44 13.39 4.06
CA GLU A 393 -12.21 12.92 3.41
C GLU A 393 -10.98 13.63 3.97
N GLY A 394 -11.13 14.94 4.19
CA GLY A 394 -10.06 15.75 4.78
C GLY A 394 -9.84 15.46 6.25
N LYS A 395 -10.90 15.04 6.94
CA LYS A 395 -10.82 14.67 8.35
C LYS A 395 -10.10 13.34 8.55
N ASN A 396 -10.37 12.39 7.65
CA ASN A 396 -9.67 11.11 7.64
C ASN A 396 -8.19 11.24 7.26
N ARG A 397 -7.93 12.01 6.20
CA ARG A 397 -6.56 12.27 5.73
C ARG A 397 -5.66 12.78 6.86
N SER A 398 -6.17 13.72 7.65
CA SER A 398 -5.42 14.28 8.77
C SER A 398 -5.04 13.22 9.80
N VAL A 399 -6.02 12.41 10.20
CA VAL A 399 -5.84 11.37 11.22
C VAL A 399 -4.93 10.24 10.73
N GLU A 400 -5.19 9.76 9.51
CA GLU A 400 -4.41 8.68 8.90
C GLU A 400 -2.93 9.06 8.73
N ASP A 401 -2.68 10.26 8.22
CA ASP A 401 -1.32 10.76 8.07
C ASP A 401 -0.64 10.91 9.42
N SER A 402 -1.41 11.36 10.41
CA SER A 402 -0.93 11.53 11.78
C SER A 402 -0.58 10.17 12.40
N TYR A 403 -1.38 9.15 12.09
CA TYR A 403 -1.16 7.79 12.55
C TYR A 403 0.08 7.15 11.92
N ASN A 404 0.20 7.25 10.59
CA ASN A 404 1.35 6.71 9.87
C ASN A 404 2.66 7.34 10.34
N GLN A 405 2.64 8.65 10.54
CA GLN A 405 3.84 9.42 10.89
C GLN A 405 4.33 9.14 12.30
N LEU A 406 3.41 8.89 13.23
CA LEU A 406 3.76 8.47 14.60
C LEU A 406 4.43 7.10 14.60
N PHE A 407 3.86 6.17 13.84
CA PHE A 407 4.38 4.80 13.80
C PHE A 407 5.66 4.65 12.98
N SER A 408 5.98 5.64 12.16
CA SER A 408 7.28 5.69 11.50
C SER A 408 8.36 6.09 12.51
N VAL A 409 8.00 7.01 13.40
CA VAL A 409 8.87 7.45 14.49
C VAL A 409 9.06 6.31 15.49
N ILE A 410 7.96 5.70 15.94
CA ILE A 410 8.01 4.57 16.88
C ILE A 410 8.96 3.47 16.41
N GLU A 411 8.86 3.08 15.13
CA GLU A 411 9.71 2.06 14.55
C GLU A 411 11.21 2.40 14.60
N GLN A 412 11.53 3.68 14.44
CA GLN A 412 12.91 4.14 14.56
C GLN A 412 13.35 4.18 16.02
N VAL A 413 12.43 4.59 16.90
CA VAL A 413 12.67 4.63 18.35
C VAL A 413 12.86 3.22 18.92
N ARG A 414 12.04 2.28 18.44
CA ARG A 414 12.08 0.88 18.90
C ARG A 414 13.45 0.24 18.69
N ALA A 415 14.16 0.68 17.66
CA ALA A 415 15.46 0.13 17.31
C ALA A 415 16.61 0.65 18.17
N GLN A 416 16.38 1.79 18.83
CA GLN A 416 17.44 2.45 19.62
C GLN A 416 17.78 1.71 20.92
N SER A 417 16.78 1.05 21.49
CA SER A 417 16.96 0.31 22.75
C SER A 417 15.85 -0.74 22.93
N GLU A 418 16.05 -1.65 23.89
CA GLU A 418 15.09 -2.72 24.17
C GLU A 418 13.81 -2.19 24.83
N ASP A 419 13.91 -1.04 25.49
CA ASP A 419 12.75 -0.36 26.09
C ASP A 419 12.55 1.02 25.47
N ILE A 420 11.46 1.20 24.74
CA ILE A 420 11.15 2.46 24.04
C ILE A 420 10.89 3.64 24.96
N SER A 421 10.31 3.34 26.13
CA SER A 421 9.92 4.37 27.10
C SER A 421 11.10 5.08 27.76
N THR A 422 12.32 4.58 27.52
CA THR A 422 13.53 5.16 28.10
C THR A 422 14.47 5.79 27.06
N VAL A 423 14.04 5.82 25.80
CA VAL A 423 14.78 6.49 24.74
C VAL A 423 14.43 7.99 24.72
N PRO A 424 15.41 8.86 25.00
CA PRO A 424 15.15 10.31 24.99
C PRO A 424 15.12 10.89 23.58
N ILE A 425 14.04 11.59 23.25
CA ILE A 425 13.89 12.23 21.94
C ILE A 425 13.95 13.75 22.10
N HIS A 426 14.72 14.40 21.23
CA HIS A 426 14.76 15.86 21.18
C HIS A 426 14.16 16.36 19.87
N TYR A 427 13.57 17.56 19.92
CA TYR A 427 12.99 18.18 18.74
C TYR A 427 13.64 19.51 18.43
N ALA A 428 13.84 19.77 17.15
CA ALA A 428 14.31 21.06 16.67
C ALA A 428 13.21 22.10 16.80
N TYR A 429 13.64 23.34 17.07
CA TYR A 429 12.76 24.48 17.15
C TYR A 429 13.35 25.64 16.37
N ASN A 430 12.49 26.53 15.90
CA ASN A 430 12.92 27.82 15.38
C ASN A 430 11.95 28.91 15.80
N MET A 431 12.42 30.15 15.79
CA MET A 431 11.60 31.30 16.11
C MET A 431 10.99 31.88 14.84
N THR A 432 9.66 31.95 14.80
CA THR A 432 8.93 32.49 13.65
C THR A 432 8.87 34.03 13.68
N ARG A 433 8.28 34.60 12.63
CA ARG A 433 8.10 36.05 12.48
C ARG A 433 7.36 36.69 13.66
N VAL A 434 6.45 35.93 14.26
CA VAL A 434 5.61 36.43 15.36
C VAL A 434 6.17 36.06 16.73
N GLY A 435 7.46 35.72 16.77
CA GLY A 435 8.16 35.41 18.02
C GLY A 435 7.73 34.13 18.73
N ARG A 436 7.19 33.19 17.96
CA ARG A 436 6.73 31.91 18.51
C ARG A 436 7.74 30.80 18.28
N MET A 437 7.97 30.00 19.32
CA MET A 437 8.86 28.85 19.25
C MET A 437 8.08 27.67 18.67
N GLN A 438 8.50 27.22 17.50
CA GLN A 438 7.77 26.19 16.78
C GLN A 438 8.62 24.98 16.50
N MET A 439 8.07 23.80 16.76
CA MET A 439 8.69 22.54 16.38
C MET A 439 8.66 22.41 14.87
N LEU A 440 9.82 22.11 14.28
CA LEU A 440 9.90 21.86 12.84
C LEU A 440 9.21 20.53 12.51
N GLY A 441 8.75 20.41 11.27
CA GLY A 441 8.04 19.21 10.83
C GLY A 441 6.54 19.34 11.02
N LYS A 442 5.78 18.70 10.14
CA LYS A 442 4.31 18.84 10.14
C LYS A 442 3.64 18.10 11.29
N TYR A 443 4.10 16.88 11.57
CA TYR A 443 3.45 16.03 12.57
C TYR A 443 4.34 15.76 13.78
N ASN A 444 4.28 16.68 14.74
CA ASN A 444 5.07 16.61 15.97
C ASN A 444 4.16 16.75 17.20
N PRO A 445 4.69 16.51 18.41
CA PRO A 445 3.86 16.65 19.63
C PRO A 445 3.18 18.02 19.79
N GLN A 446 3.81 19.08 19.28
CA GLN A 446 3.26 20.44 19.40
C GLN A 446 2.12 20.71 18.41
N SER A 447 2.14 20.03 17.27
CA SER A 447 1.17 20.29 16.19
C SER A 447 0.13 19.18 15.96
N ALA A 448 0.46 17.95 16.36
CA ALA A 448 -0.42 16.81 16.16
C ALA A 448 -0.93 16.25 17.48
N LYS A 449 -2.24 16.29 17.68
CA LYS A 449 -2.89 15.82 18.91
C LYS A 449 -2.68 14.31 19.14
N LEU A 450 -2.77 13.53 18.06
CA LEU A 450 -2.55 12.09 18.12
C LEU A 450 -1.14 11.79 18.63
N VAL A 451 -0.15 12.49 18.06
CA VAL A 451 1.24 12.37 18.47
C VAL A 451 1.46 12.92 19.89
N ARG A 452 0.72 13.96 20.24
CA ARG A 452 0.85 14.61 21.55
C ARG A 452 0.62 13.66 22.73
N GLU A 453 -0.20 12.62 22.53
CA GLU A 453 -0.53 11.70 23.60
C GLU A 453 0.35 10.44 23.62
N ALA A 454 1.26 10.34 22.66
CA ALA A 454 2.16 9.18 22.56
C ALA A 454 3.61 9.52 22.89
N ILE A 455 3.99 10.77 22.63
CA ILE A 455 5.36 11.25 22.89
C ILE A 455 5.28 12.50 23.76
N LEU A 456 5.60 12.34 25.05
CA LEU A 456 5.44 13.40 26.05
C LEU A 456 6.77 13.75 26.70
N PRO A 457 6.96 15.05 27.07
CA PRO A 457 8.11 15.45 27.86
C PRO A 457 7.79 15.42 29.35
N THR A 458 6.51 15.21 29.64
CA THR A 458 5.96 15.24 30.98
C THR A 458 5.98 13.83 31.55
N LYS A 459 6.33 13.72 32.82
CA LYS A 459 6.35 12.45 33.53
C LYS A 459 6.50 12.74 35.01
N ALA A 460 5.88 11.89 35.82
CA ALA A 460 5.92 12.06 37.27
C ALA A 460 5.70 10.74 37.95
N THR A 461 6.29 10.60 39.13
CA THR A 461 6.00 9.45 39.99
C THR A 461 5.11 9.93 41.13
N LEU A 462 3.87 9.46 41.12
CA LEU A 462 2.85 9.96 42.05
C LEU A 462 2.54 9.00 43.18
N ASP A 463 2.30 9.57 44.36
CA ASP A 463 1.81 8.81 45.51
C ASP A 463 0.27 8.85 45.47
N LEU A 464 -0.32 7.80 44.88
CA LEU A 464 -1.77 7.74 44.69
C LEU A 464 -2.42 6.71 45.62
N SER A 465 -1.68 6.28 46.64
CA SER A 465 -2.17 5.32 47.63
C SER A 465 -3.28 5.92 48.51
N ASN A 466 -3.34 7.25 48.55
CA ASN A 466 -4.37 7.95 49.31
C ASN A 466 -5.05 9.00 48.42
N GLN A 467 -6.38 8.95 48.35
CA GLN A 467 -7.14 9.88 47.52
C GLN A 467 -7.24 11.28 48.14
N ASN A 468 -6.45 11.51 49.18
CA ASN A 468 -6.36 12.81 49.83
C ASN A 468 -4.98 13.44 49.69
N ASN A 469 -4.08 12.73 49.00
CA ASN A 469 -2.77 13.27 48.62
C ASN A 469 -2.90 14.43 47.64
N GLU A 470 -1.97 15.39 47.74
CA GLU A 470 -1.88 16.46 46.75
C GLU A 470 -1.53 15.88 45.36
N ASP A 471 -0.89 14.71 45.36
CA ASP A 471 -0.61 13.96 44.15
C ASP A 471 -1.89 13.47 43.47
N PHE A 472 -2.86 13.02 44.27
CA PHE A 472 -4.13 12.55 43.73
C PHE A 472 -5.02 13.71 43.25
N SER A 473 -4.85 14.87 43.89
CA SER A 473 -5.52 16.09 43.49
C SER A 473 -5.05 16.53 42.11
N ALA A 474 -3.74 16.49 41.90
CA ALA A 474 -3.12 16.80 40.60
C ALA A 474 -3.57 15.82 39.53
N PHE A 475 -3.66 14.54 39.91
CA PHE A 475 -4.09 13.47 39.03
C PHE A 475 -5.53 13.68 38.59
N GLN A 476 -6.38 14.12 39.51
CA GLN A 476 -7.78 14.41 39.23
C GLN A 476 -7.92 15.59 38.28
N LEU A 477 -7.11 16.63 38.50
CA LEU A 477 -7.10 17.82 37.65
C LEU A 477 -6.72 17.47 36.21
N GLY A 478 -5.73 16.61 36.05
CA GLY A 478 -5.26 16.16 34.74
C GLY A 478 -6.29 15.31 34.00
N LEU A 479 -7.00 14.48 34.75
CA LEU A 479 -8.07 13.66 34.17
C LEU A 479 -9.27 14.51 33.78
N ALA A 480 -9.69 15.41 34.67
CA ALA A 480 -10.86 16.27 34.43
C ALA A 480 -10.70 17.15 33.19
N GLN A 481 -9.55 17.83 33.10
CA GLN A 481 -9.26 18.70 31.96
C GLN A 481 -9.25 17.94 30.65
N ALA A 482 -8.70 16.73 30.66
CA ALA A 482 -8.65 15.86 29.49
C ALA A 482 -10.04 15.38 29.11
N LEU A 483 -10.89 15.17 30.11
CA LEU A 483 -12.25 14.70 29.90
C LEU A 483 -13.23 15.84 29.61
N ASP A 484 -12.68 17.00 29.27
CA ASP A 484 -13.44 18.16 28.80
C ASP A 484 -14.19 18.92 29.90
N ILE A 485 -13.84 18.65 31.17
CA ILE A 485 -14.34 19.47 32.27
C ILE A 485 -13.55 20.77 32.30
N LYS A 486 -14.28 21.90 32.33
CA LYS A 486 -13.65 23.21 32.29
C LYS A 486 -13.07 23.57 33.65
N VAL A 487 -11.83 23.13 33.87
CA VAL A 487 -11.18 23.17 35.18
C VAL A 487 -10.82 24.57 35.69
N HIS A 488 -10.70 25.53 34.78
CA HIS A 488 -10.38 26.90 35.17
C HIS A 488 -11.61 27.65 35.68
N THR A 489 -12.79 27.07 35.45
CA THR A 489 -14.05 27.70 35.83
C THR A 489 -14.50 27.33 37.24
N MET A 490 -13.97 26.23 37.76
CA MET A 490 -14.33 25.74 39.07
C MET A 490 -13.10 25.51 39.95
N THR A 491 -13.28 25.51 41.26
CA THR A 491 -12.19 25.23 42.20
C THR A 491 -11.84 23.75 42.15
N ARG A 492 -10.68 23.40 42.68
CA ARG A 492 -10.20 22.01 42.69
C ARG A 492 -11.19 21.04 43.37
N GLU A 493 -11.81 21.49 44.45
CA GLU A 493 -12.72 20.66 45.25
C GLU A 493 -14.02 20.35 44.51
N VAL A 494 -14.55 21.35 43.79
CA VAL A 494 -15.75 21.18 42.97
C VAL A 494 -15.41 20.35 41.72
N MET A 495 -14.21 20.57 41.17
CA MET A 495 -13.67 19.77 40.07
C MET A 495 -13.64 18.29 40.43
N SER A 496 -13.12 18.01 41.62
CA SER A 496 -12.98 16.64 42.12
C SER A 496 -14.30 15.87 42.15
N ASP A 497 -15.35 16.53 42.66
CA ASP A 497 -16.68 15.94 42.71
C ASP A 497 -17.27 15.73 41.30
N GLU A 498 -17.03 16.68 40.41
CA GLU A 498 -17.51 16.58 39.04
C GLU A 498 -16.84 15.47 38.25
N LEU A 499 -15.55 15.23 38.52
CA LEU A 499 -14.81 14.15 37.90
C LEU A 499 -15.32 12.78 38.37
N THR A 500 -15.56 12.66 39.67
CA THR A 500 -16.09 11.43 40.28
C THR A 500 -17.42 11.01 39.63
N LYS A 501 -18.35 11.96 39.54
CA LYS A 501 -19.66 11.74 38.91
C LYS A 501 -19.54 11.19 37.48
N LEU A 502 -18.53 11.68 36.75
CA LEU A 502 -18.31 11.28 35.36
C LEU A 502 -17.67 9.88 35.27
N LEU A 503 -16.66 9.63 36.09
CA LEU A 503 -15.94 8.36 36.11
C LEU A 503 -16.84 7.20 36.56
N GLU A 504 -17.72 7.48 37.52
CA GLU A 504 -18.65 6.48 38.03
C GLU A 504 -19.97 6.48 37.25
N GLY A 505 -20.15 7.46 36.38
CA GLY A 505 -21.35 7.57 35.55
C GLY A 505 -21.15 7.04 34.15
N ASN A 506 -21.16 7.95 33.17
CA ASN A 506 -21.06 7.61 31.75
C ASN A 506 -19.78 6.90 31.32
N LEU A 507 -18.67 7.20 31.99
CA LEU A 507 -17.38 6.66 31.60
C LEU A 507 -17.12 5.25 32.12
N LYS A 508 -17.90 4.84 33.11
CA LYS A 508 -17.73 3.53 33.77
C LYS A 508 -17.52 2.35 32.81
N PRO A 509 -18.39 2.20 31.78
CA PRO A 509 -18.19 1.11 30.82
C PRO A 509 -16.90 1.22 29.99
N ALA A 510 -16.51 2.45 29.65
CA ALA A 510 -15.25 2.68 28.95
C ALA A 510 -14.06 2.38 29.87
N ILE A 511 -14.20 2.74 31.15
CA ILE A 511 -13.17 2.45 32.15
C ILE A 511 -12.98 0.94 32.33
N ASP A 512 -14.09 0.21 32.41
CA ASP A 512 -14.06 -1.26 32.54
C ASP A 512 -13.32 -1.92 31.36
N MET A 513 -13.61 -1.46 30.15
CA MET A 513 -12.96 -1.94 28.94
C MET A 513 -11.46 -1.67 28.92
N MET A 514 -11.08 -0.51 29.45
CA MET A 514 -9.66 -0.12 29.50
C MET A 514 -8.91 -0.85 30.60
N VAL A 515 -9.62 -1.15 31.69
CA VAL A 515 -9.08 -1.99 32.77
C VAL A 515 -8.68 -3.36 32.24
N GLU A 516 -9.53 -3.94 31.39
CA GLU A 516 -9.24 -5.25 30.79
C GLU A 516 -8.09 -5.17 29.78
N PHE A 517 -8.01 -4.06 29.05
CA PHE A 517 -6.90 -3.84 28.11
C PHE A 517 -5.56 -3.77 28.84
N ASN A 518 -5.55 -3.17 30.03
CA ASN A 518 -4.34 -3.09 30.85
C ASN A 518 -4.10 -4.35 31.68
N THR A 519 -4.87 -5.40 31.37
CA THR A 519 -4.73 -6.70 32.03
C THR A 519 -4.36 -7.79 31.02
N THR A 520 -5.13 -7.88 29.94
CA THR A 520 -4.97 -8.94 28.94
C THR A 520 -4.27 -8.46 27.66
N GLY A 521 -4.29 -7.14 27.45
CA GLY A 521 -3.68 -6.55 26.26
C GLY A 521 -4.57 -6.56 25.04
N SER A 522 -5.84 -6.91 25.22
CA SER A 522 -6.77 -7.01 24.09
C SER A 522 -8.01 -6.12 24.23
N LEU A 523 -8.61 -5.80 23.09
CA LEU A 523 -9.82 -5.00 23.04
C LEU A 523 -10.99 -5.79 22.49
N PRO A 524 -12.23 -5.45 22.88
CA PRO A 524 -13.40 -6.11 22.31
C PRO A 524 -13.66 -5.66 20.88
N GLU A 525 -14.51 -6.40 20.17
CA GLU A 525 -14.89 -6.07 18.80
C GLU A 525 -15.69 -4.76 18.72
N ASN A 526 -16.42 -4.44 19.80
CA ASN A 526 -17.23 -3.22 19.87
C ASN A 526 -16.54 -2.07 20.61
N ALA A 527 -15.21 -1.98 20.46
CA ALA A 527 -14.40 -0.97 21.16
C ALA A 527 -14.76 0.47 20.80
N VAL A 528 -14.89 0.74 19.51
CA VAL A 528 -15.27 2.07 19.01
C VAL A 528 -16.61 2.48 19.59
N ASP A 529 -17.57 1.55 19.56
CA ASP A 529 -18.91 1.76 20.10
C ASP A 529 -18.88 2.13 21.59
N VAL A 530 -18.11 1.38 22.38
CA VAL A 530 -18.01 1.60 23.83
C VAL A 530 -17.38 2.95 24.17
N LEU A 531 -16.35 3.33 23.42
CA LEU A 531 -15.65 4.60 23.62
C LEU A 531 -16.49 5.79 23.17
N ASN A 532 -17.10 5.64 22.00
CA ASN A 532 -17.92 6.70 21.41
C ASN A 532 -19.14 7.06 22.27
N THR A 533 -19.80 6.04 22.81
CA THR A 533 -21.01 6.22 23.62
C THR A 533 -20.69 6.83 24.98
N ALA A 534 -19.54 6.47 25.54
CA ALA A 534 -19.15 6.90 26.87
C ALA A 534 -18.60 8.33 26.89
N LEU A 535 -17.90 8.70 25.82
CA LEU A 535 -17.28 10.02 25.73
C LEU A 535 -18.23 11.08 25.19
N GLY A 536 -19.04 10.71 24.20
CA GLY A 536 -19.94 11.66 23.54
C GLY A 536 -19.18 12.85 22.98
N ASP A 537 -19.49 14.03 23.47
CA ASP A 537 -18.85 15.27 23.04
C ASP A 537 -17.45 15.46 23.62
N ARG A 538 -17.08 14.63 24.59
CA ARG A 538 -15.78 14.72 25.25
C ARG A 538 -14.67 14.03 24.46
N LYS A 539 -15.05 13.43 23.32
CA LYS A 539 -14.13 12.66 22.48
C LYS A 539 -12.97 13.49 21.92
N SER A 540 -11.77 13.13 22.35
CA SER A 540 -10.51 13.71 21.88
C SER A 540 -9.39 12.74 22.21
N PHE A 541 -8.21 12.94 21.63
CA PHE A 541 -7.08 12.06 21.90
C PHE A 541 -6.62 12.13 23.36
N VAL A 542 -6.60 13.33 23.92
CA VAL A 542 -6.24 13.54 25.33
C VAL A 542 -7.25 12.86 26.28
N ALA A 543 -8.49 12.72 25.83
CA ALA A 543 -9.52 12.02 26.61
C ALA A 543 -9.26 10.51 26.62
N LEU A 544 -8.72 9.99 25.52
CA LEU A 544 -8.33 8.59 25.44
C LEU A 544 -7.15 8.32 26.36
N MET A 545 -6.26 9.30 26.47
CA MET A 545 -5.16 9.26 27.43
C MET A 545 -5.69 9.18 28.87
N ALA A 546 -6.72 9.97 29.17
CA ALA A 546 -7.31 10.01 30.51
C ALA A 546 -7.95 8.69 30.92
N LEU A 547 -8.65 8.04 29.99
CA LEU A 547 -9.25 6.73 30.26
C LEU A 547 -8.14 5.70 30.46
N MET A 548 -7.10 5.81 29.64
CA MET A 548 -5.94 4.94 29.73
C MET A 548 -5.24 5.08 31.08
N GLU A 549 -4.91 6.31 31.47
CA GLU A 549 -4.15 6.57 32.68
C GLU A 549 -4.93 6.28 33.98
N TYR A 550 -6.25 6.42 33.92
CA TYR A 550 -7.08 6.12 35.09
C TYR A 550 -7.24 4.62 35.30
N SER A 551 -7.42 3.88 34.20
CA SER A 551 -7.57 2.43 34.27
C SER A 551 -6.25 1.75 34.61
N ARG A 552 -5.13 2.32 34.16
CA ARG A 552 -3.79 1.86 34.54
C ARG A 552 -3.58 2.01 36.04
N TYR A 553 -4.07 3.12 36.59
CA TYR A 553 -4.02 3.38 38.03
C TYR A 553 -4.80 2.34 38.83
N LEU A 554 -5.94 1.91 38.31
CA LEU A 554 -6.79 0.94 38.98
C LEU A 554 -6.16 -0.45 39.06
N VAL A 555 -5.44 -0.85 38.01
CA VAL A 555 -4.80 -2.17 37.96
C VAL A 555 -3.38 -2.15 38.53
N ALA A 556 -2.87 -0.96 38.86
CA ALA A 556 -1.49 -0.78 39.31
C ALA A 556 -1.16 -1.55 40.58
N GLU A 557 -0.02 -2.23 40.55
CA GLU A 557 0.48 -3.03 41.67
C GLU A 557 0.91 -2.14 42.83
N ASP A 558 1.64 -1.07 42.50
CA ASP A 558 2.13 -0.12 43.50
C ASP A 558 1.55 1.27 43.21
N LYS A 559 0.46 1.61 43.90
CA LYS A 559 -0.20 2.90 43.72
C LYS A 559 0.59 4.04 44.37
N SER A 560 1.53 3.68 45.23
CA SER A 560 2.40 4.63 45.93
C SER A 560 3.47 5.23 45.01
N ALA A 561 3.76 4.55 43.90
CA ALA A 561 4.78 4.99 42.96
C ALA A 561 4.33 4.81 41.51
N PHE A 562 3.19 5.43 41.18
CA PHE A 562 2.61 5.34 39.85
C PHE A 562 3.27 6.31 38.88
N VAL A 563 3.81 5.77 37.79
CA VAL A 563 4.51 6.57 36.77
C VAL A 563 3.55 6.90 35.62
N THR A 564 3.43 8.20 35.32
CA THR A 564 2.47 8.68 34.33
C THR A 564 2.93 9.96 33.62
N PRO A 565 2.68 10.04 32.30
CA PRO A 565 2.97 11.27 31.56
C PRO A 565 1.78 12.23 31.51
N LEU A 566 0.64 11.83 32.10
CA LEU A 566 -0.55 12.67 32.12
C LEU A 566 -0.20 14.07 32.60
N TYR A 567 -0.71 15.08 31.89
CA TYR A 567 -0.34 16.45 32.16
C TYR A 567 -1.55 17.33 32.53
N VAL A 568 -1.25 18.48 33.11
CA VAL A 568 -2.21 19.58 33.23
C VAL A 568 -1.70 20.72 32.36
N GLU A 569 -2.59 21.29 31.55
CA GLU A 569 -2.25 22.42 30.72
C GLU A 569 -2.56 23.72 31.44
N ALA A 570 -1.52 24.50 31.72
CA ALA A 570 -1.70 25.88 32.12
C ALA A 570 -2.09 26.62 30.85
N ASP A 571 -3.37 26.99 30.76
CA ASP A 571 -3.95 27.50 29.52
C ASP A 571 -4.37 28.96 29.65
N GLY A 572 -3.93 29.77 28.69
CA GLY A 572 -4.29 31.18 28.65
C GLY A 572 -5.76 31.42 28.41
N VAL A 573 -6.38 32.21 29.29
CA VAL A 573 -7.81 32.53 29.19
C VAL A 573 -7.99 33.75 28.30
N THR A 574 -8.56 33.52 27.12
CA THR A 574 -8.68 34.55 26.07
C THR A 574 -7.37 35.32 25.89
N ASN A 575 -6.29 34.57 25.67
CA ASN A 575 -4.92 35.09 25.69
C ASN A 575 -4.66 36.29 24.78
N GLY A 576 -4.93 36.13 23.49
CA GLY A 576 -4.72 37.20 22.51
C GLY A 576 -5.40 38.51 22.86
N PRO A 577 -6.74 38.50 23.01
CA PRO A 577 -7.50 39.70 23.39
C PRO A 577 -7.07 40.32 24.72
N ILE A 578 -6.80 39.50 25.73
CA ILE A 578 -6.38 40.01 27.04
C ILE A 578 -4.99 40.66 26.97
N ASN A 579 -4.06 40.04 26.24
CA ASN A 579 -2.74 40.62 26.03
C ASN A 579 -2.82 41.98 25.34
N ALA A 580 -3.63 42.06 24.28
CA ALA A 580 -3.84 43.30 23.53
C ALA A 580 -4.40 44.41 24.43
N MET A 581 -5.36 44.05 25.27
CA MET A 581 -5.95 44.99 26.23
C MET A 581 -4.92 45.50 27.25
N MET A 582 -4.08 44.60 27.76
CA MET A 582 -3.06 44.98 28.72
C MET A 582 -1.89 45.73 28.09
N LEU A 583 -1.52 45.36 26.87
CA LEU A 583 -0.31 45.89 26.23
C LEU A 583 -0.52 47.19 25.45
N MET A 584 -1.74 47.45 24.99
CA MET A 584 -1.96 48.54 24.04
C MET A 584 -3.00 49.60 24.42
N THR A 585 -3.76 49.37 25.49
CA THR A 585 -4.68 50.40 25.99
C THR A 585 -3.86 51.57 26.53
N GLY A 586 -4.12 52.77 26.01
CA GLY A 586 -3.29 53.93 26.32
C GLY A 586 -3.89 55.01 27.21
N GLY A 587 -5.21 55.05 27.31
CA GLY A 587 -5.89 56.15 28.02
C GLY A 587 -5.86 56.03 29.53
N LEU A 588 -6.76 56.78 30.18
CA LEU A 588 -6.98 56.65 31.62
C LEU A 588 -7.75 55.36 31.89
N PHE A 589 -7.65 54.88 33.13
CA PHE A 589 -8.34 53.65 33.54
C PHE A 589 -9.85 53.85 33.61
N THR A 590 -10.61 52.94 33.00
CA THR A 590 -12.06 52.94 33.08
C THR A 590 -12.52 51.78 33.96
N PRO A 591 -13.73 51.89 34.57
CA PRO A 591 -14.26 50.78 35.36
C PRO A 591 -14.58 49.52 34.53
N ASP A 592 -14.97 49.72 33.27
CA ASP A 592 -15.26 48.59 32.38
C ASP A 592 -14.01 47.79 32.08
N TRP A 593 -12.89 48.48 31.86
CA TRP A 593 -11.62 47.83 31.58
C TRP A 593 -11.18 46.93 32.74
N ILE A 594 -11.37 47.41 33.97
CA ILE A 594 -11.02 46.64 35.17
C ILE A 594 -11.84 45.35 35.27
N ARG A 595 -13.15 45.45 35.06
CA ARG A 595 -14.04 44.28 35.06
C ARG A 595 -13.72 43.29 33.93
N ASN A 596 -13.48 43.82 32.74
CA ASN A 596 -13.19 43.00 31.57
C ASN A 596 -11.81 42.33 31.61
N ILE A 597 -10.81 43.04 32.14
CA ILE A 597 -9.47 42.47 32.24
C ILE A 597 -9.41 41.37 33.32
N ALA A 598 -10.32 41.45 34.28
CA ALA A 598 -10.46 40.44 35.33
C ALA A 598 -10.89 39.10 34.74
N LYS A 599 -11.62 39.17 33.62
CA LYS A 599 -12.07 37.97 32.91
C LYS A 599 -10.88 37.22 32.31
N GLY A 600 -9.72 37.87 32.29
CA GLY A 600 -8.49 37.28 31.80
C GLY A 600 -7.42 37.09 32.86
N GLY A 601 -7.80 37.27 34.12
CA GLY A 601 -6.92 36.90 35.24
C GLY A 601 -6.13 38.00 35.92
N LEU A 602 -6.25 39.24 35.45
CA LEU A 602 -5.65 40.37 36.17
C LEU A 602 -6.61 40.86 37.25
N PHE A 603 -6.40 40.39 38.48
CA PHE A 603 -7.24 40.77 39.62
C PHE A 603 -6.55 41.85 40.44
N ILE A 604 -7.24 42.97 40.60
CA ILE A 604 -6.73 44.09 41.39
C ILE A 604 -7.36 44.07 42.77
N GLY A 605 -6.52 44.23 43.80
CA GLY A 605 -6.98 44.33 45.18
C GLY A 605 -7.71 43.10 45.69
N SER A 606 -7.20 41.92 45.33
CA SER A 606 -7.74 40.65 45.84
C SER A 606 -6.60 39.65 45.98
N PRO A 607 -5.79 39.77 47.06
CA PRO A 607 -4.59 38.94 47.17
C PRO A 607 -4.91 37.46 47.07
N ASN A 608 -4.10 36.74 46.29
CA ASN A 608 -4.19 35.28 46.10
C ASN A 608 -5.43 34.78 45.34
N LYS A 609 -6.18 35.70 44.74
CA LYS A 609 -7.35 35.35 43.96
C LYS A 609 -6.95 34.57 42.71
N THR A 610 -7.63 33.44 42.50
CA THR A 610 -7.40 32.58 41.35
C THR A 610 -8.49 32.78 40.33
N MET A 611 -8.25 32.33 39.10
CA MET A 611 -9.26 32.36 38.05
C MET A 611 -10.44 31.44 38.40
N ASN A 612 -10.15 30.36 39.11
CA ASN A 612 -11.16 29.42 39.58
C ASN A 612 -12.19 30.12 40.47
N GLU A 613 -11.70 30.87 41.45
CA GLU A 613 -12.56 31.60 42.39
C GLU A 613 -13.37 32.68 41.68
N HIS A 614 -12.71 33.39 40.77
CA HIS A 614 -13.32 34.48 40.01
C HIS A 614 -14.54 34.01 39.22
N ARG A 615 -14.37 32.91 38.49
CA ARG A 615 -15.42 32.35 37.65
C ARG A 615 -16.60 31.80 38.44
N SER A 616 -16.35 31.34 39.66
CA SER A 616 -17.39 30.74 40.49
C SER A 616 -18.09 31.72 41.45
N THR A 617 -17.39 32.74 41.90
CA THR A 617 -17.93 33.66 42.92
C THR A 617 -18.15 35.11 42.47
N ALA A 618 -17.45 35.55 41.42
CA ALA A 618 -17.46 36.97 41.03
C ALA A 618 -18.12 37.27 39.69
N ASP A 619 -17.78 36.47 38.66
CA ASP A 619 -18.17 36.76 37.29
C ASP A 619 -17.96 35.51 36.42
N ASN A 620 -19.05 34.85 36.06
CA ASN A 620 -19.00 33.60 35.28
C ASN A 620 -18.88 33.82 33.78
N ASN A 621 -18.96 35.08 33.35
CA ASN A 621 -18.83 35.42 31.93
C ASN A 621 -17.39 35.78 31.58
N ASP A 622 -16.80 35.02 30.67
CA ASP A 622 -15.49 35.36 30.14
C ASP A 622 -15.62 36.41 29.04
N LEU A 623 -14.52 36.69 28.32
CA LEU A 623 -14.52 37.76 27.34
C LEU A 623 -15.33 37.44 26.08
N TYR A 624 -15.42 36.15 25.74
CA TYR A 624 -16.25 35.70 24.61
C TYR A 624 -17.73 35.91 24.93
N GLN A 625 -18.14 35.51 26.12
CA GLN A 625 -19.53 35.67 26.57
C GLN A 625 -19.92 37.14 26.70
N ALA A 626 -19.01 37.95 27.26
CA ALA A 626 -19.21 39.39 27.39
C ALA A 626 -19.48 40.06 26.04
N SER A 627 -18.73 39.66 25.01
CA SER A 627 -18.91 40.20 23.67
C SER A 627 -20.16 39.65 23.00
N THR A 628 -20.54 38.43 23.39
CA THR A 628 -21.78 37.80 22.94
C THR A 628 -23.00 38.53 23.51
N ASN A 629 -22.93 38.89 24.80
CA ASN A 629 -23.99 39.66 25.46
C ASN A 629 -24.09 41.07 24.91
N ALA A 630 -22.96 41.61 24.47
CA ALA A 630 -22.89 42.93 23.85
C ALA A 630 -23.45 42.89 22.43
N LEU A 631 -23.24 41.75 21.75
CA LEU A 631 -23.85 41.49 20.44
C LEU A 631 -25.37 41.47 20.57
N MET A 632 -25.87 40.80 21.61
CA MET A 632 -27.31 40.74 21.92
C MET A 632 -27.90 42.14 22.13
N GLU A 633 -27.18 42.98 22.85
CA GLU A 633 -27.60 44.37 23.08
C GLU A 633 -27.57 45.19 21.79
N SER A 634 -26.55 44.96 20.97
CA SER A 634 -26.38 45.67 19.70
C SER A 634 -27.41 45.23 18.66
N LEU A 635 -27.84 43.97 18.76
CA LEU A 635 -28.95 43.46 17.95
C LEU A 635 -30.28 44.11 18.30
N GLY A 636 -30.51 44.30 19.60
CA GLY A 636 -31.72 44.96 20.10
C GLY A 636 -31.78 46.43 19.70
N LYS A 637 -30.62 47.07 19.59
CA LYS A 637 -30.54 48.46 19.16
C LYS A 637 -30.73 48.60 17.65
N LEU A 638 -30.38 47.55 16.90
CA LEU A 638 -30.54 47.53 15.46
C LEU A 638 -32.00 47.27 15.09
N ARG A 639 -32.70 46.49 15.91
CA ARG A 639 -34.13 46.22 15.73
C ARG A 639 -34.98 47.45 15.99
N SER A 640 -34.56 48.28 16.94
CA SER A 640 -35.26 49.52 17.25
C SER A 640 -35.18 50.53 16.10
N ASN A 641 -33.99 50.65 15.51
CA ASN A 641 -33.76 51.54 14.37
C ASN A 641 -34.64 51.20 13.16
N TYR A 642 -35.12 49.96 13.11
CA TYR A 642 -35.94 49.46 12.00
C TYR A 642 -37.20 48.76 12.54
N ALA A 643 -37.79 49.34 13.57
CA ALA A 643 -38.94 48.75 14.27
C ALA A 643 -40.19 48.61 13.40
N SER A 644 -40.45 49.61 12.55
CA SER A 644 -41.63 49.59 11.69
C SER A 644 -41.39 48.85 10.36
N ASN A 645 -40.12 48.70 9.99
CA ASN A 645 -39.76 47.98 8.77
C ASN A 645 -39.91 46.47 8.95
N MET A 646 -41.09 45.95 8.64
CA MET A 646 -41.38 44.52 8.78
C MET A 646 -40.50 43.59 7.94
N PRO A 647 -40.24 43.94 6.66
CA PRO A 647 -39.33 43.11 5.86
C PRO A 647 -37.96 42.91 6.50
N ILE A 648 -37.41 43.97 7.11
CA ILE A 648 -36.12 43.88 7.78
C ILE A 648 -36.20 43.08 9.10
N GLN A 649 -37.26 43.30 9.88
CA GLN A 649 -37.51 42.52 11.08
C GLN A 649 -37.62 41.04 10.76
N SER A 650 -38.32 40.73 9.68
CA SER A 650 -38.49 39.35 9.22
C SER A 650 -37.21 38.76 8.65
N GLN A 651 -36.32 39.62 8.17
CA GLN A 651 -35.04 39.18 7.61
C GLN A 651 -34.06 38.78 8.70
N ILE A 652 -34.03 39.54 9.79
CA ILE A 652 -33.24 39.20 10.97
C ILE A 652 -33.78 37.91 11.59
N ASP A 653 -35.11 37.82 11.69
CA ASP A 653 -35.79 36.63 12.21
C ASP A 653 -35.40 35.37 11.45
N SER A 654 -35.24 35.49 10.13
CA SER A 654 -34.88 34.36 9.28
C SER A 654 -33.44 33.90 9.48
N LEU A 655 -32.51 34.86 9.52
CA LEU A 655 -31.09 34.55 9.75
C LEU A 655 -30.92 33.82 11.07
N LEU A 656 -31.54 34.36 12.12
CA LEU A 656 -31.46 33.77 13.46
C LEU A 656 -32.17 32.42 13.53
N SER A 657 -33.22 32.25 12.72
CA SER A 657 -33.94 30.99 12.63
C SER A 657 -33.07 29.91 11.99
N LEU A 658 -32.36 30.28 10.92
CA LEU A 658 -31.47 29.36 10.21
C LEU A 658 -30.27 28.93 11.07
N MET A 659 -29.69 29.88 11.80
CA MET A 659 -28.56 29.59 12.67
C MET A 659 -28.96 28.70 13.85
N ASP A 660 -30.08 29.03 14.50
CA ASP A 660 -30.64 28.24 15.59
C ASP A 660 -30.92 26.79 15.19
N LEU A 661 -31.26 26.62 13.91
CA LEU A 661 -31.69 25.34 13.38
C LEU A 661 -30.53 24.33 13.31
N PHE A 662 -29.31 24.83 13.16
CA PHE A 662 -28.16 23.97 12.90
C PHE A 662 -26.97 24.17 13.85
N LEU A 663 -26.85 25.36 14.42
CA LEU A 663 -25.74 25.68 15.32
C LEU A 663 -26.13 25.60 16.80
N PRO A 664 -25.28 24.98 17.64
CA PRO A 664 -25.57 24.82 19.06
C PRO A 664 -25.52 26.15 19.83
N ASP A 665 -24.70 27.07 19.35
CA ASP A 665 -24.46 28.37 20.02
C ASP A 665 -25.62 29.37 19.89
N ILE A 666 -26.51 29.12 18.92
CA ILE A 666 -27.70 29.96 18.74
C ILE A 666 -28.95 29.19 19.13
N ASN A 667 -29.72 29.77 20.06
CA ASN A 667 -30.97 29.16 20.51
C ASN A 667 -32.13 30.15 20.54
N LEU A 668 -33.24 29.77 19.93
CA LEU A 668 -34.49 30.53 20.00
C LEU A 668 -35.50 29.77 20.84
N GLY A 669 -36.09 30.46 21.81
CA GLY A 669 -37.10 29.86 22.68
C GLY A 669 -38.44 29.70 21.98
N GLU A 670 -39.40 29.10 22.67
CA GLU A 670 -40.76 28.92 22.18
C GLU A 670 -41.45 30.27 21.97
N ASN A 671 -41.14 31.23 22.84
CA ASN A 671 -41.71 32.58 22.78
C ASN A 671 -40.84 33.61 22.06
N GLY A 672 -39.77 33.14 21.42
CA GLY A 672 -38.87 34.01 20.65
C GLY A 672 -37.74 34.61 21.46
N ALA A 673 -37.44 34.03 22.62
CA ALA A 673 -36.32 34.47 23.44
C ALA A 673 -34.99 34.06 22.82
N LEU A 674 -34.09 35.01 22.71
CA LEU A 674 -32.78 34.79 22.08
C LEU A 674 -31.69 34.50 23.11
N GLU A 675 -31.01 33.37 22.93
CA GLU A 675 -29.92 32.94 23.80
C GLU A 675 -28.68 32.60 22.97
N LEU A 676 -27.59 33.31 23.22
CA LEU A 676 -26.34 33.09 22.50
C LEU A 676 -25.20 32.69 23.44
N LYS A 677 -24.45 31.66 23.05
CA LYS A 677 -23.36 31.13 23.87
C LYS A 677 -22.00 31.62 23.38
N ARG A 678 -21.00 31.53 24.25
CA ARG A 678 -19.65 32.06 24.00
C ARG A 678 -19.01 31.54 22.71
N GLY A 679 -19.51 30.41 22.20
CA GLY A 679 -18.94 29.74 21.03
C GLY A 679 -18.85 30.55 19.75
N ILE A 680 -19.92 31.26 19.41
CA ILE A 680 -19.97 32.03 18.16
C ILE A 680 -19.01 33.22 18.13
N ALA A 681 -18.53 33.64 19.30
CA ALA A 681 -17.67 34.81 19.42
C ALA A 681 -16.17 34.47 19.52
N LYS A 682 -15.85 33.19 19.70
CA LYS A 682 -14.47 32.76 19.94
C LYS A 682 -13.50 33.24 18.85
N ASN A 683 -13.72 32.77 17.62
CA ASN A 683 -12.88 33.17 16.49
C ASN A 683 -13.05 34.63 16.06
N PRO A 684 -14.30 35.13 15.95
CA PRO A 684 -14.49 36.52 15.53
C PRO A 684 -13.82 37.56 16.43
N LEU A 685 -13.93 37.40 17.75
CA LEU A 685 -13.29 38.34 18.68
C LEU A 685 -11.78 38.42 18.48
N THR A 686 -11.15 37.25 18.37
CA THR A 686 -9.69 37.14 18.20
C THR A 686 -9.23 37.84 16.92
N ILE A 687 -9.88 37.51 15.80
CA ILE A 687 -9.42 38.00 14.49
C ILE A 687 -9.78 39.45 14.23
N THR A 688 -10.87 39.94 14.85
CA THR A 688 -11.28 41.34 14.76
C THR A 688 -10.20 42.28 15.26
N ILE A 689 -9.69 41.98 16.46
CA ILE A 689 -8.60 42.74 17.09
C ILE A 689 -7.34 42.67 16.23
N TYR A 690 -7.04 41.48 15.71
CA TYR A 690 -5.89 41.27 14.81
C TYR A 690 -6.05 41.94 13.44
N GLY A 691 -7.19 42.60 13.22
CA GLY A 691 -7.38 43.43 12.03
C GLY A 691 -8.13 42.81 10.87
N SER A 692 -8.74 41.65 11.11
CA SER A 692 -9.57 41.00 10.10
C SER A 692 -10.81 41.83 9.79
N GLY A 693 -11.21 41.84 8.52
CA GLY A 693 -12.42 42.54 8.09
C GLY A 693 -13.68 41.80 8.51
N ALA A 694 -14.81 42.49 8.42
CA ALA A 694 -16.10 41.92 8.83
C ALA A 694 -16.61 40.88 7.84
N ARG A 695 -16.31 41.06 6.56
CA ARG A 695 -16.75 40.14 5.50
C ARG A 695 -16.16 38.73 5.64
N GLY A 696 -14.90 38.66 6.07
CA GLY A 696 -14.23 37.38 6.30
C GLY A 696 -14.84 36.62 7.47
N ILE A 697 -15.29 37.35 8.48
CA ILE A 697 -15.96 36.77 9.64
C ILE A 697 -17.32 36.23 9.25
N ALA A 698 -18.05 36.99 8.43
CA ALA A 698 -19.38 36.59 7.96
C ALA A 698 -19.30 35.34 7.11
N GLY A 699 -18.26 35.25 6.28
CA GLY A 699 -18.03 34.09 5.42
C GLY A 699 -17.83 32.82 6.21
N LYS A 700 -17.04 32.92 7.28
CA LYS A 700 -16.75 31.79 8.14
C LYS A 700 -17.99 31.33 8.91
N LEU A 701 -18.78 32.29 9.39
CA LEU A 701 -20.04 31.98 10.06
C LEU A 701 -21.00 31.23 9.14
N VAL A 702 -21.11 31.71 7.90
CA VAL A 702 -21.92 31.04 6.87
C VAL A 702 -21.37 29.64 6.57
N SER A 703 -20.05 29.51 6.57
CA SER A 703 -19.38 28.25 6.30
C SER A 703 -19.72 27.17 7.33
N SER A 704 -19.86 27.58 8.59
CA SER A 704 -20.21 26.66 9.67
C SER A 704 -21.71 26.32 9.65
N VAL A 705 -22.50 27.21 9.05
CA VAL A 705 -23.93 26.96 8.84
C VAL A 705 -24.10 25.94 7.71
N THR A 706 -23.42 26.18 6.59
CA THR A 706 -23.49 25.28 5.44
C THR A 706 -22.96 23.88 5.77
N ASP A 707 -21.84 23.83 6.48
CA ASP A 707 -21.26 22.57 6.97
C ASP A 707 -22.30 21.70 7.67
N ALA A 708 -23.04 22.31 8.58
CA ALA A 708 -24.07 21.62 9.36
C ALA A 708 -25.27 21.22 8.52
N ILE A 709 -25.58 22.01 7.49
CA ILE A 709 -26.68 21.70 6.57
C ILE A 709 -26.31 20.51 5.68
N TYR A 710 -25.11 20.54 5.10
CA TYR A 710 -24.60 19.43 4.30
C TYR A 710 -24.56 18.13 5.10
N GLU A 711 -24.18 18.25 6.37
CA GLU A 711 -24.13 17.12 7.30
C GLU A 711 -25.54 16.58 7.57
N ARG A 712 -26.51 17.48 7.66
CA ARG A 712 -27.90 17.10 7.91
C ARG A 712 -28.50 16.40 6.70
N MET A 713 -28.03 16.75 5.51
CA MET A 713 -28.45 16.09 4.27
C MET A 713 -27.99 14.63 4.23
N SER A 714 -26.82 14.37 4.80
CA SER A 714 -26.31 13.00 4.93
C SER A 714 -27.19 12.20 5.89
N ASP A 715 -27.63 12.84 6.97
CA ASP A 715 -28.54 12.25 7.94
C ASP A 715 -29.89 11.87 7.31
N VAL A 716 -30.35 12.70 6.37
CA VAL A 716 -31.58 12.44 5.62
C VAL A 716 -31.45 11.14 4.83
N LEU A 717 -30.36 11.01 4.08
CA LEU A 717 -30.09 9.82 3.26
C LEU A 717 -29.92 8.57 4.10
N LYS A 718 -29.33 8.72 5.29
CA LYS A 718 -29.13 7.61 6.23
C LYS A 718 -30.43 7.19 6.91
N ALA A 719 -31.44 8.06 6.86
CA ALA A 719 -32.76 7.74 7.37
C ALA A 719 -33.66 7.19 6.27
N ARG A 720 -33.51 7.74 5.06
CA ARG A 720 -34.32 7.38 3.90
C ARG A 720 -34.02 5.94 3.43
N ALA A 721 -32.75 5.56 3.50
CA ALA A 721 -32.32 4.21 3.11
C ALA A 721 -32.69 3.18 4.16
N LYS A 722 -32.64 3.60 5.42
CA LYS A 722 -32.98 2.73 6.55
C LYS A 722 -34.50 2.67 6.78
N ASP A 723 -35.23 3.56 6.11
CA ASP A 723 -36.69 3.59 6.16
C ASP A 723 -37.23 4.40 4.98
N PRO A 724 -37.66 3.72 3.90
CA PRO A 724 -38.18 4.39 2.69
C PRO A 724 -39.52 5.07 2.91
N ASN A 725 -40.16 4.80 4.05
CA ASN A 725 -41.48 5.35 4.38
C ASN A 725 -41.41 6.68 5.12
N ILE A 726 -40.22 7.08 5.55
CA ILE A 726 -40.03 8.29 6.36
C ILE A 726 -40.22 9.56 5.55
N SER A 727 -40.91 10.53 6.15
CA SER A 727 -41.14 11.83 5.52
C SER A 727 -39.86 12.67 5.48
N ALA A 728 -39.83 13.62 4.55
CA ALA A 728 -38.68 14.52 4.39
C ALA A 728 -38.42 15.36 5.64
N ALA A 729 -39.49 15.70 6.36
CA ALA A 729 -39.40 16.48 7.60
C ALA A 729 -38.84 15.67 8.75
N MET A 730 -39.27 14.42 8.89
CA MET A 730 -38.77 13.51 9.93
C MET A 730 -37.34 13.06 9.65
N ALA A 731 -36.99 12.93 8.37
CA ALA A 731 -35.64 12.54 7.97
C ALA A 731 -34.60 13.61 8.32
N MET A 732 -35.03 14.87 8.31
CA MET A 732 -34.14 16.00 8.55
C MET A 732 -34.23 16.54 9.97
N PHE A 733 -35.42 16.48 10.57
CA PHE A 733 -35.65 17.09 11.89
C PHE A 733 -36.19 16.14 12.96
N GLY A 734 -36.19 14.83 12.67
CA GLY A 734 -36.69 13.83 13.60
C GLY A 734 -35.95 13.75 14.93
N LYS A 735 -34.63 13.96 14.88
CA LYS A 735 -33.78 13.87 16.06
C LYS A 735 -33.87 15.13 16.94
N GLN A 736 -34.64 16.11 16.48
CA GLN A 736 -34.76 17.40 17.17
C GLN A 736 -36.16 17.62 17.72
N ALA A 737 -37.17 17.25 16.94
CA ALA A 737 -38.58 17.48 17.30
C ALA A 737 -39.20 16.32 18.09
N ALA A 738 -40.45 16.51 18.52
CA ALA A 738 -41.18 15.51 19.30
C ALA A 738 -42.20 14.74 18.47
N SER A 739 -42.83 15.43 17.51
CA SER A 739 -43.90 14.83 16.70
C SER A 739 -43.67 15.03 15.20
N GLU A 740 -44.62 14.54 14.39
CA GLU A 740 -44.59 14.67 12.94
C GLU A 740 -44.85 16.11 12.50
N ALA A 741 -45.85 16.75 13.11
CA ALA A 741 -46.23 18.12 12.76
C ALA A 741 -45.20 19.14 13.26
N HIS A 742 -44.49 18.77 14.33
CA HIS A 742 -43.43 19.62 14.90
C HIS A 742 -42.18 19.61 14.03
N ALA A 743 -41.97 18.49 13.33
CA ALA A 743 -40.86 18.37 12.39
C ALA A 743 -41.17 19.09 11.08
N GLU A 744 -42.44 19.03 10.67
CA GLU A 744 -42.90 19.67 9.43
C GLU A 744 -42.79 21.19 9.46
N GLU A 745 -43.03 21.78 10.62
CA GLU A 745 -42.90 23.24 10.78
C GLU A 745 -41.44 23.68 10.89
N LEU A 746 -40.56 22.75 11.29
CA LEU A 746 -39.12 23.00 11.28
C LEU A 746 -38.57 22.93 9.85
N LEU A 747 -39.11 22.01 9.05
CA LEU A 747 -38.79 21.94 7.63
C LEU A 747 -39.33 23.15 6.89
N ALA A 748 -40.48 23.65 7.35
CA ALA A 748 -41.08 24.87 6.81
C ALA A 748 -40.20 26.07 7.10
N ARG A 749 -39.64 26.12 8.31
CA ARG A 749 -38.70 27.17 8.69
C ARG A 749 -37.46 27.17 7.79
N PHE A 750 -36.84 25.99 7.65
CA PHE A 750 -35.63 25.84 6.83
C PHE A 750 -35.80 26.33 5.40
N LEU A 751 -36.84 25.84 4.72
CA LEU A 751 -37.12 26.20 3.34
C LEU A 751 -37.47 27.68 3.19
N LYS A 752 -38.22 28.21 4.16
CA LYS A 752 -38.57 29.62 4.20
C LYS A 752 -37.31 30.49 4.36
N ASP A 753 -36.49 30.16 5.36
CA ASP A 753 -35.28 30.91 5.67
C ASP A 753 -34.30 30.92 4.51
N MET A 754 -34.07 29.75 3.91
CA MET A 754 -33.17 29.63 2.77
C MET A 754 -33.61 30.49 1.59
N GLU A 755 -34.92 30.52 1.34
CA GLU A 755 -35.49 31.28 0.24
C GLU A 755 -35.27 32.78 0.39
N THR A 756 -35.70 33.32 1.54
CA THR A 756 -35.64 34.77 1.78
C THR A 756 -34.22 35.30 1.93
N LEU A 757 -33.31 34.47 2.45
CA LEU A 757 -31.92 34.88 2.66
C LEU A 757 -31.06 34.78 1.39
N THR A 758 -31.50 33.98 0.42
CA THR A 758 -30.79 33.87 -0.87
C THR A 758 -31.42 34.73 -1.96
N SER A 759 -32.66 35.16 -1.76
CA SER A 759 -33.37 35.98 -2.74
C SER A 759 -33.36 37.47 -2.40
N THR A 760 -33.11 37.78 -1.12
CA THR A 760 -33.07 39.17 -0.67
C THR A 760 -31.83 39.43 0.19
N VAL A 761 -31.16 40.55 -0.06
CA VAL A 761 -29.94 40.93 0.67
C VAL A 761 -30.00 42.37 1.19
N PRO A 762 -29.34 42.64 2.33
CA PRO A 762 -29.24 44.01 2.82
C PRO A 762 -28.05 44.75 2.22
N VAL A 763 -28.30 45.96 1.72
CA VAL A 763 -27.26 46.84 1.18
C VAL A 763 -27.27 48.14 1.97
N LYS A 764 -26.08 48.66 2.27
CA LYS A 764 -25.96 49.89 3.05
C LYS A 764 -25.84 51.13 2.15
N ARG A 765 -26.93 51.89 2.07
CA ARG A 765 -26.97 53.12 1.29
C ARG A 765 -27.12 54.32 2.24
N LYS A 766 -26.12 55.19 2.22
CA LYS A 766 -26.08 56.40 3.06
C LYS A 766 -26.34 56.11 4.55
N GLY A 767 -25.67 55.07 5.05
CA GLY A 767 -25.78 54.67 6.46
C GLY A 767 -27.09 54.01 6.85
N VAL A 768 -27.94 53.72 5.86
CA VAL A 768 -29.24 53.09 6.10
C VAL A 768 -29.32 51.75 5.36
N LEU A 769 -29.77 50.72 6.08
CA LEU A 769 -29.90 49.38 5.51
C LEU A 769 -31.13 49.27 4.60
N GLU A 770 -30.91 48.72 3.41
CA GLU A 770 -31.97 48.56 2.42
C GLU A 770 -31.95 47.16 1.83
N LEU A 771 -33.14 46.54 1.75
CA LEU A 771 -33.27 45.21 1.18
C LEU A 771 -33.37 45.25 -0.34
N GLN A 772 -32.69 44.30 -1.00
CA GLN A 772 -32.70 44.20 -2.45
C GLN A 772 -32.87 42.75 -2.89
N SER A 773 -33.58 42.54 -4.00
CA SER A 773 -33.71 41.23 -4.60
C SER A 773 -32.44 40.86 -5.35
N THR A 774 -32.02 39.60 -5.22
CA THR A 774 -30.84 39.11 -5.92
C THR A 774 -31.20 38.58 -7.29
N GLY A 775 -32.42 38.06 -7.41
CA GLY A 775 -32.87 37.40 -8.64
C GLY A 775 -32.21 36.04 -8.81
N THR A 776 -31.52 35.59 -7.76
CA THR A 776 -30.85 34.29 -7.74
C THR A 776 -31.17 33.52 -6.46
N GLY A 777 -32.44 33.57 -6.06
CA GLY A 777 -32.92 32.88 -4.86
C GLY A 777 -33.01 31.38 -5.03
N ALA A 778 -32.76 30.65 -3.94
CA ALA A 778 -32.78 29.20 -3.94
C ALA A 778 -34.20 28.64 -3.88
N LYS A 779 -34.56 27.85 -4.89
CA LYS A 779 -35.85 27.16 -4.93
C LYS A 779 -35.81 25.93 -5.84
N GLY A 780 -36.58 24.90 -5.46
CA GLY A 780 -36.59 23.63 -6.17
C GLY A 780 -36.53 22.47 -5.18
N LYS A 781 -37.05 21.31 -5.58
CA LYS A 781 -37.06 20.14 -4.71
C LYS A 781 -35.63 19.72 -4.36
N ILE A 782 -35.35 19.64 -3.07
CA ILE A 782 -34.03 19.32 -2.55
C ILE A 782 -33.63 17.87 -2.85
N ASN A 783 -32.43 17.70 -3.40
CA ASN A 783 -31.82 16.39 -3.58
C ASN A 783 -30.66 16.24 -2.58
N PRO A 784 -30.89 15.50 -1.47
CA PRO A 784 -29.96 15.40 -0.33
C PRO A 784 -28.56 14.91 -0.68
N LYS A 785 -28.44 14.27 -1.84
CA LYS A 785 -27.17 13.75 -2.34
C LYS A 785 -26.32 14.87 -2.95
N THR A 786 -26.90 15.61 -3.88
CA THR A 786 -26.17 16.63 -4.65
C THR A 786 -26.35 18.06 -4.12
N TYR A 787 -27.19 18.23 -3.10
CA TYR A 787 -27.51 19.55 -2.55
C TYR A 787 -26.28 20.40 -2.31
N THR A 788 -26.24 21.56 -2.94
CA THR A 788 -25.11 22.48 -2.88
C THR A 788 -25.60 23.92 -2.85
N ILE A 789 -25.05 24.71 -1.94
CA ILE A 789 -25.27 26.15 -1.93
C ILE A 789 -24.01 26.76 -2.54
N LYS A 790 -24.16 27.34 -3.74
CA LYS A 790 -22.99 27.80 -4.51
C LYS A 790 -23.08 29.27 -4.91
N GLY A 791 -21.95 29.79 -5.39
CA GLY A 791 -21.86 31.11 -6.02
C GLY A 791 -22.68 32.23 -5.40
N GLU A 792 -23.69 32.67 -6.15
CA GLU A 792 -24.52 33.81 -5.77
C GLU A 792 -25.30 33.60 -4.47
N GLN A 793 -25.57 32.34 -4.13
CA GLN A 793 -26.33 31.99 -2.92
C GLN A 793 -25.50 32.06 -1.64
N LEU A 794 -24.22 31.69 -1.73
CA LEU A 794 -23.29 31.85 -0.61
C LEU A 794 -23.01 33.32 -0.34
N LYS A 795 -22.86 34.08 -1.42
CA LYS A 795 -22.65 35.53 -1.36
C LYS A 795 -23.86 36.22 -0.74
N ALA A 796 -25.05 35.68 -1.00
CA ALA A 796 -26.30 36.21 -0.46
C ALA A 796 -26.41 36.00 1.05
N LEU A 797 -26.20 34.76 1.50
CA LEU A 797 -26.19 34.44 2.94
C LEU A 797 -25.14 35.27 3.67
N GLN A 798 -24.00 35.46 3.00
CA GLN A 798 -22.90 36.24 3.55
C GLN A 798 -23.31 37.68 3.82
N GLU A 799 -24.01 38.28 2.85
CA GLU A 799 -24.49 39.67 2.97
C GLU A 799 -25.46 39.84 4.13
N ASN A 800 -26.35 38.87 4.34
CA ASN A 800 -27.28 38.87 5.47
C ASN A 800 -26.56 38.67 6.80
N MET A 801 -25.60 37.74 6.81
CA MET A 801 -24.79 37.49 8.01
C MET A 801 -23.98 38.71 8.41
N LEU A 802 -23.45 39.42 7.41
CA LEU A 802 -22.62 40.61 7.63
C LEU A 802 -23.36 41.74 8.34
N HIS A 803 -24.52 42.12 7.80
CA HIS A 803 -25.22 43.32 8.26
C HIS A 803 -26.14 43.07 9.44
N PHE A 804 -26.55 41.83 9.64
CA PHE A 804 -27.50 41.51 10.70
C PHE A 804 -26.91 40.75 11.90
N PHE A 805 -25.69 40.25 11.74
CA PHE A 805 -25.04 39.50 12.82
C PHE A 805 -23.63 40.00 13.13
N VAL A 806 -22.81 40.14 12.09
CA VAL A 806 -21.39 40.46 12.26
C VAL A 806 -21.16 41.91 12.68
N GLU A 807 -21.74 42.86 11.94
CA GLU A 807 -21.63 44.28 12.29
C GLU A 807 -22.13 44.61 13.71
N PRO A 808 -23.25 44.01 14.16
CA PRO A 808 -23.61 44.10 15.56
C PRO A 808 -22.54 43.53 16.51
N LEU A 809 -21.96 42.39 16.16
CA LEU A 809 -20.94 41.73 16.98
C LEU A 809 -19.66 42.57 17.09
N ARG A 810 -19.27 43.20 15.99
CA ARG A 810 -18.11 44.09 15.96
C ARG A 810 -18.27 45.27 16.92
N ASN A 811 -19.48 45.85 16.94
CA ASN A 811 -19.80 46.93 17.88
C ASN A 811 -19.74 46.43 19.33
N GLY A 812 -20.17 45.18 19.53
CA GLY A 812 -20.09 44.51 20.82
C GLY A 812 -18.67 44.18 21.25
N ILE A 813 -17.85 43.75 20.29
CA ILE A 813 -16.43 43.49 20.53
C ILE A 813 -15.72 44.75 20.99
N THR A 814 -15.92 45.85 20.26
CA THR A 814 -15.32 47.15 20.60
C THR A 814 -15.72 47.59 22.01
N GLN A 815 -17.01 47.48 22.31
CA GLN A 815 -17.55 47.79 23.64
C GLN A 815 -16.86 46.98 24.74
N THR A 816 -16.56 45.72 24.43
CA THR A 816 -15.95 44.80 25.40
C THR A 816 -14.47 45.10 25.68
N VAL A 817 -13.67 45.19 24.62
CA VAL A 817 -12.22 45.38 24.75
C VAL A 817 -11.82 46.85 24.95
N GLY A 818 -12.75 47.76 24.68
CA GLY A 818 -12.50 49.19 24.82
C GLY A 818 -12.18 49.88 23.51
N GLU A 819 -12.68 51.11 23.34
CA GLU A 819 -12.40 51.93 22.16
C GLU A 819 -10.94 52.36 22.11
N SER A 820 -10.36 52.52 23.30
CA SER A 820 -8.96 52.91 23.44
C SER A 820 -7.99 51.91 22.79
N LEU A 821 -8.32 50.62 22.86
CA LEU A 821 -7.50 49.58 22.23
C LEU A 821 -7.65 49.57 20.72
N VAL A 822 -8.89 49.74 20.24
CA VAL A 822 -9.18 49.83 18.82
C VAL A 822 -8.38 50.99 18.19
N TYR A 823 -8.39 52.14 18.87
CA TYR A 823 -7.62 53.30 18.44
C TYR A 823 -6.13 52.97 18.30
N SER A 824 -5.56 52.30 19.31
CA SER A 824 -4.15 51.93 19.30
C SER A 824 -3.80 50.99 18.15
N THR A 825 -4.60 49.94 17.98
CA THR A 825 -4.39 48.97 16.90
C THR A 825 -4.51 49.62 15.53
N GLU A 826 -5.46 50.54 15.37
CA GLU A 826 -5.60 51.33 14.15
C GLU A 826 -4.34 52.14 13.86
N GLN A 827 -3.81 52.80 14.89
CA GLN A 827 -2.58 53.58 14.77
C GLN A 827 -1.38 52.70 14.44
N LEU A 828 -1.30 51.55 15.11
CA LEU A 828 -0.26 50.56 14.87
C LEU A 828 -0.32 50.05 13.43
N GLN A 829 -1.51 49.71 12.96
CA GLN A 829 -1.75 49.21 11.61
C GLN A 829 -1.34 50.25 10.56
N LYS A 830 -1.74 51.50 10.77
CA LYS A 830 -1.45 52.59 9.83
C LYS A 830 0.04 52.88 9.73
N ALA A 831 0.69 53.03 10.89
CA ALA A 831 2.14 53.31 10.96
C ALA A 831 2.96 52.25 10.24
N THR A 832 2.71 50.98 10.57
CA THR A 832 3.45 49.86 10.00
C THR A 832 3.12 49.64 8.52
N GLN A 833 1.88 49.95 8.13
CA GLN A 833 1.51 49.91 6.72
C GLN A 833 2.25 50.99 5.92
N ILE A 834 2.17 52.23 6.38
CA ILE A 834 2.87 53.36 5.75
C ILE A 834 4.36 53.06 5.56
N GLN A 835 4.98 52.46 6.58
CA GLN A 835 6.40 52.14 6.55
C GLN A 835 6.73 51.03 5.54
N SER A 836 5.88 50.01 5.49
CA SER A 836 6.09 48.86 4.61
C SER A 836 5.94 49.22 3.13
N VAL A 837 5.06 50.17 2.83
CA VAL A 837 4.83 50.63 1.46
C VAL A 837 6.08 51.35 0.93
N VAL A 838 6.70 52.17 1.78
CA VAL A 838 7.92 52.89 1.44
C VAL A 838 9.08 51.92 1.25
N LEU A 839 9.22 50.97 2.17
CA LEU A 839 10.28 49.96 2.08
C LEU A 839 10.18 49.16 0.78
N GLU A 840 8.99 48.63 0.49
CA GLU A 840 8.74 47.86 -0.72
C GLU A 840 9.06 48.66 -1.98
N ASP A 841 8.57 49.90 -2.02
CA ASP A 841 8.70 50.74 -3.20
C ASP A 841 10.13 51.21 -3.45
N MET A 842 10.82 51.62 -2.38
CA MET A 842 12.22 52.04 -2.50
C MET A 842 13.10 50.88 -2.96
N PHE A 843 12.87 49.69 -2.39
CA PHE A 843 13.58 48.48 -2.78
C PHE A 843 13.41 48.20 -4.27
N LYS A 844 12.15 48.17 -4.73
CA LYS A 844 11.84 47.98 -6.15
C LYS A 844 12.55 49.02 -7.03
N GLN A 845 12.53 50.27 -6.59
CA GLN A 845 13.16 51.37 -7.33
C GLN A 845 14.68 51.30 -7.38
N ARG A 846 15.29 50.83 -6.30
CA ARG A 846 16.74 50.63 -6.25
C ARG A 846 17.15 49.45 -7.11
N VAL A 847 16.25 48.47 -7.24
CA VAL A 847 16.45 47.33 -8.13
C VAL A 847 16.41 47.77 -9.58
N GLN A 848 15.44 48.62 -9.93
CA GLN A 848 15.30 49.16 -11.29
C GLN A 848 16.45 50.11 -11.63
N GLU A 849 16.94 50.84 -10.63
CA GLU A 849 18.11 51.70 -10.77
C GLU A 849 19.35 50.88 -11.11
N LYS A 850 19.54 49.77 -10.40
CA LYS A 850 20.68 48.87 -10.65
C LYS A 850 20.56 48.10 -11.96
N LEU A 851 19.35 47.68 -12.31
CA LEU A 851 19.11 46.95 -13.56
C LEU A 851 19.30 47.84 -14.79
N ALA A 852 19.12 49.15 -14.62
CA ALA A 852 19.39 50.13 -15.66
C ALA A 852 20.90 50.24 -15.93
N GLU A 853 21.69 50.15 -14.87
CA GLU A 853 23.15 50.20 -14.97
C GLU A 853 23.73 48.97 -15.69
N LYS A 854 23.13 47.80 -15.42
CA LYS A 854 23.62 46.53 -15.96
C LYS A 854 23.35 46.40 -17.47
N ALA A 855 22.34 47.12 -17.95
CA ALA A 855 22.03 47.17 -19.38
C ALA A 855 23.17 47.82 -20.17
N LYS A 856 23.91 48.69 -19.50
CA LYS A 856 25.07 49.38 -20.07
C LYS A 856 26.35 48.56 -19.88
N ASP A 857 26.17 47.29 -19.53
CA ASP A 857 27.27 46.35 -19.33
C ASP A 857 27.21 45.22 -20.36
N PRO A 858 28.30 45.00 -21.11
CA PRO A 858 28.35 43.98 -22.17
C PRO A 858 28.36 42.54 -21.65
N THR A 859 28.97 42.30 -20.49
CA THR A 859 29.05 40.97 -19.89
C THR A 859 27.70 40.53 -19.31
N TRP A 860 26.91 41.52 -18.88
CA TRP A 860 25.60 41.28 -18.30
C TRP A 860 24.55 41.09 -19.39
N LYS A 861 23.55 40.27 -19.07
CA LYS A 861 22.44 39.98 -19.98
C LYS A 861 21.15 39.94 -19.16
N LYS A 862 20.04 40.38 -19.75
CA LYS A 862 18.75 40.35 -19.07
C LYS A 862 18.27 38.91 -18.94
N GLY A 863 17.79 38.57 -17.74
CA GLY A 863 17.54 37.18 -17.36
C GLY A 863 18.39 36.87 -16.14
N ASP A 864 19.65 37.31 -16.17
CA ASP A 864 20.48 37.37 -14.98
C ASP A 864 19.91 38.50 -14.14
N PHE A 865 20.01 38.39 -12.82
CA PHE A 865 19.48 39.43 -11.96
C PHE A 865 20.63 40.26 -11.39
N LEU A 866 20.46 40.75 -10.17
CA LEU A 866 21.54 41.39 -9.45
C LEU A 866 22.26 40.31 -8.65
N THR A 867 23.45 40.64 -8.17
CA THR A 867 24.22 39.72 -7.33
C THR A 867 23.68 39.80 -5.90
N GLN A 868 24.00 38.79 -5.09
CA GLN A 868 23.59 38.79 -3.68
C GLN A 868 24.18 39.99 -2.95
N LYS A 869 25.43 40.32 -3.28
CA LYS A 869 26.12 41.48 -2.73
C LYS A 869 25.41 42.79 -3.13
N GLU A 870 24.96 42.86 -4.38
CA GLU A 870 24.18 44.01 -4.86
C GLU A 870 22.83 44.11 -4.15
N LEU A 871 22.23 42.95 -3.85
CA LEU A 871 20.96 42.90 -3.13
C LEU A 871 21.13 43.22 -1.64
N ASN A 872 22.29 42.90 -1.10
CA ASN A 872 22.67 43.31 0.26
C ASN A 872 22.87 44.82 0.37
N ASP A 873 23.43 45.42 -0.69
CA ASP A 873 23.63 46.87 -0.78
C ASP A 873 22.31 47.64 -0.74
N ILE A 874 21.29 47.09 -1.38
CA ILE A 874 19.97 47.69 -1.44
C ILE A 874 19.22 47.52 -0.12
N GLN A 875 19.34 46.34 0.49
CA GLN A 875 18.75 46.08 1.80
C GLN A 875 19.36 46.99 2.87
N ALA A 876 20.69 47.11 2.86
CA ALA A 876 21.41 47.95 3.82
C ALA A 876 21.16 49.44 3.63
N SER A 877 20.78 49.84 2.41
CA SER A 877 20.49 51.24 2.11
C SER A 877 19.18 51.69 2.76
N LEU A 878 18.42 50.74 3.29
CA LEU A 878 17.13 51.01 3.91
C LEU A 878 17.21 51.08 5.44
N ASN A 879 18.42 50.88 5.99
CA ASN A 879 18.64 50.92 7.44
C ASN A 879 18.11 52.20 8.11
N ASN A 880 18.31 53.34 7.46
CA ASN A 880 17.86 54.62 8.00
C ASN A 880 16.34 54.76 8.08
N LEU A 881 15.62 53.89 7.39
CA LEU A 881 14.16 53.85 7.45
C LEU A 881 13.67 52.85 8.51
N ALA A 882 14.63 52.31 9.27
CA ALA A 882 14.38 51.42 10.40
C ALA A 882 13.36 50.30 10.13
N PRO A 883 13.68 49.37 9.21
CA PRO A 883 12.72 48.30 8.91
C PRO A 883 12.45 47.37 10.11
N MET A 884 13.44 47.23 10.99
CA MET A 884 13.34 46.36 12.16
C MET A 884 12.72 47.07 13.35
N ILE A 885 11.94 46.32 14.13
CA ILE A 885 11.42 46.78 15.41
C ILE A 885 12.07 45.98 16.54
N GLU A 886 12.69 46.69 17.47
CA GLU A 886 13.42 46.07 18.58
C GLU A 886 12.67 46.23 19.90
N THR A 887 12.73 45.20 20.75
CA THR A 887 12.16 45.28 22.09
C THR A 887 13.26 45.19 23.15
N GLY A 888 14.46 44.82 22.71
CA GLY A 888 15.58 44.56 23.62
C GLY A 888 15.82 43.06 23.76
N SER A 889 14.74 42.29 23.63
CA SER A 889 14.81 40.83 23.71
C SER A 889 14.19 40.16 22.48
N GLN A 890 13.53 40.96 21.64
CA GLN A 890 12.89 40.46 20.43
C GLN A 890 13.10 41.41 19.24
N THR A 891 13.12 40.84 18.04
CA THR A 891 13.26 41.62 16.81
C THR A 891 12.15 41.24 15.82
N PHE A 892 11.50 42.26 15.25
CA PHE A 892 10.42 42.05 14.30
C PHE A 892 10.66 42.79 12.99
N TYR A 893 10.36 42.10 11.89
CA TYR A 893 10.49 42.67 10.55
C TYR A 893 9.19 42.37 9.82
N ILE A 894 8.22 43.27 10.00
CA ILE A 894 6.87 43.09 9.51
C ILE A 894 6.78 43.04 7.98
N ALA A 895 7.55 43.90 7.32
CA ALA A 895 7.54 43.99 5.86
C ALA A 895 8.18 42.79 5.18
N GLY A 896 9.12 42.14 5.87
CA GLY A 896 9.89 41.03 5.31
C GLY A 896 9.05 39.95 4.66
N SER A 897 9.42 39.60 3.43
CA SER A 897 8.69 38.58 2.67
C SER A 897 9.52 37.98 1.53
N GLU A 898 8.96 36.93 0.92
CA GLU A 898 9.46 36.35 -0.31
C GLU A 898 8.43 36.72 -1.38
N ASN A 899 8.86 37.31 -2.48
CA ASN A 899 7.91 37.65 -3.56
C ASN A 899 8.52 37.73 -4.96
N ALA A 900 7.68 37.41 -5.96
CA ALA A 900 8.07 37.41 -7.36
C ALA A 900 7.91 38.77 -8.04
N GLU A 901 7.35 39.73 -7.30
CA GLU A 901 7.07 41.07 -7.84
C GLU A 901 8.31 41.94 -8.06
N VAL A 902 9.39 41.63 -7.35
CA VAL A 902 10.63 42.40 -7.47
C VAL A 902 11.38 42.08 -8.77
N ALA A 903 11.58 40.79 -9.04
CA ALA A 903 12.26 40.36 -10.26
C ALA A 903 11.32 40.43 -11.47
N ASN A 904 10.07 40.03 -11.26
CA ASN A 904 9.05 39.98 -12.30
C ASN A 904 9.54 39.29 -13.59
N GLN A 905 10.04 38.07 -13.43
CA GLN A 905 10.60 37.29 -14.51
C GLN A 905 10.73 35.82 -14.11
N VAL A 906 10.81 34.94 -15.11
CA VAL A 906 11.01 33.52 -14.87
C VAL A 906 12.46 33.26 -14.49
N LEU A 907 12.66 32.47 -13.43
CA LEU A 907 13.99 32.08 -12.97
C LEU A 907 14.51 30.91 -13.81
N ALA A 908 13.70 29.85 -13.90
CA ALA A 908 14.06 28.66 -14.67
C ALA A 908 12.81 27.90 -15.14
N THR A 909 12.96 27.17 -16.23
CA THR A 909 11.93 26.25 -16.71
C THR A 909 12.57 24.87 -16.81
N ASN A 910 11.76 23.83 -17.02
CA ASN A 910 12.31 22.52 -17.37
C ASN A 910 12.66 22.45 -18.86
N LEU A 911 13.13 21.28 -19.32
CA LEU A 911 13.60 21.14 -20.70
C LEU A 911 12.48 20.93 -21.72
N ASP A 912 11.24 20.91 -21.25
CA ASP A 912 10.06 20.90 -22.12
C ASP A 912 9.42 22.29 -22.20
N ASP A 913 10.17 23.30 -21.74
CA ASP A 913 9.71 24.70 -21.67
C ASP A 913 8.54 24.91 -20.69
N ARG A 914 8.27 23.90 -19.87
CA ARG A 914 7.20 23.94 -18.88
C ARG A 914 7.80 24.06 -17.47
N MET A 915 6.94 23.96 -16.45
CA MET A 915 7.35 24.15 -15.05
C MET A 915 8.15 25.45 -14.87
N ARG A 916 7.52 26.57 -15.21
CA ARG A 916 8.18 27.87 -15.18
C ARG A 916 8.15 28.45 -13.77
N VAL A 917 9.30 28.40 -13.10
CA VAL A 917 9.42 28.86 -11.72
C VAL A 917 9.70 30.35 -11.69
N PRO A 918 8.82 31.13 -11.02
CA PRO A 918 9.00 32.57 -10.86
C PRO A 918 10.19 32.88 -9.97
N MET A 919 10.95 33.91 -10.32
CA MET A 919 12.09 34.33 -9.52
C MET A 919 11.63 35.06 -8.26
N SER A 920 11.76 34.38 -7.11
CA SER A 920 11.40 34.95 -5.83
C SER A 920 12.61 35.61 -5.19
N ILE A 921 12.43 36.84 -4.74
CA ILE A 921 13.49 37.59 -4.07
C ILE A 921 13.04 37.89 -2.64
N TYR A 922 13.96 37.76 -1.70
CA TYR A 922 13.71 38.15 -0.32
C TYR A 922 13.73 39.67 -0.20
N ALA A 923 12.54 40.26 -0.09
CA ALA A 923 12.39 41.71 -0.13
C ALA A 923 11.21 42.18 0.73
N PRO A 924 11.17 43.50 1.05
CA PRO A 924 10.02 44.01 1.82
C PRO A 924 8.76 44.10 0.96
N ALA A 925 7.61 43.89 1.58
CA ALA A 925 6.32 44.02 0.91
C ALA A 925 5.35 44.76 1.81
N GLN A 926 4.17 45.09 1.27
CA GLN A 926 3.11 45.74 2.04
C GLN A 926 2.66 44.86 3.20
N ALA A 927 2.56 45.47 4.38
CA ALA A 927 2.23 44.76 5.60
C ALA A 927 0.76 44.39 5.69
N GLY A 928 -0.11 45.27 5.18
CA GLY A 928 -1.54 45.12 5.32
C GLY A 928 -1.92 45.39 6.77
N VAL A 929 -2.57 44.42 7.39
CA VAL A 929 -2.89 44.52 8.82
C VAL A 929 -1.99 43.62 9.68
N ALA A 930 -0.94 43.08 9.05
CA ALA A 930 -0.01 42.14 9.70
C ALA A 930 0.64 42.69 10.96
N GLY A 931 0.81 44.01 11.01
CA GLY A 931 1.45 44.67 12.15
C GLY A 931 0.81 44.36 13.49
N ILE A 932 -0.51 44.24 13.50
CA ILE A 932 -1.26 43.98 14.74
C ILE A 932 -0.98 42.60 15.35
N PRO A 933 -1.25 41.50 14.61
CA PRO A 933 -0.92 40.18 15.19
C PRO A 933 0.57 40.00 15.46
N PHE A 934 1.42 40.57 14.62
CA PHE A 934 2.87 40.51 14.82
C PHE A 934 3.25 40.97 16.23
N MET A 935 2.78 42.15 16.61
CA MET A 935 3.15 42.76 17.89
C MET A 935 2.40 42.17 19.08
N THR A 936 1.13 41.80 18.86
CA THR A 936 0.29 41.24 19.93
C THR A 936 0.74 39.84 20.30
N ILE A 937 0.92 38.98 19.30
CA ILE A 937 1.44 37.64 19.52
C ILE A 937 2.89 37.70 19.98
N GLY A 938 3.70 38.54 19.32
CA GLY A 938 5.12 38.69 19.63
C GLY A 938 5.41 39.09 21.06
N THR A 939 4.91 40.27 21.44
CA THR A 939 5.14 40.79 22.79
C THR A 939 4.17 40.21 23.82
N GLY A 940 3.14 39.53 23.33
CA GLY A 940 2.19 38.82 24.19
C GLY A 940 2.68 37.43 24.53
N ASP A 941 2.08 36.42 23.90
CA ASP A 941 2.38 35.01 24.20
C ASP A 941 3.80 34.60 23.83
N GLY A 942 4.31 35.14 22.72
CA GLY A 942 5.68 34.90 22.29
C GLY A 942 6.67 35.28 23.38
N MET A 943 6.53 36.49 23.90
CA MET A 943 7.39 37.01 24.96
C MET A 943 7.22 36.25 26.27
N MET A 944 5.99 35.85 26.59
CA MET A 944 5.70 35.04 27.77
C MET A 944 6.50 33.73 27.75
N MET A 945 6.34 32.96 26.67
CA MET A 945 6.98 31.66 26.53
C MET A 945 8.51 31.76 26.52
N GLN A 946 9.02 32.75 25.80
CA GLN A 946 10.44 33.08 25.80
C GLN A 946 10.95 33.29 27.22
N THR A 947 10.21 34.08 28.00
CA THR A 947 10.53 34.35 29.41
C THR A 947 10.45 33.07 30.24
N LEU A 948 9.44 32.25 29.97
CA LEU A 948 9.19 31.01 30.70
C LEU A 948 10.28 29.96 30.50
N SER A 949 11.07 30.10 29.43
CA SER A 949 12.15 29.16 29.13
C SER A 949 13.49 29.62 29.70
N THR A 950 13.62 30.92 29.95
CA THR A 950 14.93 31.49 30.31
C THR A 950 14.98 32.06 31.73
N MET A 951 13.83 32.19 32.36
CA MET A 951 13.75 32.81 33.70
C MET A 951 14.47 32.01 34.78
N LYS A 952 14.73 32.67 35.90
CA LYS A 952 15.31 32.04 37.09
C LYS A 952 14.34 30.96 37.60
N GLY A 953 14.80 29.71 37.58
CA GLY A 953 13.97 28.58 37.97
C GLY A 953 12.95 28.21 36.91
N ALA A 954 13.34 28.31 35.64
CA ALA A 954 12.46 28.00 34.50
C ALA A 954 11.90 26.58 34.58
N PRO A 955 10.57 26.44 34.47
CA PRO A 955 9.94 25.13 34.48
C PRO A 955 10.55 24.22 33.42
N LYS A 956 10.92 23.02 33.83
CA LYS A 956 11.53 22.04 32.93
C LYS A 956 10.57 20.89 32.65
N ASN A 957 10.84 20.16 31.57
CA ASN A 957 10.03 18.99 31.18
C ASN A 957 8.59 19.35 30.83
N THR A 958 8.41 20.47 30.13
CA THR A 958 7.10 20.92 29.69
C THR A 958 6.98 20.88 28.17
N LEU A 959 5.75 21.03 27.68
CA LEU A 959 5.49 21.23 26.26
C LEU A 959 4.72 22.54 26.09
N LYS A 960 5.38 23.52 25.47
CA LYS A 960 4.77 24.83 25.25
C LYS A 960 4.05 24.86 23.90
N ILE A 961 2.79 25.29 23.93
CA ILE A 961 1.99 25.43 22.71
C ILE A 961 1.43 26.85 22.62
N PHE A 962 2.35 27.81 22.55
CA PHE A 962 2.08 29.23 22.27
C PHE A 962 1.36 29.99 23.39
N ASP A 963 0.13 29.62 23.69
CA ASP A 963 -0.61 30.25 24.78
C ASP A 963 -1.07 29.24 25.83
N GLY A 964 -0.44 28.08 25.82
CA GLY A 964 -0.73 27.01 26.78
C GLY A 964 0.50 26.15 27.02
N MET A 965 0.70 25.74 28.27
CA MET A 965 1.85 24.92 28.61
C MET A 965 1.43 23.64 29.33
N ASN A 966 1.81 22.49 28.76
CA ASN A 966 1.57 21.20 29.39
C ASN A 966 2.63 20.93 30.45
N ILE A 967 2.18 20.71 31.68
CA ILE A 967 3.07 20.48 32.82
C ILE A 967 2.83 19.10 33.39
N GLY A 968 3.91 18.42 33.77
CA GLY A 968 3.82 17.15 34.51
C GLY A 968 3.11 17.32 35.83
N LEU A 969 2.39 16.28 36.26
CA LEU A 969 1.51 16.35 37.44
C LEU A 969 2.21 16.68 38.76
N ASN A 970 3.51 16.45 38.81
CA ASN A 970 4.31 16.73 39.99
C ASN A 970 4.63 18.20 40.19
N ASP A 971 4.71 18.96 39.11
CA ASP A 971 5.18 20.35 39.16
C ASP A 971 4.14 21.39 38.73
N ILE A 972 2.87 20.99 38.72
CA ILE A 972 1.78 21.86 38.26
C ILE A 972 1.70 23.19 39.02
N THR A 973 1.96 23.17 40.32
CA THR A 973 1.81 24.37 41.15
C THR A 973 2.86 25.46 40.82
N ASP A 974 4.13 25.11 40.91
CA ASP A 974 5.20 26.09 40.68
C ASP A 974 5.32 26.52 39.22
N ALA A 975 5.13 25.58 38.30
CA ALA A 975 5.18 25.88 36.87
C ALA A 975 4.09 26.87 36.47
N SER A 976 2.89 26.66 36.99
CA SER A 976 1.77 27.58 36.77
C SER A 976 2.03 28.98 37.30
N ARG A 977 2.59 29.07 38.50
CA ARG A 977 2.95 30.37 39.08
C ARG A 977 4.05 31.08 38.28
N LYS A 978 5.04 30.30 37.83
CA LYS A 978 6.10 30.84 36.98
C LYS A 978 5.52 31.34 35.65
N ALA A 979 4.58 30.57 35.09
CA ALA A 979 3.87 30.97 33.87
C ALA A 979 3.17 32.31 34.05
N ASN A 980 2.46 32.48 35.16
CA ASN A 980 1.80 33.74 35.49
C ASN A 980 2.76 34.88 35.78
N GLU A 981 3.91 34.56 36.36
CA GLU A 981 5.00 35.50 36.51
C GLU A 981 5.55 35.92 35.14
N ALA A 982 5.58 34.99 34.19
CA ALA A 982 6.05 35.25 32.83
C ALA A 982 5.07 36.13 32.05
N VAL A 983 3.78 35.91 32.30
CA VAL A 983 2.73 36.78 31.79
C VAL A 983 2.91 38.21 32.33
N TYR A 984 3.17 38.33 33.63
CA TYR A 984 3.39 39.63 34.25
C TYR A 984 4.61 40.35 33.67
N THR A 985 5.66 39.60 33.40
CA THR A 985 6.87 40.12 32.76
C THR A 985 6.55 40.64 31.36
N SER A 986 5.73 39.86 30.65
CA SER A 986 5.24 40.22 29.32
C SER A 986 4.47 41.54 29.33
N TRP A 987 3.72 41.78 30.41
CA TRP A 987 2.93 43.00 30.56
C TRP A 987 3.75 44.22 31.00
N GLN A 988 5.06 44.08 31.06
CA GLN A 988 5.96 45.22 31.24
C GLN A 988 6.39 45.76 29.88
N GLY A 989 6.02 45.04 28.83
CA GLY A 989 6.32 45.42 27.47
C GLY A 989 5.46 46.57 26.98
N ASN A 990 5.95 47.26 25.96
CA ASN A 990 5.24 48.37 25.34
C ASN A 990 5.50 48.32 23.83
N PRO A 991 4.73 47.48 23.11
CA PRO A 991 4.89 47.28 21.67
C PRO A 991 4.70 48.55 20.85
N ILE A 992 3.79 49.42 21.28
CA ILE A 992 3.57 50.70 20.61
C ILE A 992 4.79 51.63 20.71
N LYS A 993 5.45 51.61 21.87
CA LYS A 993 6.70 52.34 22.05
C LYS A 993 7.77 51.80 21.11
N ASN A 994 7.82 50.47 20.98
CA ASN A 994 8.77 49.81 20.08
C ASN A 994 8.54 50.19 18.62
N VAL A 995 7.26 50.26 18.23
CA VAL A 995 6.89 50.68 16.89
C VAL A 995 7.20 52.16 16.70
N TYR A 996 6.84 52.98 17.69
CA TYR A 996 7.13 54.41 17.69
C TYR A 996 8.62 54.71 17.51
N GLU A 997 9.47 54.02 18.28
CA GLU A 997 10.92 54.18 18.23
C GLU A 997 11.50 54.06 16.83
N SER A 998 10.98 53.13 16.04
CA SER A 998 11.49 52.91 14.68
C SER A 998 10.76 53.75 13.64
N TYR A 999 9.46 53.95 13.84
CA TYR A 999 8.65 54.82 12.98
C TYR A 999 9.09 56.29 13.07
N ALA A 1000 9.66 56.67 14.21
CA ALA A 1000 10.24 58.00 14.38
C ALA A 1000 11.51 58.17 13.56
N LYS A 1001 12.34 57.12 13.49
CA LYS A 1001 13.54 57.14 12.66
C LYS A 1001 13.15 57.14 11.18
N PHE A 1002 12.08 56.42 10.86
CA PHE A 1002 11.54 56.37 9.50
C PHE A 1002 11.07 57.75 9.05
N MET A 1003 10.41 58.47 9.95
CA MET A 1003 9.88 59.80 9.65
C MET A 1003 10.95 60.88 9.48
N LYS A 1004 12.13 60.68 10.08
CA LYS A 1004 13.20 61.67 9.96
C LYS A 1004 14.08 61.45 8.72
N ASN A 1005 13.92 60.31 8.06
CA ASN A 1005 14.75 59.97 6.90
C ASN A 1005 13.97 59.73 5.61
N VAL A 1006 12.65 59.64 5.71
CA VAL A 1006 11.80 59.39 4.56
C VAL A 1006 11.64 60.62 3.66
N ASP A 1007 11.77 60.40 2.36
CA ASP A 1007 11.39 61.37 1.35
C ASP A 1007 10.20 60.81 0.59
N PHE A 1008 9.02 61.38 0.85
CA PHE A 1008 7.78 60.89 0.27
C PHE A 1008 7.65 61.17 -1.23
N SER A 1009 8.42 62.14 -1.71
CA SER A 1009 8.37 62.55 -3.11
C SER A 1009 8.99 61.51 -4.06
N LYS A 1010 9.95 60.75 -3.55
CA LYS A 1010 10.64 59.73 -4.34
C LYS A 1010 9.81 58.47 -4.57
N LEU A 1011 8.57 58.47 -4.10
CA LEU A 1011 7.69 57.30 -4.19
C LEU A 1011 6.81 57.32 -5.44
N SER A 1012 6.52 56.12 -5.95
CA SER A 1012 5.65 55.95 -7.11
C SER A 1012 4.20 56.32 -6.75
N PRO A 1013 3.41 56.78 -7.76
CA PRO A 1013 2.02 57.21 -7.51
C PRO A 1013 1.10 56.09 -7.05
N GLU A 1014 1.45 54.85 -7.38
CA GLU A 1014 0.74 53.67 -6.88
C GLU A 1014 1.00 53.53 -5.39
N ALA A 1015 2.25 53.72 -4.98
CA ALA A 1015 2.66 53.66 -3.58
C ALA A 1015 2.19 54.86 -2.77
N LEU A 1016 2.12 56.02 -3.44
CA LEU A 1016 1.71 57.27 -2.80
C LEU A 1016 0.23 57.26 -2.41
N GLU A 1017 -0.58 56.62 -3.24
CA GLU A 1017 -2.01 56.46 -2.98
C GLU A 1017 -2.25 55.52 -1.80
N ALA A 1018 -1.44 54.47 -1.71
CA ALA A 1018 -1.55 53.47 -0.63
C ALA A 1018 -1.34 54.10 0.75
N ILE A 1019 -0.38 55.01 0.85
CA ILE A 1019 -0.12 55.74 2.08
C ILE A 1019 -1.29 56.66 2.41
N GLY A 1020 -1.90 57.25 1.37
CA GLY A 1020 -3.09 58.08 1.52
C GLY A 1020 -4.28 57.34 2.12
N LYS A 1021 -4.40 56.06 1.78
CA LYS A 1021 -5.44 55.19 2.34
C LYS A 1021 -5.36 55.12 3.87
N SER A 1022 -4.15 54.95 4.38
CA SER A 1022 -3.92 54.79 5.82
C SER A 1022 -3.88 56.13 6.56
N ALA A 1023 -3.26 57.13 5.95
CA ALA A 1023 -2.99 58.40 6.64
C ALA A 1023 -4.17 59.39 6.67
N LEU A 1024 -4.97 59.40 5.59
CA LEU A 1024 -6.00 60.42 5.42
C LEU A 1024 -7.44 59.86 5.40
N GLU A 1025 -8.40 60.73 5.66
CA GLU A 1025 -9.83 60.41 5.57
C GLU A 1025 -10.26 60.34 4.10
N TYR A 1026 -11.29 59.53 3.82
CA TYR A 1026 -11.73 59.24 2.44
C TYR A 1026 -11.77 60.44 1.51
N ASP A 1027 -12.33 61.56 1.99
CA ASP A 1027 -12.52 62.77 1.20
C ASP A 1027 -11.22 63.43 0.71
N GLN A 1028 -10.13 63.15 1.41
CA GLN A 1028 -8.85 63.83 1.15
C GLN A 1028 -7.87 63.06 0.25
N ARG A 1029 -8.22 61.80 -0.08
CA ARG A 1029 -7.35 60.94 -0.89
C ARG A 1029 -7.23 61.44 -2.35
N GLU A 1030 -8.07 60.88 -3.22
CA GLU A 1030 -8.06 61.13 -4.69
C GLU A 1030 -6.77 61.68 -5.31
N ASN A 1031 -6.47 62.96 -5.08
CA ASN A 1031 -5.26 63.58 -5.61
C ASN A 1031 -4.68 64.66 -4.69
N ALA A 1032 -4.26 64.22 -3.49
CA ALA A 1032 -3.59 65.08 -2.53
C ALA A 1032 -2.11 65.25 -2.88
N THR A 1033 -1.50 66.32 -2.38
CA THR A 1033 -0.10 66.60 -2.64
C THR A 1033 0.80 65.76 -1.73
N VAL A 1034 2.06 65.59 -2.15
CA VAL A 1034 3.07 64.86 -1.38
C VAL A 1034 3.24 65.49 0.00
N ASP A 1035 3.13 66.81 0.08
CA ASP A 1035 3.24 67.54 1.34
C ASP A 1035 2.05 67.28 2.26
N ASP A 1036 0.90 66.95 1.68
CA ASP A 1036 -0.32 66.63 2.43
C ASP A 1036 -0.24 65.29 3.15
N ILE A 1037 0.24 64.27 2.44
CA ILE A 1037 0.39 62.93 3.01
C ILE A 1037 1.57 62.85 3.99
N ALA A 1038 2.58 63.70 3.77
CA ALA A 1038 3.74 63.77 4.66
C ALA A 1038 3.37 64.35 6.01
N ASN A 1039 2.45 65.32 6.00
CA ASN A 1039 1.95 65.95 7.22
C ASN A 1039 1.09 64.99 8.03
N ALA A 1040 0.32 64.17 7.32
CA ALA A 1040 -0.58 63.19 7.95
C ALA A 1040 0.18 62.00 8.52
N ALA A 1041 1.30 61.64 7.89
CA ALA A 1041 2.16 60.56 8.37
C ALA A 1041 2.83 60.90 9.69
N SER A 1042 3.27 62.16 9.81
CA SER A 1042 3.91 62.64 11.05
C SER A 1042 2.90 62.87 12.16
N LEU A 1043 1.62 62.98 11.79
CA LEU A 1043 0.53 63.09 12.76
C LEU A 1043 0.30 61.76 13.45
N ILE A 1044 0.49 60.67 12.72
CA ILE A 1044 0.43 59.31 13.26
C ILE A 1044 1.60 59.06 14.22
N GLU A 1045 2.77 59.61 13.89
CA GLU A 1045 3.94 59.59 14.77
C GLU A 1045 3.62 60.22 16.12
N ARG A 1046 2.97 61.39 16.08
CA ARG A 1046 2.55 62.10 17.28
C ARG A 1046 1.58 61.23 18.09
N ASN A 1047 0.62 60.63 17.39
CA ASN A 1047 -0.36 59.74 18.01
C ASN A 1047 0.29 58.56 18.72
N LEU A 1048 1.26 57.93 18.04
CA LEU A 1048 2.02 56.81 18.58
C LEU A 1048 2.73 57.16 19.89
N ARG A 1049 3.36 58.34 19.94
CA ARG A 1049 4.09 58.79 21.13
C ARG A 1049 3.17 58.93 22.34
N ASN A 1050 2.00 59.53 22.14
CA ASN A 1050 1.03 59.71 23.22
C ASN A 1050 0.47 58.39 23.77
N ILE A 1051 0.23 57.43 22.87
CA ILE A 1051 -0.22 56.10 23.26
C ILE A 1051 0.87 55.38 24.05
N ALA A 1052 2.10 55.39 23.53
CA ALA A 1052 3.24 54.75 24.18
C ALA A 1052 3.55 55.35 25.54
N LEU A 1053 3.38 56.67 25.64
CA LEU A 1053 3.51 57.40 26.90
C LEU A 1053 2.46 56.90 27.89
N GLY A 1054 1.22 56.76 27.42
CA GLY A 1054 0.12 56.29 28.25
C GLY A 1054 0.25 54.86 28.73
N VAL A 1055 0.65 53.96 27.82
CA VAL A 1055 0.88 52.56 28.15
C VAL A 1055 1.98 52.41 29.20
N ASP A 1056 3.05 53.20 29.06
CA ASP A 1056 4.16 53.19 30.00
C ASP A 1056 3.73 53.58 31.41
N ILE A 1057 2.94 54.65 31.51
CA ILE A 1057 2.42 55.14 32.79
C ILE A 1057 1.53 54.09 33.45
N ARG A 1058 0.56 53.58 32.68
CA ARG A 1058 -0.38 52.58 33.17
C ARG A 1058 0.33 51.38 33.78
N HIS A 1059 1.35 50.88 33.09
CA HIS A 1059 2.13 49.74 33.57
C HIS A 1059 2.88 50.03 34.87
N LYS A 1060 3.50 51.20 34.94
CA LYS A 1060 4.20 51.62 36.16
C LYS A 1060 3.23 51.81 37.32
N VAL A 1061 2.10 52.47 37.05
CA VAL A 1061 1.04 52.71 38.03
C VAL A 1061 0.43 51.39 38.54
N LEU A 1062 0.20 50.47 37.61
CA LEU A 1062 -0.39 49.17 37.93
C LEU A 1062 0.54 48.31 38.77
N ASP A 1063 1.85 48.52 38.59
CA ASP A 1063 2.89 47.81 39.34
C ASP A 1063 2.94 48.24 40.82
N LYS A 1064 2.51 49.46 41.11
CA LYS A 1064 2.50 50.00 42.48
C LYS A 1064 1.35 49.46 43.32
N VAL A 1065 0.43 48.73 42.68
CA VAL A 1065 -0.80 48.23 43.30
C VAL A 1065 -0.75 46.72 43.52
N ASN A 1066 -1.48 46.21 44.52
CA ASN A 1066 -1.51 44.78 44.82
C ASN A 1066 -2.26 43.94 43.77
N LEU A 1067 -1.51 43.10 43.07
CA LEU A 1067 -2.02 42.35 41.93
C LEU A 1067 -1.95 40.83 42.13
N SER A 1068 -2.94 40.14 41.60
CA SER A 1068 -2.96 38.68 41.56
C SER A 1068 -3.25 38.26 40.13
N ILE A 1069 -2.28 37.59 39.51
CA ILE A 1069 -2.35 37.28 38.10
C ILE A 1069 -2.53 35.78 37.88
N ASP A 1070 -3.67 35.42 37.29
CA ASP A 1070 -3.94 34.04 36.93
C ASP A 1070 -4.51 33.95 35.51
N GLN A 1071 -3.69 34.35 34.54
CA GLN A 1071 -4.04 34.27 33.12
C GLN A 1071 -3.83 32.85 32.58
N MET A 1072 -2.72 32.23 32.99
CA MET A 1072 -2.42 30.84 32.63
C MET A 1072 -3.10 29.90 33.63
N ALA A 1073 -4.41 29.76 33.46
CA ALA A 1073 -5.27 29.19 34.50
C ALA A 1073 -5.46 27.68 34.44
N ALA A 1074 -5.90 27.12 35.57
CA ALA A 1074 -6.31 25.72 35.75
C ALA A 1074 -5.94 25.23 37.14
N VAL A 1075 -4.65 25.32 37.46
CA VAL A 1075 -4.10 24.77 38.70
C VAL A 1075 -4.54 25.58 39.92
N GLY A 1076 -4.68 26.90 39.73
CA GLY A 1076 -5.03 27.81 40.81
C GLY A 1076 -3.80 28.32 41.55
N ALA A 1077 -2.75 28.64 40.80
CA ALA A 1077 -1.51 29.15 41.36
C ALA A 1077 -1.15 30.50 40.74
N PRO A 1078 -1.74 31.60 41.27
CA PRO A 1078 -1.54 32.93 40.71
C PRO A 1078 -0.23 33.58 41.18
N TYR A 1079 0.27 34.52 40.39
CA TYR A 1079 1.45 35.28 40.76
C TYR A 1079 1.07 36.58 41.45
N GLN A 1080 1.72 36.86 42.58
CA GLN A 1080 1.53 38.11 43.31
C GLN A 1080 2.71 39.02 43.04
N ASN A 1081 2.43 40.29 42.75
CA ASN A 1081 3.48 41.27 42.46
C ASN A 1081 3.93 42.03 43.70
N ASN A 1082 3.23 41.80 44.81
CA ASN A 1082 3.48 42.49 46.08
C ASN A 1082 3.54 44.02 45.94
N GLY A 1083 2.52 44.57 45.30
CA GLY A 1083 2.35 46.02 45.21
C GLY A 1083 1.90 46.53 46.55
N LYS A 1084 2.53 47.62 47.02
CA LYS A 1084 2.31 48.12 48.36
C LYS A 1084 0.97 48.83 48.54
N ILE A 1085 0.52 49.51 47.48
CA ILE A 1085 -0.77 50.20 47.52
C ILE A 1085 -1.92 49.19 47.48
N ASP A 1086 -2.63 49.08 48.59
CA ASP A 1086 -3.75 48.14 48.71
C ASP A 1086 -5.00 48.74 48.09
N LEU A 1087 -5.66 47.96 47.22
CA LEU A 1087 -6.93 48.38 46.62
C LEU A 1087 -8.07 47.40 46.90
N SER A 1088 -7.96 46.67 48.01
CA SER A 1088 -9.01 45.75 48.44
C SER A 1088 -10.22 46.50 48.99
N ASN A 1089 -11.35 45.81 49.08
CA ASN A 1089 -12.63 46.40 49.49
C ASN A 1089 -12.97 47.66 48.70
N MET A 1090 -12.83 47.58 47.39
CA MET A 1090 -13.11 48.70 46.50
C MET A 1090 -13.84 48.22 45.24
N THR A 1091 -14.79 49.03 44.79
CA THR A 1091 -15.47 48.80 43.52
C THR A 1091 -14.53 49.15 42.37
N PRO A 1092 -14.74 48.56 41.18
CA PRO A 1092 -13.99 48.94 39.99
C PRO A 1092 -13.95 50.46 39.78
N GLU A 1093 -15.05 51.14 40.12
CA GLU A 1093 -15.16 52.59 40.02
C GLU A 1093 -14.20 53.29 40.99
N GLN A 1094 -14.13 52.79 42.21
CA GLN A 1094 -13.18 53.28 43.21
C GLN A 1094 -11.75 53.01 42.78
N GLN A 1095 -11.52 51.82 42.22
CA GLN A 1095 -10.20 51.39 41.77
C GLN A 1095 -9.71 52.24 40.60
N ALA A 1096 -10.61 52.54 39.68
CA ALA A 1096 -10.31 53.39 38.53
C ALA A 1096 -9.90 54.80 38.95
N ASP A 1097 -10.63 55.36 39.91
CA ASP A 1097 -10.34 56.70 40.42
C ASP A 1097 -8.98 56.77 41.12
N GLU A 1098 -8.66 55.74 41.90
CA GLU A 1098 -7.37 55.68 42.59
C GLU A 1098 -6.21 55.43 41.64
N LEU A 1099 -6.44 54.61 40.61
CA LEU A 1099 -5.42 54.34 39.59
C LEU A 1099 -5.13 55.57 38.73
N ASN A 1100 -6.17 56.36 38.47
CA ASN A 1100 -6.06 57.61 37.72
C ASN A 1100 -5.40 58.73 38.52
N LYS A 1101 -5.54 58.66 39.85
CA LYS A 1101 -4.87 59.58 40.75
C LYS A 1101 -3.36 59.37 40.66
N LEU A 1102 -2.95 58.10 40.55
CA LEU A 1102 -1.53 57.75 40.39
C LEU A 1102 -1.02 58.05 38.98
N PHE A 1103 -1.92 57.97 38.00
CA PHE A 1103 -1.61 58.25 36.60
C PHE A 1103 -1.14 59.69 36.42
N ARG A 1104 -1.95 60.64 36.89
CA ARG A 1104 -1.67 62.06 36.76
C ARG A 1104 -0.49 62.48 37.63
N GLU A 1105 -0.31 61.79 38.75
CA GLU A 1105 0.82 61.99 39.65
C GLU A 1105 2.13 61.68 38.93
N GLU A 1106 2.15 60.59 38.18
CA GLU A 1106 3.31 60.18 37.39
C GLU A 1106 3.48 61.09 36.16
N LEU A 1107 2.36 61.49 35.57
CA LEU A 1107 2.35 62.35 34.39
C LEU A 1107 2.96 63.72 34.66
N GLU A 1108 2.71 64.27 35.85
CA GLU A 1108 3.26 65.55 36.27
C GLU A 1108 4.69 65.44 36.79
N ALA A 1109 5.13 64.22 37.07
CA ALA A 1109 6.51 63.96 37.47
C ALA A 1109 7.43 63.98 36.24
N ARG A 1110 6.92 63.51 35.10
CA ARG A 1110 7.66 63.55 33.83
C ARG A 1110 7.65 64.96 33.26
N LYS A 1111 6.53 65.65 33.48
CA LYS A 1111 6.33 67.02 33.00
C LYS A 1111 7.41 67.97 33.54
N GLN A 1112 7.76 67.80 34.81
CA GLN A 1112 8.84 68.55 35.43
C GLN A 1112 9.88 67.61 36.03
N THR C 17 9.62 -14.93 -51.69
CA THR C 17 10.89 -14.69 -50.94
C THR C 17 11.54 -13.35 -51.26
N GLU C 18 11.21 -12.80 -52.44
CA GLU C 18 11.67 -11.47 -52.86
C GLU C 18 10.72 -10.39 -52.37
N GLU C 19 9.43 -10.72 -52.35
CA GLU C 19 8.37 -9.81 -51.92
C GLU C 19 8.34 -9.61 -50.39
N LEU C 20 8.62 -10.69 -49.67
CA LEU C 20 8.61 -10.69 -48.19
C LEU C 20 9.77 -9.88 -47.60
N LYS C 21 10.91 -9.88 -48.30
CA LYS C 21 12.08 -9.11 -47.89
C LYS C 21 11.87 -7.60 -48.08
N GLU C 22 11.44 -7.21 -49.28
CA GLU C 22 11.22 -5.80 -49.61
C GLU C 22 9.97 -5.22 -48.95
N GLY C 23 9.10 -6.10 -48.47
CA GLY C 23 7.91 -5.70 -47.71
C GLY C 23 8.26 -5.15 -46.34
N ILE C 24 9.03 -5.92 -45.57
CA ILE C 24 9.48 -5.49 -44.24
C ILE C 24 10.54 -4.37 -44.34
N ASP C 25 11.24 -4.32 -45.47
CA ASP C 25 12.18 -3.24 -45.76
C ASP C 25 11.48 -1.88 -45.84
N ALA C 26 10.22 -1.88 -46.28
CA ALA C 26 9.43 -0.65 -46.36
C ALA C 26 8.98 -0.16 -44.99
N VAL C 27 8.76 -1.10 -44.07
CA VAL C 27 8.29 -0.76 -42.71
C VAL C 27 9.42 -0.28 -41.82
N TYR C 28 10.59 -0.93 -41.92
CA TYR C 28 11.77 -0.52 -41.17
C TYR C 28 12.97 -0.22 -42.08
N PRO C 29 12.91 0.91 -42.81
CA PRO C 29 13.93 1.18 -43.82
C PRO C 29 15.27 1.67 -43.26
N SER C 30 15.25 2.32 -42.10
CA SER C 30 16.44 2.99 -41.57
C SER C 30 17.25 2.17 -40.56
N LEU C 31 16.97 0.88 -40.45
CA LEU C 31 17.74 0.00 -39.57
C LEU C 31 19.15 -0.23 -40.10
N VAL C 32 20.10 -0.39 -39.18
CA VAL C 32 21.52 -0.54 -39.51
C VAL C 32 21.80 -1.91 -40.14
N GLY C 33 22.56 -1.91 -41.23
CA GLY C 33 22.97 -3.14 -41.90
C GLY C 33 22.08 -3.54 -43.06
N THR C 34 22.50 -4.58 -43.77
CA THR C 34 21.75 -5.08 -44.93
C THR C 34 21.00 -6.36 -44.57
N ALA C 35 19.84 -6.56 -45.19
CA ALA C 35 19.07 -7.79 -45.00
C ALA C 35 19.53 -8.88 -45.97
N ASP C 36 20.81 -9.27 -45.83
CA ASP C 36 21.41 -10.30 -46.67
C ASP C 36 22.45 -11.06 -45.85
N SER C 37 22.28 -12.38 -45.74
CA SER C 37 23.19 -13.22 -44.96
C SER C 37 24.62 -13.26 -45.52
N LYS C 38 24.74 -13.19 -46.84
CA LYS C 38 26.03 -13.35 -47.53
C LYS C 38 26.83 -12.06 -47.63
N ALA C 39 26.25 -10.95 -47.19
CA ALA C 39 26.87 -9.62 -47.30
C ALA C 39 28.11 -9.44 -46.42
N GLU C 40 29.00 -8.56 -46.84
CA GLU C 40 30.18 -8.19 -46.06
C GLU C 40 29.83 -7.03 -45.13
N GLY C 41 30.33 -7.10 -43.90
CA GLY C 41 30.09 -6.05 -42.91
C GLY C 41 28.95 -6.37 -41.98
N ILE C 42 28.13 -5.36 -41.69
CA ILE C 42 27.01 -5.49 -40.76
C ILE C 42 25.75 -5.93 -41.49
N LYS C 43 25.15 -7.00 -40.97
CA LYS C 43 23.91 -7.53 -41.52
C LYS C 43 22.80 -7.38 -40.49
N ASN C 44 21.62 -6.93 -40.95
CA ASN C 44 20.49 -6.74 -40.04
C ASN C 44 19.70 -8.02 -39.81
N TYR C 45 19.89 -8.62 -38.65
CA TYR C 45 19.29 -9.91 -38.34
C TYR C 45 17.87 -9.82 -37.79
N PHE C 46 17.32 -8.62 -37.74
CA PHE C 46 15.90 -8.46 -37.44
C PHE C 46 15.09 -8.64 -38.71
N LYS C 47 15.51 -7.99 -39.77
CA LYS C 47 14.88 -8.08 -41.09
C LYS C 47 15.02 -9.47 -41.70
N LEU C 48 16.12 -10.15 -41.38
CA LEU C 48 16.34 -11.51 -41.86
C LEU C 48 15.51 -12.54 -41.11
N SER C 49 15.14 -12.20 -39.87
CA SER C 49 14.43 -13.12 -38.97
C SER C 49 12.92 -12.97 -38.97
N PHE C 50 12.43 -11.81 -39.39
CA PHE C 50 11.00 -11.52 -39.34
C PHE C 50 10.45 -11.03 -40.67
N THR C 51 9.18 -11.33 -40.92
CA THR C 51 8.48 -10.85 -42.11
C THR C 51 7.12 -10.27 -41.71
N LEU C 52 6.49 -9.53 -42.62
CA LEU C 52 5.13 -9.06 -42.43
C LEU C 52 4.14 -10.20 -42.60
N PRO C 53 3.18 -10.34 -41.68
CA PRO C 53 2.22 -11.45 -41.72
C PRO C 53 1.19 -11.27 -42.83
N GLU C 54 0.58 -12.39 -43.24
CA GLU C 54 -0.49 -12.39 -44.23
C GLU C 54 -1.65 -11.49 -43.76
N GLU C 55 -2.13 -11.76 -42.55
CA GLU C 55 -3.20 -10.96 -41.93
C GLU C 55 -2.62 -10.14 -40.78
N GLN C 56 -3.03 -8.89 -40.69
CA GLN C 56 -2.56 -7.98 -39.63
C GLN C 56 -2.83 -8.58 -38.25
N LYS C 57 -1.77 -8.69 -37.45
CA LYS C 57 -1.87 -9.26 -36.10
C LYS C 57 -1.79 -8.17 -35.04
N SER C 58 -1.08 -7.09 -35.35
CA SER C 58 -0.90 -5.97 -34.43
C SER C 58 -1.18 -4.65 -35.11
N ARG C 59 -1.84 -3.74 -34.40
CA ARG C 59 -2.24 -2.44 -34.95
C ARG C 59 -1.15 -1.37 -34.84
N THR C 60 -0.07 -1.69 -34.14
CA THR C 60 1.05 -0.77 -33.98
C THR C 60 2.05 -0.83 -35.15
N VAL C 61 1.90 -1.84 -36.01
CA VAL C 61 2.76 -2.00 -37.18
C VAL C 61 2.52 -0.85 -38.16
N GLY C 62 3.60 -0.14 -38.51
CA GLY C 62 3.52 0.99 -39.41
C GLY C 62 3.24 2.30 -38.70
N SER C 63 3.12 2.23 -37.37
CA SER C 63 2.90 3.43 -36.55
C SER C 63 4.21 4.12 -36.18
N GLU C 64 4.36 5.37 -36.59
CA GLU C 64 5.58 6.14 -36.35
C GLU C 64 5.83 6.42 -34.86
N ALA C 65 4.76 6.44 -34.07
CA ALA C 65 4.85 6.60 -32.62
C ALA C 65 3.76 5.80 -31.93
N PRO C 66 4.03 4.52 -31.60
CA PRO C 66 3.07 3.63 -30.95
C PRO C 66 2.55 4.13 -29.60
N LEU C 67 3.45 4.58 -28.73
CA LEU C 67 3.07 5.07 -27.41
C LEU C 67 2.08 6.23 -27.45
N LYS C 68 2.30 7.17 -28.35
CA LYS C 68 1.39 8.31 -28.52
C LYS C 68 0.08 7.92 -29.21
N ASP C 69 0.16 7.01 -30.18
CA ASP C 69 -1.03 6.56 -30.90
C ASP C 69 -1.98 5.73 -30.04
N VAL C 70 -1.42 4.86 -29.20
CA VAL C 70 -2.22 4.06 -28.27
C VAL C 70 -2.79 4.92 -27.15
N ALA C 71 -2.00 5.89 -26.66
CA ALA C 71 -2.46 6.85 -25.65
C ALA C 71 -3.62 7.70 -26.16
N GLN C 72 -3.52 8.13 -27.43
CA GLN C 72 -4.60 8.82 -28.14
C GLN C 72 -5.88 7.97 -28.14
N ALA C 73 -5.73 6.69 -28.49
CA ALA C 73 -6.84 5.73 -28.53
C ALA C 73 -7.46 5.48 -27.16
N LEU C 74 -6.64 5.51 -26.11
CA LEU C 74 -7.09 5.26 -24.75
C LEU C 74 -7.64 6.50 -24.05
N SER C 75 -7.64 7.63 -24.76
CA SER C 75 -8.05 8.91 -24.17
C SER C 75 -9.57 9.11 -24.13
N SER C 76 -10.29 8.31 -24.93
CA SER C 76 -11.75 8.36 -24.95
C SER C 76 -12.32 7.05 -25.48
N ARG C 77 -13.58 6.77 -25.14
CA ARG C 77 -14.28 5.60 -25.65
C ARG C 77 -14.36 5.63 -27.19
N ALA C 78 -14.67 6.82 -27.72
CA ALA C 78 -14.82 7.03 -29.17
C ALA C 78 -13.53 6.72 -29.94
N ARG C 79 -12.39 7.17 -29.42
CA ARG C 79 -11.10 6.90 -30.03
C ARG C 79 -10.72 5.43 -29.98
N TYR C 80 -11.06 4.76 -28.87
CA TYR C 80 -10.82 3.33 -28.70
C TYR C 80 -11.61 2.50 -29.70
N GLU C 81 -12.88 2.85 -29.89
CA GLU C 81 -13.76 2.19 -30.84
C GLU C 81 -13.27 2.40 -32.28
N LEU C 82 -12.76 3.60 -32.57
CA LEU C 82 -12.22 3.94 -33.88
C LEU C 82 -10.93 3.17 -34.17
N PHE C 83 -10.05 3.11 -33.17
CA PHE C 83 -8.75 2.43 -33.28
C PHE C 83 -8.90 0.92 -33.46
N THR C 84 -9.90 0.34 -32.80
CA THR C 84 -10.12 -1.12 -32.82
C THR C 84 -11.08 -1.58 -33.91
N GLU C 85 -11.77 -0.64 -34.55
CA GLU C 85 -12.80 -0.93 -35.57
C GLU C 85 -13.99 -1.69 -34.97
N LYS C 86 -14.24 -1.46 -33.68
CA LYS C 86 -15.36 -2.07 -32.97
C LYS C 86 -16.44 -1.02 -32.76
N GLU C 87 -17.70 -1.44 -32.78
CA GLU C 87 -18.81 -0.52 -32.58
C GLU C 87 -18.91 -0.04 -31.13
N THR C 88 -18.86 -0.99 -30.20
CA THR C 88 -18.95 -0.68 -28.77
C THR C 88 -17.77 -1.27 -28.00
N ALA C 89 -17.06 -0.41 -27.28
CA ALA C 89 -15.98 -0.84 -26.42
C ALA C 89 -16.53 -1.42 -25.13
N ASN C 90 -15.70 -2.18 -24.42
CA ASN C 90 -16.03 -2.70 -23.10
C ASN C 90 -16.61 -1.60 -22.20
N PRO C 91 -17.77 -1.85 -21.57
CA PRO C 91 -18.40 -0.89 -20.66
C PRO C 91 -17.55 -0.49 -19.47
N ALA C 92 -16.60 -1.35 -19.08
CA ALA C 92 -15.69 -1.06 -17.97
C ALA C 92 -14.72 0.07 -18.29
N PHE C 93 -14.44 0.25 -19.59
CA PHE C 93 -13.60 1.34 -20.06
C PHE C 93 -14.35 2.66 -19.96
N ASN C 94 -14.33 3.25 -18.76
CA ASN C 94 -15.05 4.49 -18.48
C ASN C 94 -14.12 5.60 -18.00
N GLY C 95 -14.73 6.69 -17.51
CA GLY C 95 -14.00 7.89 -17.10
C GLY C 95 -12.86 7.66 -16.13
N GLU C 96 -13.11 6.84 -15.11
CA GLU C 96 -12.10 6.54 -14.10
C GLU C 96 -10.96 5.68 -14.64
N VAL C 97 -11.29 4.76 -15.54
CA VAL C 97 -10.30 3.85 -16.11
C VAL C 97 -9.45 4.56 -17.16
N ILE C 98 -10.07 5.47 -17.92
CA ILE C 98 -9.35 6.32 -18.89
C ILE C 98 -8.26 7.13 -18.18
N LYS C 99 -8.63 7.76 -17.07
CA LYS C 99 -7.70 8.54 -16.24
C LYS C 99 -6.49 7.72 -15.81
N ARG C 100 -6.74 6.48 -15.37
CA ARG C 100 -5.69 5.57 -14.93
C ARG C 100 -4.75 5.20 -16.07
N TYR C 101 -5.32 4.94 -17.25
CA TYR C 101 -4.50 4.60 -18.42
C TYR C 101 -3.69 5.78 -18.93
N LYS C 102 -4.28 6.98 -18.87
CA LYS C 102 -3.57 8.21 -19.22
C LYS C 102 -2.26 8.32 -18.42
N GLU C 103 -2.34 8.04 -17.12
CA GLU C 103 -1.18 8.08 -16.23
C GLU C 103 -0.19 6.96 -16.54
N LEU C 104 -0.71 5.78 -16.85
CA LEU C 104 0.12 4.62 -17.20
C LEU C 104 0.87 4.83 -18.53
N MET C 105 0.25 5.57 -19.45
CA MET C 105 0.91 5.93 -20.70
C MET C 105 2.04 6.94 -20.48
N GLU C 106 1.85 7.82 -19.49
CA GLU C 106 2.91 8.74 -19.05
C GLU C 106 4.07 7.96 -18.43
N HIS C 107 3.75 6.93 -17.65
CA HIS C 107 4.74 6.03 -17.06
C HIS C 107 5.50 5.26 -18.14
N GLY C 108 4.82 4.93 -19.24
CA GLY C 108 5.43 4.31 -20.40
C GLY C 108 6.53 5.17 -21.03
N GLU C 109 6.30 6.49 -21.05
CA GLU C 109 7.30 7.44 -21.52
C GLU C 109 8.52 7.46 -20.62
N GLY C 110 8.31 7.17 -19.33
CA GLY C 110 9.39 7.04 -18.37
C GLY C 110 10.25 5.80 -18.61
N ILE C 111 9.59 4.68 -18.94
CA ILE C 111 10.28 3.44 -19.28
C ILE C 111 11.09 3.62 -20.55
N ALA C 112 10.45 4.17 -21.58
CA ALA C 112 11.09 4.43 -22.86
C ALA C 112 12.37 5.25 -22.67
N ASP C 113 12.29 6.26 -21.81
CA ASP C 113 13.43 7.12 -21.50
C ASP C 113 14.58 6.39 -20.80
N ILE C 114 14.25 5.48 -19.89
CA ILE C 114 15.27 4.67 -19.20
C ILE C 114 16.03 3.81 -20.22
N LEU C 115 15.29 3.28 -21.19
CA LEU C 115 15.86 2.39 -22.20
C LEU C 115 16.78 3.10 -23.18
N ARG C 116 16.35 4.26 -23.67
CA ARG C 116 17.16 5.10 -24.55
C ARG C 116 18.50 5.43 -23.92
N SER C 117 18.46 5.73 -22.62
CA SER C 117 19.64 6.06 -21.82
C SER C 117 20.54 4.85 -21.60
N ARG C 118 19.93 3.70 -21.32
CA ARG C 118 20.68 2.45 -21.14
C ARG C 118 21.39 2.01 -22.43
N LEU C 119 20.77 2.32 -23.57
CA LEU C 119 21.39 2.07 -24.86
C LEU C 119 22.62 2.95 -25.07
N ALA C 120 22.47 4.24 -24.77
CA ALA C 120 23.55 5.22 -24.92
C ALA C 120 24.77 4.87 -24.09
N LYS C 121 24.53 4.37 -22.87
CA LYS C 121 25.59 3.91 -21.98
C LYS C 121 26.27 2.65 -22.50
N PHE C 122 25.49 1.77 -23.16
CA PHE C 122 26.04 0.56 -23.75
C PHE C 122 26.93 0.86 -24.96
N LEU C 123 26.56 1.87 -25.73
CA LEU C 123 27.31 2.28 -26.91
C LEU C 123 28.57 3.06 -26.53
N ASN C 124 28.49 3.76 -25.41
CA ASN C 124 29.58 4.62 -24.94
C ASN C 124 30.66 3.83 -24.20
N THR C 125 30.28 2.72 -23.57
CA THR C 125 31.20 1.91 -22.80
C THR C 125 31.95 0.96 -23.72
N LYS C 126 33.28 0.94 -23.57
CA LYS C 126 34.18 0.07 -24.34
C LYS C 126 34.23 0.36 -25.84
N ASP C 127 33.84 1.58 -26.21
CA ASP C 127 33.81 2.07 -27.60
C ASP C 127 32.93 1.23 -28.52
N VAL C 128 31.96 0.52 -27.96
CA VAL C 128 31.06 -0.37 -28.71
C VAL C 128 30.39 0.35 -29.89
N GLY C 129 29.97 1.59 -29.68
CA GLY C 129 29.38 2.41 -30.73
C GLY C 129 30.30 2.61 -31.92
N LYS C 130 31.50 3.14 -31.66
CA LYS C 130 32.52 3.33 -32.69
C LYS C 130 32.87 2.03 -33.39
N ARG C 131 33.09 0.99 -32.59
CA ARG C 131 33.50 -0.33 -33.08
C ARG C 131 32.42 -0.95 -33.96
N PHE C 132 31.16 -0.74 -33.59
CA PHE C 132 30.01 -1.18 -34.39
C PHE C 132 29.99 -0.43 -35.72
N ALA C 133 30.28 0.88 -35.68
CA ALA C 133 30.36 1.71 -36.87
C ALA C 133 31.58 1.36 -37.72
N GLN C 134 32.63 0.86 -37.06
CA GLN C 134 33.83 0.38 -37.72
C GLN C 134 33.62 -0.93 -38.48
N GLY C 135 32.56 -1.65 -38.13
CA GLY C 135 32.22 -2.88 -38.82
C GLY C 135 32.26 -4.13 -37.96
N THR C 136 32.57 -3.98 -36.68
CA THR C 136 32.54 -5.12 -35.75
C THR C 136 31.10 -5.56 -35.57
N GLU C 137 30.87 -6.85 -35.69
CA GLU C 137 29.51 -7.39 -35.69
C GLU C 137 28.99 -7.56 -34.27
N ALA C 138 28.90 -6.42 -33.57
CA ALA C 138 28.44 -6.35 -32.19
C ALA C 138 26.97 -6.74 -32.07
N ASN C 139 26.21 -6.48 -33.12
CA ASN C 139 24.82 -6.89 -33.23
C ASN C 139 24.63 -8.41 -33.22
N ARG C 140 25.73 -9.15 -33.11
CA ARG C 140 25.69 -10.62 -33.08
C ARG C 140 26.18 -11.19 -31.74
N TRP C 141 26.62 -10.29 -30.84
CA TRP C 141 27.00 -10.70 -29.49
C TRP C 141 25.76 -11.05 -28.68
N VAL C 142 25.95 -11.85 -27.64
CA VAL C 142 24.85 -12.22 -26.74
C VAL C 142 24.22 -10.99 -26.07
N GLY C 143 25.03 -9.96 -25.82
CA GLY C 143 24.55 -8.73 -25.21
C GLY C 143 24.27 -7.61 -26.17
N GLY C 144 24.53 -7.82 -27.46
CA GLY C 144 24.38 -6.78 -28.46
C GLY C 144 23.30 -6.98 -29.50
N LYS C 145 22.44 -7.98 -29.31
CA LYS C 145 21.41 -8.32 -30.30
C LYS C 145 20.38 -7.22 -30.59
N LEU C 146 20.19 -6.31 -29.64
CA LEU C 146 19.28 -5.17 -29.83
C LEU C 146 19.81 -4.12 -30.83
N LEU C 147 21.08 -4.24 -31.22
CA LEU C 147 21.65 -3.37 -32.24
C LEU C 147 21.05 -3.66 -33.62
N ASN C 148 20.32 -4.77 -33.74
CA ASN C 148 19.58 -5.09 -34.95
C ASN C 148 18.32 -4.25 -35.10
N ILE C 149 17.91 -3.58 -34.01
CA ILE C 149 16.75 -2.70 -34.04
C ILE C 149 17.11 -1.23 -33.75
N VAL C 150 18.36 -0.88 -34.04
CA VAL C 150 18.80 0.52 -33.92
C VAL C 150 19.00 1.19 -35.28
N GLU C 151 19.07 2.51 -35.27
CA GLU C 151 19.32 3.32 -36.47
C GLU C 151 20.54 4.21 -36.21
N GLN C 152 21.25 4.58 -37.27
CA GLN C 152 22.38 5.48 -37.13
C GLN C 152 21.90 6.89 -36.81
N ASP C 153 22.62 7.55 -35.90
CA ASP C 153 22.28 8.90 -35.46
C ASP C 153 23.56 9.68 -35.13
N GLY C 154 23.99 10.53 -36.04
CA GLY C 154 25.25 11.27 -35.88
C GLY C 154 26.43 10.32 -35.80
N ASP C 155 27.23 10.46 -34.75
CA ASP C 155 28.38 9.58 -34.54
C ASP C 155 28.02 8.37 -33.67
N THR C 156 26.73 8.20 -33.40
CA THR C 156 26.25 7.13 -32.53
C THR C 156 25.00 6.45 -33.11
N PHE C 157 24.24 5.76 -32.25
CA PHE C 157 23.05 5.03 -32.68
C PHE C 157 21.87 5.29 -31.74
N LYS C 158 20.66 5.13 -32.27
CA LYS C 158 19.44 5.29 -31.49
C LYS C 158 18.43 4.18 -31.80
N TYR C 159 17.56 3.88 -30.84
CA TYR C 159 16.48 2.91 -31.03
C TYR C 159 15.55 3.32 -32.16
N ASN C 160 15.06 2.33 -32.90
CA ASN C 160 13.92 2.52 -33.79
C ASN C 160 12.70 2.74 -32.91
N GLU C 161 12.12 3.93 -32.98
CA GLU C 161 11.06 4.33 -32.06
C GLU C 161 9.82 3.44 -32.12
N GLN C 162 9.49 2.94 -33.31
CA GLN C 162 8.33 2.07 -33.48
C GLN C 162 8.50 0.76 -32.69
N LEU C 163 9.64 0.10 -32.87
CA LEU C 163 9.91 -1.18 -32.22
C LEU C 163 10.13 -1.01 -30.72
N LEU C 164 10.74 0.11 -30.33
CA LEU C 164 10.99 0.40 -28.92
C LEU C 164 9.68 0.63 -28.17
N GLN C 165 8.85 1.52 -28.71
CA GLN C 165 7.60 1.91 -28.05
C GLN C 165 6.59 0.76 -27.99
N THR C 166 6.59 -0.08 -29.02
CA THR C 166 5.71 -1.26 -29.06
C THR C 166 6.09 -2.25 -27.96
N ALA C 167 7.40 -2.40 -27.73
CA ALA C 167 7.92 -3.27 -26.67
C ALA C 167 7.57 -2.73 -25.29
N VAL C 168 7.60 -1.40 -25.14
CA VAL C 168 7.20 -0.75 -23.89
C VAL C 168 5.73 -1.00 -23.60
N LEU C 169 4.90 -0.88 -24.63
CA LEU C 169 3.47 -1.17 -24.54
C LEU C 169 3.22 -2.62 -24.07
N ALA C 170 4.07 -3.54 -24.52
CA ALA C 170 4.01 -4.92 -24.08
C ALA C 170 4.44 -5.05 -22.64
N GLY C 171 5.49 -4.32 -22.27
CA GLY C 171 5.99 -4.31 -20.90
C GLY C 171 4.96 -3.81 -19.90
N LEU C 172 4.23 -2.77 -20.29
CA LEU C 172 3.17 -2.19 -19.44
C LEU C 172 2.03 -3.18 -19.21
N GLN C 173 1.65 -3.91 -20.27
CA GLN C 173 0.63 -4.94 -20.16
C GLN C 173 1.10 -6.10 -19.29
N TRP C 174 2.35 -6.52 -19.51
CA TRP C 174 2.99 -7.53 -18.69
C TRP C 174 2.97 -7.14 -17.21
N ARG C 175 3.37 -5.89 -16.94
CA ARG C 175 3.39 -5.34 -15.59
C ARG C 175 2.04 -5.44 -14.88
N LEU C 176 0.96 -5.37 -15.64
CA LEU C 176 -0.40 -5.37 -15.08
C LEU C 176 -0.97 -6.77 -14.78
N THR C 177 -0.70 -7.73 -15.66
CA THR C 177 -1.40 -9.02 -15.62
C THR C 177 -0.52 -10.28 -15.59
N ALA C 178 0.80 -10.11 -15.45
CA ALA C 178 1.72 -11.24 -15.47
C ALA C 178 1.67 -12.09 -14.20
N THR C 179 1.54 -11.44 -13.06
CA THR C 179 1.50 -12.12 -11.76
C THR C 179 0.27 -13.03 -11.62
N SER C 180 -0.80 -12.69 -12.35
CA SER C 180 -2.01 -13.52 -12.37
C SER C 180 -1.91 -14.65 -13.40
N ASN C 181 -0.81 -14.68 -14.14
CA ASN C 181 -0.59 -15.71 -15.16
C ASN C 181 0.59 -16.64 -14.89
N THR C 182 1.26 -16.43 -13.76
CA THR C 182 2.38 -17.29 -13.37
C THR C 182 1.87 -18.63 -12.83
N ALA C 183 2.72 -19.66 -12.98
CA ALA C 183 2.41 -20.99 -12.45
C ALA C 183 2.62 -21.03 -10.95
N ILE C 184 2.04 -22.04 -10.30
CA ILE C 184 2.23 -22.25 -8.87
C ILE C 184 3.44 -23.17 -8.64
N LYS C 185 4.32 -22.76 -7.73
CA LYS C 185 5.53 -23.52 -7.42
C LYS C 185 5.36 -24.35 -6.15
N ASP C 186 5.66 -25.64 -6.25
CA ASP C 186 5.69 -26.52 -5.08
C ASP C 186 7.13 -26.81 -4.66
N ALA C 187 7.29 -27.68 -3.66
CA ALA C 187 8.60 -28.04 -3.13
C ALA C 187 9.57 -28.57 -4.19
N LYS C 188 9.05 -29.38 -5.12
CA LYS C 188 9.84 -29.91 -6.23
C LYS C 188 10.45 -28.80 -7.07
N ASP C 189 9.62 -27.82 -7.44
CA ASP C 189 10.06 -26.68 -8.25
C ASP C 189 11.18 -25.89 -7.58
N VAL C 190 11.00 -25.59 -6.28
CA VAL C 190 11.98 -24.84 -5.51
C VAL C 190 13.29 -25.62 -5.37
N ALA C 191 13.19 -26.94 -5.15
CA ALA C 191 14.36 -27.82 -5.09
C ALA C 191 15.20 -27.75 -6.37
N ALA C 192 14.52 -27.71 -7.51
CA ALA C 192 15.18 -27.61 -8.82
C ALA C 192 15.84 -26.25 -9.02
N ILE C 193 15.15 -25.18 -8.64
CA ILE C 193 15.68 -23.83 -8.74
C ILE C 193 16.88 -23.63 -7.81
N THR C 194 16.75 -24.07 -6.56
CA THR C 194 17.77 -23.82 -5.54
C THR C 194 18.95 -24.78 -5.59
N GLY C 195 18.68 -26.05 -5.83
CA GLY C 195 19.71 -27.08 -5.81
C GLY C 195 19.81 -27.77 -4.45
N ILE C 196 18.94 -27.36 -3.53
CA ILE C 196 18.85 -27.95 -2.20
C ILE C 196 17.80 -29.07 -2.23
N ASP C 197 18.05 -30.13 -1.47
CA ASP C 197 17.15 -31.29 -1.40
C ASP C 197 15.75 -30.89 -0.97
N GLN C 198 14.75 -31.46 -1.65
CA GLN C 198 13.34 -31.16 -1.42
C GLN C 198 12.93 -31.32 0.04
N ALA C 199 13.47 -32.36 0.69
CA ALA C 199 13.18 -32.64 2.10
C ALA C 199 13.84 -31.64 3.05
N LEU C 200 14.95 -31.06 2.61
CA LEU C 200 15.77 -30.19 3.46
C LEU C 200 15.54 -28.69 3.19
N LEU C 201 14.42 -28.36 2.57
CA LEU C 201 14.07 -26.96 2.30
C LEU C 201 13.55 -26.30 3.58
N PRO C 202 14.16 -25.19 3.99
CA PRO C 202 13.69 -24.44 5.15
C PRO C 202 12.32 -23.80 4.92
N GLU C 203 11.65 -23.46 6.02
CA GLU C 203 10.31 -22.88 5.99
C GLU C 203 10.33 -21.48 5.38
N GLY C 204 9.35 -21.19 4.53
CA GLY C 204 9.22 -19.88 3.92
C GLY C 204 10.02 -19.70 2.65
N LEU C 205 10.99 -20.60 2.41
CA LEU C 205 11.77 -20.59 1.18
C LEU C 205 10.90 -20.92 -0.03
N VAL C 206 9.99 -21.87 0.14
CA VAL C 206 9.02 -22.24 -0.89
C VAL C 206 8.10 -21.05 -1.17
N GLU C 207 7.75 -20.31 -0.11
CA GLU C 207 6.89 -19.14 -0.24
C GLU C 207 7.63 -17.94 -0.85
N GLN C 208 8.92 -17.83 -0.56
CA GLN C 208 9.76 -16.80 -1.13
C GLN C 208 9.88 -16.95 -2.65
N PHE C 209 10.02 -18.20 -3.11
CA PHE C 209 10.22 -18.48 -4.52
C PHE C 209 8.93 -18.59 -5.33
N ASP C 210 7.81 -18.80 -4.65
CA ASP C 210 6.51 -18.85 -5.33
C ASP C 210 5.96 -17.45 -5.56
N THR C 211 6.21 -16.55 -4.60
CA THR C 211 5.74 -15.16 -4.70
C THR C 211 6.52 -14.36 -5.75
N GLY C 212 7.73 -14.81 -6.08
CA GLY C 212 8.57 -14.15 -7.07
C GLY C 212 8.80 -14.99 -8.31
N MET C 213 9.33 -14.35 -9.35
CA MET C 213 9.63 -15.01 -10.61
C MET C 213 11.13 -15.19 -10.80
N THR C 214 11.52 -16.31 -11.40
CA THR C 214 12.92 -16.50 -11.82
C THR C 214 13.17 -15.66 -13.07
N LEU C 215 14.45 -15.57 -13.46
CA LEU C 215 14.82 -14.82 -14.66
C LEU C 215 14.17 -15.41 -15.91
N THR C 216 14.30 -16.72 -16.06
CA THR C 216 13.67 -17.44 -17.16
C THR C 216 12.16 -17.20 -17.17
N GLU C 217 11.55 -17.23 -15.98
CA GLU C 217 10.12 -17.01 -15.82
C GLU C 217 9.71 -15.60 -16.24
N ALA C 218 10.49 -14.61 -15.82
CA ALA C 218 10.19 -13.20 -16.09
C ALA C 218 10.39 -12.83 -17.57
N VAL C 219 11.53 -13.24 -18.12
CA VAL C 219 11.91 -12.87 -19.49
C VAL C 219 11.06 -13.59 -20.55
N SER C 220 10.80 -14.88 -20.35
CA SER C 220 9.96 -15.66 -21.26
C SER C 220 8.62 -14.98 -21.55
N SER C 221 7.81 -14.79 -20.51
CA SER C 221 6.47 -14.23 -20.66
C SER C 221 6.48 -12.80 -21.17
N LEU C 222 7.55 -12.06 -20.87
CA LEU C 222 7.71 -10.70 -21.37
C LEU C 222 8.07 -10.73 -22.86
N ALA C 223 9.01 -11.61 -23.22
CA ALA C 223 9.45 -11.77 -24.61
C ALA C 223 8.32 -12.27 -25.51
N GLN C 224 7.43 -13.08 -24.94
CA GLN C 224 6.26 -13.57 -25.66
C GLN C 224 5.32 -12.41 -26.00
N LYS C 225 5.13 -11.49 -25.05
CA LYS C 225 4.30 -10.29 -25.26
C LYS C 225 4.92 -9.38 -26.32
N ILE C 226 6.23 -9.20 -26.26
CA ILE C 226 6.92 -8.28 -27.16
C ILE C 226 6.90 -8.77 -28.61
N GLU C 227 7.24 -10.03 -28.82
CA GLU C 227 7.18 -10.62 -30.16
C GLU C 227 5.76 -10.60 -30.70
N SER C 228 4.80 -10.83 -29.80
CA SER C 228 3.38 -10.76 -30.12
C SER C 228 2.95 -9.36 -30.56
N TYR C 229 3.36 -8.35 -29.79
CA TYR C 229 2.97 -6.96 -30.03
C TYR C 229 3.64 -6.36 -31.26
N TRP C 230 4.83 -6.86 -31.60
CA TRP C 230 5.52 -6.48 -32.82
C TRP C 230 4.74 -6.95 -34.05
N GLY C 231 4.03 -8.06 -33.90
CA GLY C 231 3.07 -8.54 -34.90
C GLY C 231 3.68 -8.98 -36.21
N LEU C 232 4.81 -9.66 -36.12
CA LEU C 232 5.51 -10.18 -37.29
C LEU C 232 5.58 -11.71 -37.22
N SER C 233 5.87 -12.33 -38.36
CA SER C 233 6.03 -13.78 -38.42
C SER C 233 7.51 -14.14 -38.47
N ARG C 234 7.85 -15.27 -37.87
CA ARG C 234 9.24 -15.74 -37.85
C ARG C 234 9.65 -16.33 -39.19
N ASN C 235 10.86 -16.02 -39.62
CA ASN C 235 11.45 -16.66 -40.79
C ASN C 235 11.98 -18.04 -40.42
N PRO C 236 11.40 -19.10 -41.01
CA PRO C 236 11.81 -20.48 -40.70
C PRO C 236 13.26 -20.79 -41.07
N ASN C 237 13.83 -19.98 -41.96
CA ASN C 237 15.23 -20.13 -42.39
C ASN C 237 16.18 -19.14 -41.73
N ALA C 238 15.75 -18.56 -40.61
CA ALA C 238 16.59 -17.68 -39.81
C ALA C 238 16.94 -18.36 -38.49
N PRO C 239 18.19 -18.20 -38.03
CA PRO C 239 18.64 -18.87 -36.81
C PRO C 239 17.88 -18.41 -35.56
N LEU C 240 17.54 -19.34 -34.68
CA LEU C 240 16.80 -19.01 -33.45
C LEU C 240 17.57 -18.11 -32.50
N GLY C 241 18.89 -18.04 -32.68
CA GLY C 241 19.72 -17.08 -31.95
C GLY C 241 19.24 -15.66 -32.12
N TYR C 242 18.54 -15.40 -33.22
CA TYR C 242 18.00 -14.07 -33.50
C TYR C 242 16.47 -14.00 -33.40
N THR C 243 15.78 -15.00 -33.95
CA THR C 243 14.31 -15.04 -33.90
C THR C 243 13.78 -15.11 -32.46
N LYS C 244 14.49 -15.86 -31.61
CA LYS C 244 14.22 -15.87 -30.18
C LYS C 244 15.02 -14.79 -29.47
N GLY C 245 16.26 -14.61 -29.89
CA GLY C 245 17.23 -13.77 -29.20
C GLY C 245 16.89 -12.29 -29.12
N ILE C 246 16.47 -11.72 -30.25
CA ILE C 246 16.15 -10.29 -30.32
C ILE C 246 15.00 -9.89 -29.38
N PRO C 247 13.84 -10.59 -29.44
CA PRO C 247 12.77 -10.26 -28.48
C PRO C 247 13.13 -10.57 -27.03
N THR C 248 13.98 -11.58 -26.81
CA THR C 248 14.48 -11.92 -25.49
C THR C 248 15.41 -10.83 -24.95
N ALA C 249 16.30 -10.35 -25.81
CA ALA C 249 17.16 -9.22 -25.49
C ALA C 249 16.31 -7.99 -25.10
N MET C 250 15.25 -7.75 -25.85
CA MET C 250 14.35 -6.62 -25.58
C MET C 250 13.66 -6.78 -24.23
N ALA C 251 13.21 -8.00 -23.93
CA ALA C 251 12.58 -8.33 -22.66
C ALA C 251 13.53 -8.17 -21.48
N ALA C 252 14.79 -8.59 -21.70
CA ALA C 252 15.84 -8.44 -20.69
C ALA C 252 16.08 -6.97 -20.33
N GLU C 253 16.02 -6.10 -21.33
CA GLU C 253 16.19 -4.66 -21.12
C GLU C 253 15.00 -4.01 -20.41
N ILE C 254 13.79 -4.44 -20.76
CA ILE C 254 12.58 -3.90 -20.13
C ILE C 254 12.47 -4.35 -18.68
N LEU C 255 12.88 -5.59 -18.39
CA LEU C 255 12.95 -6.07 -17.01
C LEU C 255 14.00 -5.28 -16.23
N ALA C 256 15.08 -4.90 -16.89
CA ALA C 256 16.11 -4.06 -16.28
C ALA C 256 15.62 -2.64 -16.05
N ALA C 257 14.78 -2.15 -16.96
CA ALA C 257 14.14 -0.85 -16.82
C ALA C 257 13.15 -0.83 -15.65
N PHE C 258 12.34 -1.89 -15.54
CA PHE C 258 11.35 -2.00 -14.47
C PHE C 258 11.95 -2.05 -13.06
N VAL C 259 13.14 -2.65 -12.94
CA VAL C 259 13.90 -2.64 -11.69
C VAL C 259 14.30 -1.21 -11.33
N GLU C 260 14.63 -0.42 -12.35
CA GLU C 260 15.04 0.97 -12.15
C GLU C 260 13.85 1.92 -11.89
N SER C 261 12.65 1.45 -12.19
CA SER C 261 11.44 2.27 -12.05
C SER C 261 10.61 1.87 -10.82
N THR C 262 11.03 0.79 -10.16
CA THR C 262 10.38 0.26 -8.95
C THR C 262 9.12 -0.56 -9.25
N ASP C 263 8.86 -0.81 -10.53
CA ASP C 263 7.76 -1.68 -10.95
C ASP C 263 8.06 -3.14 -10.61
N VAL C 264 9.35 -3.50 -10.64
CA VAL C 264 9.79 -4.85 -10.29
C VAL C 264 10.94 -4.77 -9.30
N VAL C 265 10.84 -5.54 -8.22
CA VAL C 265 11.91 -5.63 -7.22
C VAL C 265 12.81 -6.82 -7.53
N GLU C 266 14.11 -6.54 -7.68
CA GLU C 266 15.10 -7.59 -7.90
C GLU C 266 15.71 -8.03 -6.58
N ASN C 267 15.81 -9.35 -6.40
CA ASN C 267 16.42 -9.91 -5.20
C ASN C 267 17.30 -11.12 -5.53
N ILE C 268 18.61 -10.90 -5.50
CA ILE C 268 19.59 -11.95 -5.74
C ILE C 268 19.81 -12.75 -4.45
N VAL C 269 19.14 -13.89 -4.35
CA VAL C 269 19.16 -14.70 -3.12
C VAL C 269 20.39 -15.62 -3.10
N ASP C 270 21.18 -15.49 -2.03
CA ASP C 270 22.40 -16.28 -1.86
C ASP C 270 22.09 -17.60 -1.13
N MET C 271 22.33 -18.72 -1.81
CA MET C 271 22.04 -20.04 -1.26
C MET C 271 23.04 -20.50 -0.20
N SER C 272 24.19 -19.82 -0.13
CA SER C 272 25.24 -20.16 0.84
C SER C 272 24.80 -19.94 2.29
N GLU C 273 23.87 -19.02 2.50
CA GLU C 273 23.29 -18.74 3.81
C GLU C 273 22.43 -19.91 4.32
N ILE C 274 21.91 -20.70 3.38
CA ILE C 274 21.09 -21.87 3.68
C ILE C 274 21.96 -23.13 3.73
N ASP C 275 22.76 -23.33 2.68
CA ASP C 275 23.72 -24.43 2.61
C ASP C 275 25.04 -23.89 2.07
N PRO C 276 26.08 -23.81 2.94
CA PRO C 276 27.39 -23.28 2.56
C PRO C 276 28.07 -24.06 1.43
N ASP C 277 27.48 -25.18 1.04
CA ASP C 277 27.98 -26.00 -0.07
C ASP C 277 27.49 -25.48 -1.42
N ASN C 278 26.26 -24.96 -1.45
CA ASN C 278 25.63 -24.47 -2.66
C ASN C 278 26.19 -23.11 -3.09
N LYS C 279 26.80 -23.08 -4.28
CA LYS C 279 27.42 -21.85 -4.80
C LYS C 279 26.45 -20.97 -5.58
N LYS C 280 25.21 -21.43 -5.72
CA LYS C 280 24.20 -20.74 -6.53
C LYS C 280 23.70 -19.43 -5.91
N THR C 281 23.63 -18.39 -6.74
CA THR C 281 22.98 -17.14 -6.39
C THR C 281 21.86 -16.90 -7.38
N ILE C 282 20.63 -16.93 -6.90
CA ILE C 282 19.44 -16.92 -7.76
C ILE C 282 18.67 -15.60 -7.68
N GLY C 283 18.35 -15.06 -8.86
CA GLY C 283 17.57 -13.84 -8.96
C GLY C 283 16.09 -14.10 -8.82
N LEU C 284 15.42 -13.25 -8.06
CA LEU C 284 13.96 -13.28 -7.92
C LEU C 284 13.37 -11.92 -8.28
N TYR C 285 12.28 -11.95 -9.04
CA TYR C 285 11.65 -10.74 -9.55
C TYR C 285 10.19 -10.66 -9.13
N THR C 286 9.87 -9.61 -8.39
CA THR C 286 8.54 -9.40 -7.86
C THR C 286 7.94 -8.13 -8.45
N ILE C 287 6.85 -8.28 -9.19
CA ILE C 287 6.10 -7.14 -9.69
C ILE C 287 5.40 -6.46 -8.52
N THR C 288 5.61 -5.15 -8.39
CA THR C 288 4.94 -4.35 -7.36
C THR C 288 3.44 -4.32 -7.63
N GLU C 289 2.68 -4.68 -6.61
CA GLU C 289 1.24 -4.87 -6.71
C GLU C 289 0.48 -3.54 -6.83
N LEU C 290 -0.50 -3.51 -7.72
CA LEU C 290 -1.45 -2.41 -7.76
C LEU C 290 -2.36 -2.54 -6.55
N ASP C 291 -2.79 -1.40 -6.01
CA ASP C 291 -3.74 -1.39 -4.91
C ASP C 291 -5.04 -2.06 -5.33
N SER C 292 -5.63 -2.83 -4.43
CA SER C 292 -6.89 -3.53 -4.72
C SER C 292 -8.00 -2.58 -5.17
N PHE C 293 -7.94 -1.34 -4.69
CA PHE C 293 -8.93 -0.31 -5.02
C PHE C 293 -8.61 0.50 -6.29
N ASP C 294 -7.52 0.14 -6.96
CA ASP C 294 -7.11 0.79 -8.21
C ASP C 294 -8.15 0.48 -9.31
N PRO C 295 -8.76 1.52 -9.89
CA PRO C 295 -9.80 1.37 -10.92
C PRO C 295 -9.35 0.53 -12.12
N ILE C 296 -8.05 0.56 -12.42
CA ILE C 296 -7.48 -0.14 -13.57
C ILE C 296 -7.66 -1.67 -13.48
N ASN C 297 -7.95 -2.15 -12.27
CA ASN C 297 -8.26 -3.57 -12.04
C ASN C 297 -9.56 -4.01 -12.69
N SER C 298 -10.48 -3.07 -12.89
CA SER C 298 -11.76 -3.36 -13.53
C SER C 298 -11.61 -3.58 -15.04
N PHE C 299 -10.48 -3.16 -15.60
CA PHE C 299 -10.18 -3.37 -17.01
C PHE C 299 -8.67 -3.32 -17.27
N PRO C 300 -7.95 -4.41 -16.93
CA PRO C 300 -6.49 -4.39 -16.98
C PRO C 300 -5.90 -4.86 -18.30
N THR C 301 -6.73 -4.98 -19.34
CA THR C 301 -6.29 -5.50 -20.63
C THR C 301 -6.62 -4.58 -21.81
N ALA C 302 -6.79 -3.28 -21.53
CA ALA C 302 -7.14 -2.30 -22.56
C ALA C 302 -6.05 -2.11 -23.60
N ILE C 303 -4.79 -2.06 -23.15
CA ILE C 303 -3.64 -2.02 -24.06
C ILE C 303 -3.65 -3.25 -24.98
N GLU C 304 -3.75 -4.42 -24.37
CA GLU C 304 -3.80 -5.71 -25.07
C GLU C 304 -4.86 -5.76 -26.17
N GLU C 305 -6.09 -5.42 -25.82
CA GLU C 305 -7.22 -5.52 -26.75
C GLU C 305 -7.20 -4.44 -27.83
N ALA C 306 -6.47 -3.36 -27.57
CA ALA C 306 -6.25 -2.30 -28.57
C ALA C 306 -5.17 -2.69 -29.57
N VAL C 307 -4.07 -3.24 -29.06
CA VAL C 307 -2.90 -3.58 -29.88
C VAL C 307 -3.16 -4.82 -30.75
N LEU C 308 -3.52 -5.94 -30.13
CA LEU C 308 -3.70 -7.21 -30.83
C LEU C 308 -5.09 -7.39 -31.44
N VAL C 309 -5.12 -7.85 -32.69
CA VAL C 309 -6.36 -8.17 -33.39
C VAL C 309 -7.04 -9.39 -32.75
N ASN C 310 -6.22 -10.37 -32.35
CA ASN C 310 -6.69 -11.54 -31.61
C ASN C 310 -5.98 -11.68 -30.27
N PRO C 311 -6.40 -10.88 -29.26
CA PRO C 311 -5.72 -10.87 -27.97
C PRO C 311 -6.00 -12.12 -27.14
N THR C 312 -4.99 -12.58 -26.40
CA THR C 312 -5.16 -13.75 -25.53
C THR C 312 -5.67 -13.32 -24.18
N GLU C 313 -5.11 -12.23 -23.66
CA GLU C 313 -5.44 -11.72 -22.33
C GLU C 313 -6.68 -10.83 -22.40
N LYS C 314 -7.80 -11.39 -21.95
CA LYS C 314 -9.09 -10.70 -21.95
C LYS C 314 -10.12 -11.54 -21.21
N MET C 315 -11.30 -10.98 -21.01
CA MET C 315 -12.42 -11.72 -20.46
C MET C 315 -13.46 -12.00 -21.54
N PHE C 316 -14.15 -13.12 -21.40
CA PHE C 316 -15.09 -13.57 -22.41
C PHE C 316 -16.54 -13.50 -21.89
N PHE C 317 -17.30 -12.54 -22.41
CA PHE C 317 -18.69 -12.35 -22.01
C PHE C 317 -19.66 -12.71 -23.14
N GLY C 318 -20.80 -13.30 -22.77
CA GLY C 318 -21.90 -13.57 -23.70
C GLY C 318 -21.51 -14.34 -24.95
N ASP C 319 -21.71 -13.71 -26.11
CA ASP C 319 -21.45 -14.34 -27.41
C ASP C 319 -19.96 -14.50 -27.73
N ASP C 320 -19.11 -13.77 -27.01
CA ASP C 320 -17.66 -13.79 -27.22
C ASP C 320 -17.05 -15.06 -26.62
N ILE C 321 -16.97 -16.12 -27.42
CA ILE C 321 -16.39 -17.38 -26.96
C ILE C 321 -14.89 -17.47 -27.27
N PRO C 322 -14.09 -18.01 -26.33
CA PRO C 322 -12.67 -18.21 -26.57
C PRO C 322 -12.40 -19.25 -27.66
N PRO C 323 -11.30 -19.10 -28.42
CA PRO C 323 -10.98 -20.05 -29.48
C PRO C 323 -10.48 -21.37 -28.91
N VAL C 324 -10.56 -22.44 -29.70
CA VAL C 324 -10.02 -23.73 -29.32
C VAL C 324 -8.54 -23.79 -29.72
N ALA C 325 -7.69 -24.08 -28.74
CA ALA C 325 -6.26 -24.23 -28.98
C ALA C 325 -5.98 -25.42 -29.90
N ASN C 326 -5.01 -25.27 -30.79
CA ASN C 326 -4.66 -26.32 -31.75
C ASN C 326 -3.65 -27.33 -31.20
N THR C 327 -2.67 -26.83 -30.46
CA THR C 327 -1.61 -27.67 -29.90
C THR C 327 -1.75 -27.86 -28.39
N GLN C 328 -1.10 -28.92 -27.89
CA GLN C 328 -1.08 -29.24 -26.47
C GLN C 328 -0.23 -28.24 -25.70
N LEU C 329 -0.74 -27.82 -24.54
CA LEU C 329 -0.11 -26.79 -23.70
C LEU C 329 1.38 -27.02 -23.44
N ARG C 330 2.21 -26.14 -24.00
CA ARG C 330 3.68 -26.19 -23.85
C ARG C 330 4.29 -27.45 -24.47
N ASN C 331 3.62 -27.97 -25.50
CA ASN C 331 4.08 -29.15 -26.22
C ASN C 331 3.66 -28.99 -27.69
N PRO C 332 4.31 -28.07 -28.41
CA PRO C 332 3.84 -27.65 -29.74
C PRO C 332 3.92 -28.72 -30.84
N ALA C 333 4.62 -29.82 -30.59
CA ALA C 333 4.68 -30.94 -31.54
C ALA C 333 3.47 -31.89 -31.37
N VAL C 334 2.75 -31.71 -30.27
CA VAL C 334 1.56 -32.51 -30.01
C VAL C 334 0.32 -31.70 -30.35
N ARG C 335 -0.39 -32.15 -31.37
CA ARG C 335 -1.65 -31.54 -31.77
C ARG C 335 -2.78 -32.19 -30.97
N ASN C 336 -3.67 -31.35 -30.43
CA ASN C 336 -4.85 -31.86 -29.75
C ASN C 336 -5.71 -32.64 -30.72
N THR C 337 -6.18 -33.81 -30.30
CA THR C 337 -7.02 -34.67 -31.16
C THR C 337 -8.36 -33.97 -31.44
N PRO C 338 -9.07 -34.39 -32.52
CA PRO C 338 -10.40 -33.84 -32.82
C PRO C 338 -11.41 -34.00 -31.67
N GLU C 339 -11.29 -35.07 -30.90
CA GLU C 339 -12.15 -35.30 -29.74
C GLU C 339 -11.77 -34.39 -28.57
N GLN C 340 -10.47 -34.13 -28.44
CA GLN C 340 -9.95 -33.21 -27.41
C GLN C 340 -10.36 -31.77 -27.71
N LYS C 341 -10.36 -31.40 -28.99
CA LYS C 341 -10.80 -30.07 -29.42
C LYS C 341 -12.31 -29.89 -29.19
N ALA C 342 -13.06 -30.96 -29.38
CA ALA C 342 -14.50 -30.94 -29.13
C ALA C 342 -14.81 -30.78 -27.64
N ALA C 343 -14.01 -31.44 -26.80
CA ALA C 343 -14.13 -31.31 -25.34
C ALA C 343 -13.78 -29.89 -24.87
N LEU C 344 -12.72 -29.32 -25.45
CA LEU C 344 -12.30 -27.97 -25.11
C LEU C 344 -13.36 -26.93 -25.49
N LYS C 345 -13.94 -27.10 -26.67
CA LYS C 345 -15.03 -26.23 -27.13
C LYS C 345 -16.23 -26.33 -26.20
N ALA C 346 -16.58 -27.56 -25.81
CA ALA C 346 -17.71 -27.82 -24.91
C ALA C 346 -17.54 -27.15 -23.55
N GLU C 347 -16.34 -27.27 -22.98
CA GLU C 347 -16.03 -26.66 -21.68
C GLU C 347 -15.93 -25.13 -21.77
N GLN C 348 -15.51 -24.63 -22.92
CA GLN C 348 -15.44 -23.19 -23.16
C GLN C 348 -16.82 -22.58 -23.44
N ALA C 349 -17.75 -23.41 -23.90
CA ALA C 349 -19.12 -22.97 -24.20
C ALA C 349 -19.93 -22.72 -22.93
N THR C 350 -19.53 -23.37 -21.84
CA THR C 350 -20.22 -23.28 -20.56
C THR C 350 -20.24 -21.85 -20.03
N GLU C 351 -21.42 -21.42 -19.58
CA GLU C 351 -21.61 -20.08 -19.05
C GLU C 351 -21.48 -20.08 -17.53
N PHE C 352 -20.61 -19.21 -17.04
CA PHE C 352 -20.42 -19.01 -15.60
C PHE C 352 -21.09 -17.72 -15.17
N TYR C 353 -21.72 -17.75 -13.99
CA TYR C 353 -22.46 -16.61 -13.49
C TYR C 353 -22.08 -16.25 -12.06
N VAL C 354 -21.94 -14.95 -11.82
CA VAL C 354 -21.70 -14.42 -10.49
C VAL C 354 -22.90 -14.73 -9.58
N HIS C 355 -22.61 -15.25 -8.39
CA HIS C 355 -23.63 -15.43 -7.38
C HIS C 355 -23.58 -14.28 -6.37
N THR C 356 -24.53 -13.36 -6.50
CA THR C 356 -24.55 -12.10 -5.76
C THR C 356 -24.54 -12.25 -4.22
N PRO C 357 -25.33 -13.20 -3.66
CA PRO C 357 -25.32 -13.37 -2.21
C PRO C 357 -23.92 -13.64 -1.62
N MET C 358 -23.16 -14.53 -2.24
CA MET C 358 -21.82 -14.86 -1.75
C MET C 358 -20.85 -13.69 -1.90
N VAL C 359 -20.97 -12.98 -3.03
CA VAL C 359 -20.16 -11.78 -3.27
C VAL C 359 -20.42 -10.74 -2.19
N GLN C 360 -21.69 -10.54 -1.87
CA GLN C 360 -22.10 -9.61 -0.83
C GLN C 360 -21.66 -10.07 0.55
N PHE C 361 -21.66 -11.39 0.77
CA PHE C 361 -21.18 -11.96 2.02
C PHE C 361 -19.69 -11.69 2.24
N TYR C 362 -18.88 -11.90 1.20
CA TYR C 362 -17.46 -11.55 1.25
C TYR C 362 -17.27 -10.06 1.52
N GLU C 363 -17.96 -9.23 0.72
CA GLU C 363 -17.93 -7.77 0.87
C GLU C 363 -18.21 -7.30 2.29
N THR C 364 -19.28 -7.85 2.88
CA THR C 364 -19.73 -7.44 4.21
C THR C 364 -18.74 -7.87 5.28
N LEU C 365 -18.23 -9.10 5.16
CA LEU C 365 -17.19 -9.61 6.06
C LEU C 365 -15.93 -8.74 6.02
N GLY C 366 -15.50 -8.37 4.81
CA GLY C 366 -14.27 -7.63 4.61
C GLY C 366 -13.11 -8.57 4.35
N LYS C 367 -12.00 -8.02 3.84
CA LYS C 367 -10.82 -8.82 3.53
C LYS C 367 -10.10 -9.32 4.79
N ASP C 368 -10.08 -8.48 5.83
CA ASP C 368 -9.37 -8.79 7.07
C ASP C 368 -10.02 -9.92 7.85
N ARG C 369 -11.35 -9.91 7.91
CA ARG C 369 -12.10 -10.97 8.60
C ARG C 369 -12.15 -12.27 7.78
N ILE C 370 -12.08 -12.15 6.45
CA ILE C 370 -11.91 -13.32 5.58
C ILE C 370 -10.54 -13.96 5.86
N LEU C 371 -9.52 -13.12 6.00
CA LEU C 371 -8.17 -13.57 6.37
C LEU C 371 -8.13 -14.18 7.76
N GLU C 372 -9.01 -13.70 8.63
CA GLU C 372 -9.08 -14.19 10.00
C GLU C 372 -9.79 -15.54 10.04
N LEU C 373 -10.82 -15.69 9.20
CA LEU C 373 -11.63 -16.90 9.18
C LEU C 373 -11.00 -18.02 8.36
N MET C 374 -10.46 -17.67 7.20
CA MET C 374 -9.98 -18.68 6.25
C MET C 374 -8.45 -18.75 6.13
N GLY C 375 -7.77 -17.66 6.46
CA GLY C 375 -6.32 -17.64 6.45
C GLY C 375 -5.76 -17.78 7.85
N ALA C 376 -4.84 -16.89 8.22
CA ALA C 376 -4.21 -16.89 9.53
C ALA C 376 -4.54 -15.64 10.35
N GLY C 377 -5.09 -14.62 9.69
CA GLY C 377 -5.47 -13.37 10.33
C GLY C 377 -4.30 -12.41 10.51
N THR C 378 -4.41 -11.55 11.52
CA THR C 378 -3.35 -10.60 11.86
C THR C 378 -2.24 -11.32 12.62
N LEU C 379 -1.00 -11.15 12.17
CA LEU C 379 0.12 -11.89 12.74
C LEU C 379 0.93 -11.11 13.76
N ASN C 380 0.88 -11.57 15.01
CA ASN C 380 1.68 -11.03 16.09
C ASN C 380 3.02 -11.78 16.11
N LYS C 381 4.04 -11.19 15.49
CA LYS C 381 5.36 -11.82 15.34
C LYS C 381 6.00 -12.26 16.65
N GLU C 382 5.84 -11.44 17.69
CA GLU C 382 6.44 -11.70 19.01
C GLU C 382 5.88 -12.97 19.67
N LEU C 383 4.66 -13.35 19.30
CA LEU C 383 4.00 -14.53 19.86
C LEU C 383 4.06 -15.72 18.91
N LEU C 384 4.86 -15.60 17.86
CA LEU C 384 4.96 -16.64 16.84
C LEU C 384 6.39 -17.12 16.63
N ASN C 385 6.53 -18.43 16.39
CA ASN C 385 7.79 -19.02 15.96
C ASN C 385 8.12 -18.52 14.56
N ASP C 386 9.41 -18.25 14.32
CA ASP C 386 9.88 -17.70 13.05
C ASP C 386 9.48 -18.53 11.83
N ASN C 387 9.61 -19.85 11.95
CA ASN C 387 9.25 -20.77 10.87
C ASN C 387 7.74 -20.90 10.68
N HIS C 388 7.01 -20.86 11.80
CA HIS C 388 5.55 -20.89 11.80
C HIS C 388 4.98 -19.62 11.16
N ALA C 389 5.60 -18.48 11.47
CA ALA C 389 5.20 -17.19 10.92
C ALA C 389 5.41 -17.14 9.41
N LYS C 390 6.46 -17.81 8.94
CA LYS C 390 6.74 -17.92 7.51
C LYS C 390 5.69 -18.79 6.82
N SER C 391 5.19 -19.79 7.55
CA SER C 391 4.19 -20.73 7.04
C SER C 391 2.81 -20.07 6.95
N LEU C 392 2.47 -19.27 7.96
CA LEU C 392 1.17 -18.60 8.05
C LEU C 392 1.02 -17.45 7.05
N GLU C 393 2.12 -16.75 6.78
CA GLU C 393 2.14 -15.65 5.81
C GLU C 393 1.74 -16.11 4.40
N GLY C 394 2.14 -17.34 4.06
CA GLY C 394 1.80 -17.93 2.77
C GLY C 394 0.33 -18.26 2.65
N LYS C 395 -0.24 -18.82 3.71
CA LYS C 395 -1.66 -19.11 3.76
C LYS C 395 -2.49 -17.84 3.64
N ASN C 396 -1.97 -16.75 4.21
CA ASN C 396 -2.59 -15.43 4.10
C ASN C 396 -2.58 -14.86 2.70
N ARG C 397 -1.41 -14.85 2.05
CA ARG C 397 -1.28 -14.28 0.72
C ARG C 397 -2.09 -15.05 -0.32
N SER C 398 -2.24 -16.36 -0.10
CA SER C 398 -3.01 -17.22 -0.99
C SER C 398 -4.48 -16.82 -1.00
N VAL C 399 -5.03 -16.60 0.19
CA VAL C 399 -6.43 -16.17 0.35
C VAL C 399 -6.59 -14.70 -0.07
N GLU C 400 -5.64 -13.86 0.32
CA GLU C 400 -5.68 -12.42 0.00
C GLU C 400 -5.62 -12.15 -1.50
N ASP C 401 -4.67 -12.78 -2.20
CA ASP C 401 -4.50 -12.58 -3.64
C ASP C 401 -5.69 -13.13 -4.45
N SER C 402 -6.30 -14.19 -3.94
CA SER C 402 -7.49 -14.75 -4.58
C SER C 402 -8.75 -13.94 -4.27
N TYR C 403 -8.77 -13.31 -3.10
CA TYR C 403 -9.83 -12.36 -2.74
C TYR C 403 -9.76 -11.16 -3.68
N ASN C 404 -8.59 -10.52 -3.73
CA ASN C 404 -8.36 -9.37 -4.60
C ASN C 404 -8.65 -9.68 -6.06
N GLN C 405 -8.23 -10.87 -6.51
CA GLN C 405 -8.43 -11.31 -7.88
C GLN C 405 -9.91 -11.45 -8.21
N LEU C 406 -10.68 -12.00 -7.28
CA LEU C 406 -12.12 -12.17 -7.45
C LEU C 406 -12.82 -10.83 -7.70
N PHE C 407 -12.52 -9.86 -6.84
CA PHE C 407 -13.23 -8.59 -6.86
C PHE C 407 -12.88 -7.68 -8.04
N SER C 408 -11.67 -7.82 -8.57
CA SER C 408 -11.30 -7.12 -9.79
C SER C 408 -12.09 -7.68 -10.98
N VAL C 409 -12.28 -9.00 -10.98
CA VAL C 409 -13.13 -9.67 -11.97
C VAL C 409 -14.57 -9.19 -11.83
N ILE C 410 -15.08 -9.20 -10.59
CA ILE C 410 -16.45 -8.74 -10.29
C ILE C 410 -16.68 -7.30 -10.77
N GLU C 411 -15.70 -6.43 -10.54
CA GLU C 411 -15.74 -5.04 -10.99
C GLU C 411 -15.98 -4.91 -12.50
N GLN C 412 -15.34 -5.78 -13.29
CA GLN C 412 -15.52 -5.78 -14.74
C GLN C 412 -16.89 -6.33 -15.14
N VAL C 413 -17.33 -7.37 -14.43
CA VAL C 413 -18.63 -8.00 -14.67
C VAL C 413 -19.78 -7.05 -14.36
N ARG C 414 -19.65 -6.31 -13.25
CA ARG C 414 -20.67 -5.35 -12.81
C ARG C 414 -20.96 -4.26 -13.85
N ALA C 415 -19.95 -3.93 -14.66
CA ALA C 415 -20.07 -2.88 -15.67
C ALA C 415 -20.79 -3.35 -16.93
N GLN C 416 -20.86 -4.66 -17.15
CA GLN C 416 -21.39 -5.24 -18.40
C GLN C 416 -22.91 -5.10 -18.56
N SER C 417 -23.63 -5.10 -17.44
CA SER C 417 -25.07 -4.80 -17.42
C SER C 417 -25.52 -4.47 -15.99
N GLU C 418 -26.76 -4.02 -15.86
CA GLU C 418 -27.28 -3.60 -14.55
C GLU C 418 -27.55 -4.75 -13.58
N ASP C 419 -27.88 -5.93 -14.12
CA ASP C 419 -28.03 -7.13 -13.30
C ASP C 419 -26.83 -8.06 -13.47
N ILE C 420 -25.96 -8.07 -12.46
CA ILE C 420 -24.67 -8.78 -12.52
C ILE C 420 -24.79 -10.30 -12.72
N SER C 421 -25.81 -10.91 -12.14
CA SER C 421 -25.98 -12.37 -12.17
C SER C 421 -26.53 -12.91 -13.50
N THR C 422 -26.68 -12.05 -14.49
CA THR C 422 -27.13 -12.45 -15.82
C THR C 422 -26.05 -12.22 -16.89
N VAL C 423 -24.86 -11.84 -16.44
CA VAL C 423 -23.72 -11.68 -17.34
C VAL C 423 -23.01 -13.03 -17.48
N PRO C 424 -23.01 -13.59 -18.71
CA PRO C 424 -22.36 -14.88 -18.94
C PRO C 424 -20.85 -14.75 -19.07
N ILE C 425 -20.12 -15.58 -18.32
CA ILE C 425 -18.66 -15.57 -18.37
C ILE C 425 -18.15 -16.91 -18.91
N HIS C 426 -17.27 -16.83 -19.92
CA HIS C 426 -16.62 -18.03 -20.46
C HIS C 426 -15.15 -18.04 -20.10
N TYR C 427 -14.62 -19.23 -19.86
CA TYR C 427 -13.21 -19.38 -19.51
C TYR C 427 -12.43 -20.13 -20.59
N ALA C 428 -11.19 -19.69 -20.81
CA ALA C 428 -10.31 -20.36 -21.75
C ALA C 428 -9.78 -21.63 -21.10
N TYR C 429 -9.75 -22.70 -21.90
CA TYR C 429 -9.20 -23.98 -21.48
C TYR C 429 -8.11 -24.42 -22.46
N ASN C 430 -7.15 -25.18 -21.95
CA ASN C 430 -6.19 -25.86 -22.82
C ASN C 430 -5.91 -27.27 -22.29
N MET C 431 -5.42 -28.14 -23.16
CA MET C 431 -5.13 -29.52 -22.80
C MET C 431 -3.65 -29.66 -22.43
N THR C 432 -3.40 -30.20 -21.23
CA THR C 432 -2.04 -30.36 -20.73
C THR C 432 -1.40 -31.67 -21.21
N ARG C 433 -0.14 -31.86 -20.83
CA ARG C 433 0.63 -33.07 -21.16
C ARG C 433 -0.04 -34.35 -20.68
N VAL C 434 -0.76 -34.26 -19.57
CA VAL C 434 -1.36 -35.43 -18.93
C VAL C 434 -2.83 -35.64 -19.32
N GLY C 435 -3.31 -34.89 -20.32
CA GLY C 435 -4.68 -35.04 -20.84
C GLY C 435 -5.75 -34.38 -20.01
N ARG C 436 -5.36 -33.49 -19.11
CA ARG C 436 -6.31 -32.78 -18.26
C ARG C 436 -6.73 -31.44 -18.88
N MET C 437 -8.00 -31.09 -18.69
CA MET C 437 -8.54 -29.83 -19.18
C MET C 437 -8.38 -28.75 -18.12
N GLN C 438 -7.46 -27.83 -18.36
CA GLN C 438 -7.09 -26.83 -17.36
C GLN C 438 -7.56 -25.44 -17.75
N MET C 439 -8.27 -24.77 -16.84
CA MET C 439 -8.58 -23.36 -16.97
C MET C 439 -7.30 -22.53 -16.99
N LEU C 440 -7.23 -21.56 -17.88
CA LEU C 440 -6.13 -20.60 -17.89
C LEU C 440 -6.22 -19.68 -16.68
N GLY C 441 -5.06 -19.32 -16.13
CA GLY C 441 -5.01 -18.38 -15.00
C GLY C 441 -4.75 -19.01 -13.65
N LYS C 442 -4.15 -18.22 -12.76
CA LYS C 442 -3.80 -18.67 -11.41
C LYS C 442 -5.03 -18.85 -10.52
N TYR C 443 -5.94 -17.88 -10.56
CA TYR C 443 -7.12 -17.89 -9.68
C TYR C 443 -8.44 -17.87 -10.47
N ASN C 444 -8.99 -19.06 -10.69
CA ASN C 444 -10.23 -19.25 -11.43
C ASN C 444 -11.09 -20.30 -10.71
N PRO C 445 -12.39 -20.42 -11.09
CA PRO C 445 -13.30 -21.38 -10.44
C PRO C 445 -12.71 -22.78 -10.25
N GLN C 446 -11.85 -23.19 -11.17
CA GLN C 446 -11.22 -24.51 -11.11
C GLN C 446 -10.07 -24.57 -10.11
N SER C 447 -9.30 -23.49 -10.01
CA SER C 447 -8.09 -23.47 -9.18
C SER C 447 -8.28 -22.91 -7.76
N ALA C 448 -9.14 -21.90 -7.63
CA ALA C 448 -9.29 -21.18 -6.36
C ALA C 448 -10.64 -21.41 -5.73
N LYS C 449 -10.62 -21.96 -4.52
CA LYS C 449 -11.84 -22.32 -3.80
C LYS C 449 -12.72 -21.13 -3.40
N LEU C 450 -12.08 -20.00 -3.12
CA LEU C 450 -12.80 -18.75 -2.82
C LEU C 450 -13.63 -18.33 -4.03
N VAL C 451 -13.03 -18.47 -5.21
CA VAL C 451 -13.65 -18.07 -6.47
C VAL C 451 -14.74 -19.06 -6.89
N ARG C 452 -14.49 -20.34 -6.62
CA ARG C 452 -15.42 -21.41 -6.95
C ARG C 452 -16.80 -21.26 -6.32
N GLU C 453 -16.88 -20.54 -5.19
CA GLU C 453 -18.15 -20.32 -4.51
C GLU C 453 -18.85 -19.02 -4.91
N ALA C 454 -18.17 -18.18 -5.70
CA ALA C 454 -18.74 -16.91 -6.13
C ALA C 454 -19.10 -16.86 -7.61
N ILE C 455 -18.39 -17.64 -8.42
CA ILE C 455 -18.65 -17.70 -9.87
C ILE C 455 -18.94 -19.15 -10.28
N LEU C 456 -20.21 -19.45 -10.49
CA LEU C 456 -20.69 -20.83 -10.67
C LEU C 456 -21.31 -21.05 -12.04
N PRO C 457 -21.09 -22.24 -12.64
CA PRO C 457 -21.81 -22.62 -13.85
C PRO C 457 -23.11 -23.36 -13.50
N THR C 458 -23.17 -23.85 -12.27
CA THR C 458 -24.28 -24.66 -11.79
C THR C 458 -25.47 -23.80 -11.42
N LYS C 459 -26.67 -24.26 -11.78
CA LYS C 459 -27.92 -23.55 -11.47
C LYS C 459 -29.07 -24.54 -11.40
N ALA C 460 -29.94 -24.37 -10.41
CA ALA C 460 -31.12 -25.21 -10.26
C ALA C 460 -32.32 -24.43 -9.74
N THR C 461 -33.48 -24.78 -10.25
CA THR C 461 -34.76 -24.29 -9.74
C THR C 461 -35.41 -25.47 -9.01
N LEU C 462 -35.68 -25.27 -7.72
CA LEU C 462 -36.18 -26.37 -6.87
C LEU C 462 -37.46 -26.01 -6.14
N ASP C 463 -38.36 -26.98 -6.06
CA ASP C 463 -39.55 -26.89 -5.23
C ASP C 463 -39.19 -27.38 -3.83
N LEU C 464 -38.87 -26.44 -2.95
CA LEU C 464 -38.44 -26.77 -1.59
C LEU C 464 -39.52 -26.50 -0.54
N SER C 465 -40.76 -26.25 -1.00
CA SER C 465 -41.88 -26.03 -0.09
C SER C 465 -42.28 -27.31 0.65
N ASN C 466 -42.08 -28.45 -0.01
CA ASN C 466 -42.35 -29.76 0.59
C ASN C 466 -41.02 -30.48 0.88
N GLN C 467 -40.81 -30.84 2.14
CA GLN C 467 -39.53 -31.41 2.57
C GLN C 467 -39.41 -32.92 2.36
N ASN C 468 -40.41 -33.51 1.69
CA ASN C 468 -40.44 -34.95 1.44
C ASN C 468 -40.22 -35.30 -0.04
N ASN C 469 -40.12 -34.28 -0.87
CA ASN C 469 -39.91 -34.45 -2.30
C ASN C 469 -38.44 -34.70 -2.65
N GLU C 470 -38.19 -35.21 -3.84
CA GLU C 470 -36.82 -35.48 -4.31
C GLU C 470 -35.99 -34.21 -4.48
N ASP C 471 -36.66 -33.08 -4.70
CA ASP C 471 -35.99 -31.79 -4.83
C ASP C 471 -35.32 -31.35 -3.53
N PHE C 472 -36.02 -31.55 -2.41
CA PHE C 472 -35.47 -31.22 -1.09
C PHE C 472 -34.35 -32.18 -0.69
N SER C 473 -34.44 -33.43 -1.15
CA SER C 473 -33.39 -34.41 -0.93
C SER C 473 -32.09 -34.01 -1.64
N ALA C 474 -32.22 -33.46 -2.85
CA ALA C 474 -31.08 -32.99 -3.64
C ALA C 474 -30.40 -31.79 -2.99
N PHE C 475 -31.23 -30.88 -2.45
CA PHE C 475 -30.76 -29.73 -1.70
C PHE C 475 -30.01 -30.20 -0.45
N GLN C 476 -30.57 -31.19 0.24
CA GLN C 476 -29.95 -31.77 1.43
C GLN C 476 -28.57 -32.38 1.15
N LEU C 477 -28.48 -33.15 0.08
CA LEU C 477 -27.23 -33.77 -0.35
C LEU C 477 -26.14 -32.74 -0.64
N GLY C 478 -26.55 -31.61 -1.22
CA GLY C 478 -25.63 -30.51 -1.52
C GLY C 478 -25.11 -29.80 -0.30
N LEU C 479 -25.97 -29.61 0.71
CA LEU C 479 -25.58 -28.95 1.95
C LEU C 479 -24.69 -29.84 2.79
N ALA C 480 -25.10 -31.09 2.97
CA ALA C 480 -24.36 -32.08 3.76
C ALA C 480 -22.92 -32.28 3.26
N GLN C 481 -22.75 -32.37 1.95
CA GLN C 481 -21.42 -32.55 1.36
C GLN C 481 -20.55 -31.32 1.60
N ALA C 482 -21.14 -30.14 1.41
CA ALA C 482 -20.46 -28.88 1.66
C ALA C 482 -20.06 -28.73 3.13
N LEU C 483 -20.85 -29.34 4.01
CA LEU C 483 -20.63 -29.31 5.45
C LEU C 483 -19.77 -30.49 5.93
N ASP C 484 -19.03 -31.09 5.00
CA ASP C 484 -18.09 -32.20 5.25
C ASP C 484 -18.69 -33.48 5.84
N ILE C 485 -20.00 -33.68 5.65
CA ILE C 485 -20.62 -34.98 5.90
C ILE C 485 -20.25 -35.88 4.71
N LYS C 486 -19.72 -37.06 5.00
CA LYS C 486 -19.25 -37.97 3.96
C LYS C 486 -20.43 -38.67 3.30
N VAL C 487 -21.01 -38.00 2.31
CA VAL C 487 -22.30 -38.36 1.73
C VAL C 487 -22.33 -39.65 0.91
N HIS C 488 -21.18 -40.03 0.34
CA HIS C 488 -21.07 -41.24 -0.46
C HIS C 488 -20.88 -42.50 0.40
N THR C 489 -20.70 -42.31 1.71
CA THR C 489 -20.52 -43.43 2.63
C THR C 489 -21.84 -43.83 3.30
N MET C 490 -22.92 -43.17 2.93
CA MET C 490 -24.23 -43.39 3.55
C MET C 490 -25.38 -43.15 2.57
N THR C 491 -26.51 -43.78 2.81
CA THR C 491 -27.71 -43.59 1.99
C THR C 491 -28.34 -42.22 2.25
N ARG C 492 -29.21 -41.78 1.35
CA ARG C 492 -29.91 -40.49 1.46
C ARG C 492 -30.62 -40.32 2.80
N GLU C 493 -31.33 -41.36 3.22
CA GLU C 493 -32.14 -41.33 4.44
C GLU C 493 -31.31 -41.11 5.69
N VAL C 494 -30.17 -41.80 5.77
CA VAL C 494 -29.24 -41.66 6.88
C VAL C 494 -28.53 -40.30 6.80
N MET C 495 -28.18 -39.89 5.58
CA MET C 495 -27.62 -38.57 5.31
C MET C 495 -28.56 -37.46 5.81
N SER C 496 -29.85 -37.65 5.55
CA SER C 496 -30.88 -36.69 5.95
C SER C 496 -30.94 -36.46 7.46
N ASP C 497 -30.84 -37.55 8.23
CA ASP C 497 -30.89 -37.48 9.69
C ASP C 497 -29.68 -36.77 10.29
N GLU C 498 -28.51 -36.98 9.69
CA GLU C 498 -27.27 -36.36 10.16
C GLU C 498 -27.22 -34.86 9.89
N LEU C 499 -27.72 -34.46 8.73
CA LEU C 499 -27.76 -33.05 8.36
C LEU C 499 -28.76 -32.29 9.23
N THR C 500 -29.95 -32.86 9.40
CA THR C 500 -31.00 -32.27 10.24
C THR C 500 -30.52 -32.10 11.67
N LYS C 501 -29.77 -33.10 12.15
CA LYS C 501 -29.17 -33.05 13.49
C LYS C 501 -28.11 -31.94 13.57
N LEU C 502 -27.35 -31.78 12.49
CA LEU C 502 -26.30 -30.77 12.43
C LEU C 502 -26.85 -29.34 12.30
N LEU C 503 -27.88 -29.17 11.48
CA LEU C 503 -28.50 -27.86 11.25
C LEU C 503 -29.23 -27.30 12.47
N GLU C 504 -29.85 -28.19 13.24
CA GLU C 504 -30.54 -27.82 14.48
C GLU C 504 -29.58 -27.81 15.68
N GLY C 505 -28.38 -28.35 15.47
CA GLY C 505 -27.36 -28.44 16.52
C GLY C 505 -26.34 -27.33 16.46
N ASN C 506 -25.09 -27.70 16.19
CA ASN C 506 -23.96 -26.76 16.20
C ASN C 506 -24.01 -25.63 15.17
N LEU C 507 -24.70 -25.85 14.06
CA LEU C 507 -24.79 -24.85 13.00
C LEU C 507 -25.85 -23.78 13.24
N LYS C 508 -26.85 -24.12 14.05
CA LYS C 508 -28.00 -23.23 14.31
C LYS C 508 -27.64 -21.75 14.58
N PRO C 509 -26.66 -21.47 15.47
CA PRO C 509 -26.26 -20.08 15.69
C PRO C 509 -25.69 -19.37 14.45
N ALA C 510 -24.96 -20.11 13.62
CA ALA C 510 -24.45 -19.57 12.35
C ALA C 510 -25.59 -19.34 11.35
N ILE C 511 -26.53 -20.30 11.31
CA ILE C 511 -27.73 -20.18 10.49
C ILE C 511 -28.53 -18.93 10.87
N ASP C 512 -28.75 -18.74 12.18
CA ASP C 512 -29.49 -17.59 12.69
C ASP C 512 -28.80 -16.26 12.36
N MET C 513 -27.47 -16.28 12.31
CA MET C 513 -26.68 -15.13 11.90
C MET C 513 -26.85 -14.86 10.41
N MET C 514 -26.92 -15.93 9.62
CA MET C 514 -27.02 -15.83 8.18
C MET C 514 -28.43 -15.54 7.70
N VAL C 515 -29.41 -15.91 8.53
CA VAL C 515 -30.82 -15.56 8.30
C VAL C 515 -31.00 -14.04 8.40
N GLU C 516 -30.40 -13.45 9.42
CA GLU C 516 -30.45 -12.01 9.63
C GLU C 516 -29.71 -11.23 8.53
N PHE C 517 -28.64 -11.82 8.00
CA PHE C 517 -27.90 -11.22 6.89
C PHE C 517 -28.75 -11.11 5.63
N ASN C 518 -29.48 -12.17 5.29
CA ASN C 518 -30.36 -12.17 4.14
C ASN C 518 -31.65 -11.38 4.39
N THR C 519 -31.80 -10.88 5.62
CA THR C 519 -32.95 -10.07 5.99
C THR C 519 -32.62 -8.57 5.96
N THR C 520 -31.47 -8.21 6.55
CA THR C 520 -31.07 -6.80 6.66
C THR C 520 -29.84 -6.44 5.84
N GLY C 521 -28.99 -7.43 5.59
CA GLY C 521 -27.76 -7.21 4.81
C GLY C 521 -26.54 -6.90 5.65
N SER C 522 -26.67 -7.03 6.97
CA SER C 522 -25.56 -6.73 7.88
C SER C 522 -25.16 -7.90 8.78
N LEU C 523 -23.88 -7.92 9.16
CA LEU C 523 -23.32 -8.96 10.02
C LEU C 523 -22.90 -8.37 11.37
N PRO C 524 -22.99 -9.17 12.45
CA PRO C 524 -22.55 -8.70 13.77
C PRO C 524 -21.03 -8.61 13.86
N GLU C 525 -20.54 -7.93 14.91
CA GLU C 525 -19.10 -7.75 15.11
C GLU C 525 -18.38 -9.03 15.48
N ASN C 526 -19.13 -10.01 16.01
CA ASN C 526 -18.58 -11.30 16.38
C ASN C 526 -18.78 -12.41 15.32
N ALA C 527 -18.96 -12.00 14.06
CA ALA C 527 -19.27 -12.92 12.96
C ALA C 527 -18.25 -14.05 12.78
N VAL C 528 -16.95 -13.72 12.88
CA VAL C 528 -15.88 -14.72 12.75
C VAL C 528 -15.99 -15.77 13.86
N ASP C 529 -16.15 -15.30 15.10
CA ASP C 529 -16.30 -16.19 16.26
C ASP C 529 -17.49 -17.14 16.10
N VAL C 530 -18.63 -16.59 15.67
CA VAL C 530 -19.85 -17.37 15.46
C VAL C 530 -19.64 -18.47 14.41
N LEU C 531 -18.98 -18.12 13.31
CA LEU C 531 -18.71 -19.07 12.23
C LEU C 531 -17.70 -20.14 12.61
N ASN C 532 -16.65 -19.76 13.34
CA ASN C 532 -15.62 -20.70 13.83
C ASN C 532 -16.16 -21.73 14.81
N THR C 533 -16.90 -21.26 15.81
CA THR C 533 -17.47 -22.12 16.84
C THR C 533 -18.46 -23.11 16.25
N ALA C 534 -19.28 -22.64 15.31
CA ALA C 534 -20.29 -23.45 14.65
C ALA C 534 -19.69 -24.49 13.71
N LEU C 535 -18.74 -24.06 12.88
CA LEU C 535 -18.19 -24.91 11.84
C LEU C 535 -17.14 -25.91 12.33
N GLY C 536 -16.19 -25.44 13.13
CA GLY C 536 -15.10 -26.28 13.60
C GLY C 536 -14.21 -26.76 12.47
N ASP C 537 -14.09 -28.09 12.33
CA ASP C 537 -13.25 -28.68 11.30
C ASP C 537 -13.95 -28.83 9.94
N ARG C 538 -15.24 -28.49 9.90
CA ARG C 538 -16.02 -28.54 8.65
C ARG C 538 -15.80 -27.26 7.84
N LYS C 539 -15.19 -26.25 8.47
CA LYS C 539 -14.93 -24.95 7.87
C LYS C 539 -14.24 -25.03 6.51
N SER C 540 -14.85 -24.37 5.53
CA SER C 540 -14.34 -24.26 4.15
C SER C 540 -15.18 -23.21 3.43
N PHE C 541 -14.73 -22.79 2.26
CA PHE C 541 -15.48 -21.83 1.44
C PHE C 541 -16.82 -22.40 0.97
N VAL C 542 -16.83 -23.68 0.60
CA VAL C 542 -18.06 -24.35 0.18
C VAL C 542 -19.06 -24.51 1.34
N ALA C 543 -18.55 -24.54 2.56
CA ALA C 543 -19.39 -24.62 3.77
C ALA C 543 -20.10 -23.30 4.04
N LEU C 544 -19.41 -22.18 3.77
CA LEU C 544 -20.00 -20.86 3.89
C LEU C 544 -21.13 -20.69 2.88
N MET C 545 -20.91 -21.23 1.67
CA MET C 545 -21.95 -21.31 0.65
C MET C 545 -23.19 -22.07 1.15
N ALA C 546 -22.95 -23.17 1.87
CA ALA C 546 -24.03 -24.00 2.43
C ALA C 546 -24.85 -23.25 3.48
N LEU C 547 -24.18 -22.52 4.36
CA LEU C 547 -24.86 -21.71 5.36
C LEU C 547 -25.67 -20.60 4.68
N MET C 548 -25.04 -19.96 3.70
CA MET C 548 -25.68 -18.92 2.89
C MET C 548 -26.93 -19.46 2.20
N GLU C 549 -26.79 -20.58 1.48
CA GLU C 549 -27.90 -21.12 0.70
C GLU C 549 -29.05 -21.65 1.54
N TYR C 550 -28.72 -22.31 2.66
CA TYR C 550 -29.76 -22.79 3.56
C TYR C 550 -30.53 -21.64 4.22
N SER C 551 -29.81 -20.59 4.62
CA SER C 551 -30.44 -19.42 5.23
C SER C 551 -31.25 -18.61 4.22
N ARG C 552 -30.80 -18.58 2.96
CA ARG C 552 -31.59 -17.99 1.89
C ARG C 552 -32.91 -18.72 1.71
N TYR C 553 -32.86 -20.05 1.76
CA TYR C 553 -34.05 -20.90 1.68
C TYR C 553 -35.08 -20.57 2.76
N LEU C 554 -34.61 -20.35 3.99
CA LEU C 554 -35.50 -20.07 5.12
C LEU C 554 -36.25 -18.74 4.99
N VAL C 555 -35.57 -17.73 4.45
CA VAL C 555 -36.15 -16.38 4.32
C VAL C 555 -36.84 -16.16 2.98
N ALA C 556 -36.67 -17.11 2.05
CA ALA C 556 -37.20 -16.98 0.69
C ALA C 556 -38.71 -16.86 0.66
N GLU C 557 -39.21 -15.88 -0.11
CA GLU C 557 -40.64 -15.66 -0.26
C GLU C 557 -41.27 -16.68 -1.20
N ASP C 558 -40.43 -17.34 -2.01
CA ASP C 558 -40.89 -18.37 -2.93
C ASP C 558 -40.06 -19.63 -2.77
N LYS C 559 -40.39 -20.41 -1.75
CA LYS C 559 -39.76 -21.70 -1.49
C LYS C 559 -40.16 -22.74 -2.56
N SER C 560 -41.27 -22.47 -3.24
CA SER C 560 -41.81 -23.37 -4.26
C SER C 560 -41.02 -23.36 -5.57
N ALA C 561 -40.22 -22.31 -5.77
CA ALA C 561 -39.36 -22.22 -6.95
C ALA C 561 -38.05 -21.53 -6.59
N PHE C 562 -37.32 -22.13 -5.65
CA PHE C 562 -36.07 -21.59 -5.16
C PHE C 562 -34.96 -21.81 -6.17
N VAL C 563 -34.24 -20.75 -6.49
CA VAL C 563 -33.14 -20.79 -7.45
C VAL C 563 -31.81 -20.75 -6.72
N THR C 564 -30.94 -21.73 -7.02
CA THR C 564 -29.69 -21.86 -6.28
C THR C 564 -28.57 -22.44 -7.17
N PRO C 565 -27.34 -21.93 -7.00
CA PRO C 565 -26.17 -22.50 -7.68
C PRO C 565 -25.49 -23.61 -6.88
N LEU C 566 -25.98 -23.88 -5.67
CA LEU C 566 -25.44 -24.92 -4.80
C LEU C 566 -25.32 -26.24 -5.55
N TYR C 567 -24.14 -26.85 -5.48
CA TYR C 567 -23.82 -28.02 -6.29
C TYR C 567 -23.52 -29.27 -5.46
N VAL C 568 -23.60 -30.41 -6.12
CA VAL C 568 -23.09 -31.66 -5.57
C VAL C 568 -21.94 -32.11 -6.46
N GLU C 569 -20.78 -32.35 -5.86
CA GLU C 569 -19.65 -32.89 -6.59
C GLU C 569 -19.75 -34.40 -6.69
N ALA C 570 -19.91 -34.91 -7.92
CA ALA C 570 -19.70 -36.32 -8.19
C ALA C 570 -18.19 -36.51 -8.11
N ASP C 571 -17.75 -37.16 -7.03
CA ASP C 571 -16.32 -37.21 -6.70
C ASP C 571 -15.78 -38.63 -6.75
N GLY C 572 -14.68 -38.81 -7.48
CA GLY C 572 -14.04 -40.11 -7.64
C GLY C 572 -13.44 -40.62 -6.34
N VAL C 573 -13.76 -41.86 -6.00
CA VAL C 573 -13.22 -42.49 -4.80
C VAL C 573 -11.85 -43.08 -5.12
N THR C 574 -10.82 -42.57 -4.44
CA THR C 574 -9.43 -42.96 -4.70
C THR C 574 -9.17 -43.13 -6.20
N ASN C 575 -9.52 -42.09 -6.96
CA ASN C 575 -9.53 -42.11 -8.41
C ASN C 575 -8.26 -42.64 -9.09
N GLY C 576 -7.13 -42.02 -8.76
CA GLY C 576 -5.84 -42.39 -9.36
C GLY C 576 -5.50 -43.86 -9.23
N PRO C 577 -5.35 -44.35 -7.98
CA PRO C 577 -5.10 -45.76 -7.69
C PRO C 577 -6.08 -46.73 -8.35
N ILE C 578 -7.39 -46.46 -8.26
CA ILE C 578 -8.40 -47.34 -8.84
C ILE C 578 -8.30 -47.45 -10.38
N ASN C 579 -8.13 -46.31 -11.04
CA ASN C 579 -7.92 -46.29 -12.49
C ASN C 579 -6.71 -47.10 -12.89
N ALA C 580 -5.60 -46.93 -12.16
CA ALA C 580 -4.39 -47.73 -12.34
C ALA C 580 -4.67 -49.23 -12.22
N MET C 581 -5.43 -49.61 -11.19
CA MET C 581 -5.77 -51.01 -10.95
C MET C 581 -6.65 -51.61 -12.04
N MET C 582 -7.55 -50.81 -12.60
CA MET C 582 -8.38 -51.28 -13.72
C MET C 582 -7.61 -51.33 -15.04
N LEU C 583 -6.78 -50.32 -15.27
CA LEU C 583 -6.13 -50.15 -16.58
C LEU C 583 -4.85 -50.93 -16.77
N MET C 584 -4.18 -51.30 -15.67
CA MET C 584 -2.83 -51.87 -15.76
C MET C 584 -2.59 -53.19 -15.04
N THR C 585 -3.57 -53.67 -14.27
CA THR C 585 -3.51 -55.03 -13.74
C THR C 585 -3.76 -55.99 -14.90
N GLY C 586 -2.77 -56.85 -15.18
CA GLY C 586 -2.80 -57.68 -16.39
C GLY C 586 -2.58 -59.16 -16.21
N GLY C 587 -2.93 -59.69 -15.03
CA GLY C 587 -2.84 -61.13 -14.80
C GLY C 587 -4.20 -61.81 -14.88
N LEU C 588 -4.34 -62.94 -14.19
CA LEU C 588 -5.63 -63.59 -14.01
C LEU C 588 -6.35 -62.89 -12.86
N PHE C 589 -7.67 -63.07 -12.82
CA PHE C 589 -8.51 -62.49 -11.75
C PHE C 589 -8.28 -63.18 -10.41
N THR C 590 -7.99 -62.39 -9.38
CA THR C 590 -7.83 -62.91 -8.02
C THR C 590 -8.96 -62.37 -7.14
N PRO C 591 -9.36 -63.15 -6.11
CA PRO C 591 -10.41 -62.71 -5.18
C PRO C 591 -10.08 -61.40 -4.45
N ASP C 592 -8.80 -61.18 -4.15
CA ASP C 592 -8.33 -59.96 -3.47
C ASP C 592 -8.51 -58.70 -4.33
N TRP C 593 -8.28 -58.82 -5.63
CA TRP C 593 -8.44 -57.71 -6.56
C TRP C 593 -9.90 -57.30 -6.67
N ILE C 594 -10.80 -58.28 -6.65
CA ILE C 594 -12.24 -58.03 -6.74
C ILE C 594 -12.74 -57.22 -5.54
N ARG C 595 -12.28 -57.58 -4.34
CA ARG C 595 -12.62 -56.86 -3.11
C ARG C 595 -12.02 -55.45 -3.09
N ASN C 596 -10.81 -55.30 -3.61
CA ASN C 596 -10.11 -54.02 -3.59
C ASN C 596 -10.61 -53.01 -4.65
N ILE C 597 -11.00 -53.52 -5.82
CA ILE C 597 -11.54 -52.64 -6.88
C ILE C 597 -12.99 -52.20 -6.56
N ALA C 598 -13.67 -52.98 -5.71
CA ALA C 598 -15.00 -52.63 -5.25
C ALA C 598 -14.98 -51.36 -4.40
N LYS C 599 -13.85 -51.16 -3.71
CA LYS C 599 -13.63 -49.95 -2.92
C LYS C 599 -13.61 -48.70 -3.80
N GLY C 600 -13.47 -48.92 -5.11
CA GLY C 600 -13.46 -47.84 -6.08
C GLY C 600 -14.70 -47.79 -6.95
N GLY C 601 -15.68 -48.64 -6.64
CA GLY C 601 -16.98 -48.58 -7.29
C GLY C 601 -17.19 -49.54 -8.44
N LEU C 602 -16.33 -50.56 -8.56
CA LEU C 602 -16.54 -51.61 -9.53
C LEU C 602 -17.15 -52.84 -8.85
N PHE C 603 -18.48 -52.96 -8.96
CA PHE C 603 -19.22 -54.03 -8.32
C PHE C 603 -19.60 -55.09 -9.33
N ILE C 604 -19.26 -56.34 -9.03
CA ILE C 604 -19.53 -57.46 -9.92
C ILE C 604 -20.71 -58.26 -9.39
N GLY C 605 -21.70 -58.47 -10.24
CA GLY C 605 -22.88 -59.26 -9.90
C GLY C 605 -23.70 -58.67 -8.76
N SER C 606 -23.92 -57.35 -8.83
CA SER C 606 -24.75 -56.65 -7.87
C SER C 606 -25.45 -55.50 -8.61
N PRO C 607 -26.56 -55.82 -9.32
CA PRO C 607 -27.22 -54.81 -10.16
C PRO C 607 -27.72 -53.62 -9.35
N ASN C 608 -27.52 -52.43 -9.90
CA ASN C 608 -27.99 -51.17 -9.32
C ASN C 608 -27.33 -50.78 -7.98
N LYS C 609 -26.23 -51.45 -7.64
CA LYS C 609 -25.53 -51.18 -6.39
C LYS C 609 -24.79 -49.84 -6.43
N THR C 610 -24.94 -49.06 -5.36
CA THR C 610 -24.32 -47.75 -5.26
C THR C 610 -23.12 -47.79 -4.30
N MET C 611 -22.25 -46.79 -4.39
CA MET C 611 -21.14 -46.65 -3.46
C MET C 611 -21.66 -46.45 -2.04
N ASN C 612 -22.77 -45.74 -1.91
CA ASN C 612 -23.45 -45.53 -0.64
C ASN C 612 -23.81 -46.85 0.04
N GLU C 613 -24.35 -47.77 -0.75
CA GLU C 613 -24.71 -49.10 -0.27
C GLU C 613 -23.46 -49.91 0.10
N HIS C 614 -22.47 -49.89 -0.79
CA HIS C 614 -21.22 -50.63 -0.58
C HIS C 614 -20.49 -50.22 0.70
N ARG C 615 -20.43 -48.92 0.96
CA ARG C 615 -19.72 -48.40 2.11
C ARG C 615 -20.41 -48.70 3.44
N SER C 616 -21.74 -48.81 3.40
CA SER C 616 -22.54 -49.03 4.62
C SER C 616 -22.87 -50.51 4.91
N THR C 617 -22.93 -51.35 3.88
CA THR C 617 -23.28 -52.77 4.07
C THR C 617 -22.17 -53.76 3.72
N ALA C 618 -21.30 -53.39 2.78
CA ALA C 618 -20.29 -54.34 2.29
C ALA C 618 -18.89 -54.11 2.85
N ASP C 619 -18.36 -52.90 2.68
CA ASP C 619 -16.98 -52.60 3.05
C ASP C 619 -16.81 -51.12 3.35
N ASN C 620 -16.56 -50.80 4.62
CA ASN C 620 -16.43 -49.40 5.05
C ASN C 620 -15.00 -48.84 4.88
N ASN C 621 -14.06 -49.70 4.50
CA ASN C 621 -12.68 -49.28 4.30
C ASN C 621 -12.41 -48.95 2.84
N ASP C 622 -12.02 -47.70 2.59
CA ASP C 622 -11.55 -47.30 1.27
C ASP C 622 -10.08 -47.74 1.09
N LEU C 623 -9.52 -47.44 -0.07
CA LEU C 623 -8.16 -47.88 -0.41
C LEU C 623 -7.08 -47.26 0.48
N TYR C 624 -7.36 -46.09 1.06
CA TYR C 624 -6.45 -45.45 2.00
C TYR C 624 -6.40 -46.24 3.31
N GLN C 625 -7.58 -46.61 3.81
CA GLN C 625 -7.71 -47.34 5.08
C GLN C 625 -7.15 -48.75 4.98
N ALA C 626 -7.36 -49.41 3.83
CA ALA C 626 -6.84 -50.75 3.59
C ALA C 626 -5.32 -50.78 3.57
N SER C 627 -4.71 -49.78 2.93
CA SER C 627 -3.26 -49.63 2.91
C SER C 627 -2.72 -49.25 4.28
N THR C 628 -3.52 -48.49 5.04
CA THR C 628 -3.22 -48.16 6.43
C THR C 628 -3.23 -49.42 7.31
N ASN C 629 -4.23 -50.29 7.10
CA ASN C 629 -4.32 -51.57 7.79
C ASN C 629 -3.18 -52.51 7.43
N ALA C 630 -2.74 -52.43 6.18
CA ALA C 630 -1.62 -53.26 5.69
C ALA C 630 -0.28 -52.74 6.21
N LEU C 631 -0.21 -51.43 6.47
CA LEU C 631 0.95 -50.80 7.10
C LEU C 631 1.14 -51.30 8.53
N MET C 632 0.04 -51.50 9.25
CA MET C 632 0.10 -52.02 10.62
C MET C 632 0.57 -53.47 10.71
N GLU C 633 0.28 -54.26 9.67
CA GLU C 633 0.79 -55.62 9.59
C GLU C 633 2.27 -55.65 9.24
N SER C 634 2.67 -54.83 8.27
CA SER C 634 4.07 -54.72 7.84
C SER C 634 4.98 -54.15 8.93
N LEU C 635 4.47 -53.17 9.67
CA LEU C 635 5.19 -52.58 10.80
C LEU C 635 5.32 -53.62 11.90
N GLY C 636 4.23 -54.32 12.19
CA GLY C 636 4.19 -55.37 13.19
C GLY C 636 5.12 -56.54 12.88
N LYS C 637 5.28 -56.82 11.59
CA LYS C 637 6.22 -57.85 11.15
C LYS C 637 7.67 -57.40 11.27
N LEU C 638 7.91 -56.12 11.00
CA LEU C 638 9.24 -55.54 11.19
C LEU C 638 9.61 -55.50 12.67
N ARG C 639 8.62 -55.23 13.52
CA ARG C 639 8.79 -55.23 14.97
C ARG C 639 9.18 -56.61 15.50
N SER C 640 8.52 -57.65 15.00
CA SER C 640 8.79 -59.02 15.43
C SER C 640 10.09 -59.58 14.85
N ASN C 641 10.45 -59.12 13.65
CA ASN C 641 11.74 -59.46 13.03
C ASN C 641 12.92 -58.99 13.86
N TYR C 642 12.74 -57.87 14.57
CA TYR C 642 13.76 -57.28 15.42
C TYR C 642 13.30 -57.23 16.89
N ALA C 643 12.70 -58.33 17.36
CA ALA C 643 12.16 -58.41 18.72
C ALA C 643 13.23 -58.34 19.80
N SER C 644 14.38 -58.96 19.55
CA SER C 644 15.49 -58.96 20.50
C SER C 644 16.26 -57.64 20.45
N ASN C 645 16.41 -57.09 19.25
CA ASN C 645 17.14 -55.83 19.03
C ASN C 645 16.44 -54.65 19.70
N MET C 646 16.82 -54.39 20.94
CA MET C 646 16.17 -53.36 21.77
C MET C 646 16.40 -51.91 21.30
N PRO C 647 17.62 -51.56 20.86
CA PRO C 647 17.80 -50.20 20.34
C PRO C 647 16.97 -49.90 19.09
N ILE C 648 16.75 -50.92 18.25
CA ILE C 648 15.86 -50.80 17.09
C ILE C 648 14.42 -50.54 17.57
N GLN C 649 13.97 -51.31 18.55
CA GLN C 649 12.63 -51.15 19.13
C GLN C 649 12.42 -49.74 19.70
N SER C 650 13.42 -49.24 20.42
CA SER C 650 13.40 -47.91 21.00
C SER C 650 13.33 -46.79 19.96
N GLN C 651 13.96 -47.01 18.80
CA GLN C 651 13.92 -46.08 17.68
C GLN C 651 12.53 -45.99 17.07
N ILE C 652 11.89 -47.15 16.90
CA ILE C 652 10.53 -47.22 16.36
C ILE C 652 9.55 -46.62 17.35
N ASP C 653 9.76 -46.91 18.64
CA ASP C 653 8.96 -46.34 19.73
C ASP C 653 9.05 -44.82 19.76
N SER C 654 10.25 -44.28 19.52
CA SER C 654 10.47 -42.83 19.52
C SER C 654 9.86 -42.12 18.32
N LEU C 655 9.93 -42.76 17.15
CA LEU C 655 9.35 -42.21 15.93
C LEU C 655 7.82 -42.16 16.01
N LEU C 656 7.22 -43.26 16.46
CA LEU C 656 5.77 -43.34 16.64
C LEU C 656 5.29 -42.42 17.76
N SER C 657 6.10 -42.26 18.80
CA SER C 657 5.79 -41.36 19.92
C SER C 657 5.78 -39.90 19.48
N LEU C 658 6.80 -39.49 18.72
CA LEU C 658 6.86 -38.14 18.17
C LEU C 658 5.65 -37.84 17.28
N MET C 659 5.32 -38.79 16.41
CA MET C 659 4.16 -38.66 15.51
C MET C 659 2.85 -38.58 16.29
N ASP C 660 2.71 -39.44 17.30
CA ASP C 660 1.54 -39.45 18.20
C ASP C 660 1.33 -38.09 18.87
N LEU C 661 2.43 -37.45 19.24
CA LEU C 661 2.40 -36.17 19.93
C LEU C 661 1.86 -35.02 19.08
N PHE C 662 2.16 -35.05 17.77
CA PHE C 662 1.91 -33.88 16.91
C PHE C 662 0.93 -34.09 15.76
N LEU C 663 0.69 -35.35 15.39
CA LEU C 663 -0.20 -35.66 14.27
C LEU C 663 -1.51 -36.33 14.72
N PRO C 664 -2.65 -35.88 14.16
CA PRO C 664 -3.97 -36.42 14.50
C PRO C 664 -4.21 -37.83 13.96
N ASP C 665 -3.53 -38.18 12.86
CA ASP C 665 -3.73 -39.48 12.21
C ASP C 665 -2.96 -40.62 12.89
N ILE C 666 -2.06 -40.27 13.81
CA ILE C 666 -1.30 -41.28 14.56
C ILE C 666 -1.68 -41.26 16.04
N ASN C 667 -2.08 -42.41 16.57
CA ASN C 667 -2.43 -42.54 17.97
C ASN C 667 -1.75 -43.73 18.63
N LEU C 668 -0.72 -43.44 19.43
CA LEU C 668 -0.03 -44.46 20.20
C LEU C 668 -0.64 -44.50 21.60
N GLY C 669 -1.13 -45.67 21.99
CA GLY C 669 -1.76 -45.84 23.29
C GLY C 669 -0.75 -46.09 24.40
N GLU C 670 -1.27 -46.22 25.63
CA GLU C 670 -0.45 -46.55 26.79
C GLU C 670 0.19 -47.93 26.64
N ASN C 671 -0.60 -48.85 26.07
CA ASN C 671 -0.20 -50.25 25.83
C ASN C 671 1.05 -50.41 24.96
N GLY C 672 1.30 -49.41 24.11
CA GLY C 672 2.20 -49.55 22.99
C GLY C 672 1.37 -49.91 21.77
N ALA C 673 0.05 -49.82 21.94
CA ALA C 673 -0.91 -50.12 20.89
C ALA C 673 -0.96 -49.00 19.87
N LEU C 674 -1.05 -49.38 18.60
CA LEU C 674 -1.08 -48.43 17.50
C LEU C 674 -2.45 -48.25 16.87
N GLU C 675 -2.82 -47.00 16.64
CA GLU C 675 -3.98 -46.65 15.84
C GLU C 675 -3.50 -45.69 14.76
N LEU C 676 -3.73 -46.07 13.51
CA LEU C 676 -3.38 -45.22 12.38
C LEU C 676 -4.64 -44.90 11.58
N LYS C 677 -4.69 -43.69 11.03
CA LYS C 677 -5.85 -43.22 10.30
C LYS C 677 -5.55 -43.02 8.82
N ARG C 678 -6.57 -43.23 8.00
CA ARG C 678 -6.47 -43.13 6.53
C ARG C 678 -5.72 -41.89 6.02
N GLY C 679 -5.72 -40.83 6.83
CA GLY C 679 -5.09 -39.56 6.49
C GLY C 679 -3.64 -39.64 6.06
N ILE C 680 -2.82 -40.39 6.82
CA ILE C 680 -1.39 -40.50 6.53
C ILE C 680 -1.06 -41.34 5.30
N ALA C 681 -2.07 -42.02 4.75
CA ALA C 681 -1.90 -42.84 3.56
C ALA C 681 -2.37 -42.12 2.29
N LYS C 682 -3.18 -41.09 2.46
CA LYS C 682 -3.77 -40.35 1.32
C LYS C 682 -2.71 -39.93 0.31
N ASN C 683 -1.75 -39.12 0.75
CA ASN C 683 -0.70 -38.64 -0.14
C ASN C 683 0.29 -39.72 -0.62
N PRO C 684 0.82 -40.55 0.30
CA PRO C 684 1.76 -41.60 -0.11
C PRO C 684 1.21 -42.58 -1.14
N LEU C 685 -0.03 -43.06 -0.95
CA LEU C 685 -0.62 -44.05 -1.87
C LEU C 685 -0.70 -43.54 -3.31
N THR C 686 -1.21 -42.32 -3.48
CA THR C 686 -1.38 -41.71 -4.79
C THR C 686 -0.04 -41.59 -5.53
N ILE C 687 0.95 -41.02 -4.84
CA ILE C 687 2.24 -40.71 -5.46
C ILE C 687 3.15 -41.93 -5.58
N THR C 688 2.97 -42.91 -4.69
CA THR C 688 3.71 -44.18 -4.74
C THR C 688 3.43 -44.89 -6.06
N ILE C 689 2.16 -45.01 -6.41
CA ILE C 689 1.73 -45.63 -7.65
C ILE C 689 2.27 -44.86 -8.86
N TYR C 690 2.34 -43.53 -8.72
CA TYR C 690 2.91 -42.66 -9.77
C TYR C 690 4.45 -42.63 -9.81
N GLY C 691 5.07 -43.64 -9.20
CA GLY C 691 6.52 -43.85 -9.31
C GLY C 691 7.41 -43.07 -8.37
N SER C 692 6.80 -42.36 -7.42
CA SER C 692 7.57 -41.59 -6.42
C SER C 692 8.48 -42.47 -5.59
N GLY C 693 9.64 -41.93 -5.23
CA GLY C 693 10.59 -42.62 -4.36
C GLY C 693 10.12 -42.61 -2.92
N ALA C 694 10.69 -43.50 -2.12
CA ALA C 694 10.33 -43.59 -0.70
C ALA C 694 10.89 -42.42 0.11
N ARG C 695 12.05 -41.91 -0.30
CA ARG C 695 12.69 -40.77 0.37
C ARG C 695 11.83 -39.51 0.32
N GLY C 696 11.17 -39.30 -0.82
CA GLY C 696 10.28 -38.15 -1.02
C GLY C 696 9.08 -38.17 -0.11
N ILE C 697 8.51 -39.36 0.09
CA ILE C 697 7.38 -39.56 1.01
C ILE C 697 7.83 -39.37 2.46
N ALA C 698 9.00 -39.92 2.79
CA ALA C 698 9.58 -39.76 4.12
C ALA C 698 9.82 -38.30 4.47
N GLY C 699 10.29 -37.53 3.47
CA GLY C 699 10.55 -36.11 3.65
C GLY C 699 9.28 -35.29 3.83
N LYS C 700 8.19 -35.74 3.20
CA LYS C 700 6.90 -35.08 3.30
C LYS C 700 6.30 -35.30 4.68
N LEU C 701 6.41 -36.53 5.19
CA LEU C 701 5.91 -36.90 6.51
C LEU C 701 6.62 -36.16 7.64
N VAL C 702 7.94 -36.01 7.53
CA VAL C 702 8.72 -35.21 8.48
C VAL C 702 8.27 -33.76 8.45
N SER C 703 8.00 -33.24 7.25
CA SER C 703 7.48 -31.88 7.08
C SER C 703 6.17 -31.63 7.81
N SER C 704 5.30 -32.65 7.84
CA SER C 704 4.06 -32.58 8.61
C SER C 704 4.34 -32.50 10.11
N VAL C 705 5.33 -33.27 10.56
CA VAL C 705 5.71 -33.34 11.97
C VAL C 705 6.36 -32.03 12.42
N THR C 706 7.32 -31.54 11.63
CA THR C 706 8.02 -30.29 11.94
C THR C 706 7.08 -29.07 11.93
N ASP C 707 6.09 -29.08 11.04
CA ASP C 707 5.09 -28.00 10.98
C ASP C 707 4.26 -27.92 12.27
N ALA C 708 3.83 -29.07 12.77
CA ALA C 708 3.09 -29.14 14.02
C ALA C 708 3.94 -28.74 15.21
N ILE C 709 5.24 -29.06 15.14
CA ILE C 709 6.19 -28.70 16.19
C ILE C 709 6.39 -27.19 16.27
N TYR C 710 6.56 -26.55 15.13
CA TYR C 710 6.69 -25.08 15.07
C TYR C 710 5.40 -24.39 15.51
N GLU C 711 4.26 -24.97 15.12
CA GLU C 711 2.95 -24.50 15.58
C GLU C 711 2.84 -24.58 17.11
N ARG C 712 3.41 -25.64 17.69
CA ARG C 712 3.39 -25.85 19.14
C ARG C 712 4.29 -24.86 19.86
N MET C 713 5.40 -24.49 19.22
CA MET C 713 6.31 -23.48 19.77
C MET C 713 5.57 -22.15 19.93
N SER C 714 4.78 -21.79 18.92
CA SER C 714 3.95 -20.60 18.95
C SER C 714 2.93 -20.62 20.10
N ASP C 715 2.35 -21.79 20.34
CA ASP C 715 1.39 -21.98 21.44
C ASP C 715 2.00 -21.69 22.82
N VAL C 716 3.29 -21.99 22.97
CA VAL C 716 4.02 -21.73 24.21
C VAL C 716 4.05 -20.23 24.51
N LEU C 717 4.47 -19.44 23.52
CA LEU C 717 4.56 -17.98 23.65
C LEU C 717 3.18 -17.34 23.88
N LYS C 718 2.14 -17.96 23.36
CA LYS C 718 0.76 -17.52 23.56
C LYS C 718 0.36 -17.69 25.02
N ALA C 719 0.83 -18.77 25.63
CA ALA C 719 0.54 -19.08 27.03
C ALA C 719 1.53 -18.40 27.99
N ARG C 720 2.74 -18.13 27.48
CA ARG C 720 3.80 -17.51 28.28
C ARG C 720 3.74 -15.98 28.25
N ALA C 721 2.71 -15.43 27.61
CA ALA C 721 2.43 -14.01 27.62
C ALA C 721 1.14 -13.74 28.39
N LYS C 722 0.20 -14.67 28.29
CA LYS C 722 -1.07 -14.62 29.04
C LYS C 722 -0.82 -14.92 30.52
N ASP C 723 0.22 -15.72 30.79
CA ASP C 723 0.61 -16.08 32.15
C ASP C 723 2.12 -16.37 32.20
N PRO C 724 2.93 -15.36 32.61
CA PRO C 724 4.39 -15.47 32.61
C PRO C 724 4.93 -16.52 33.59
N ASN C 725 4.11 -16.88 34.58
CA ASN C 725 4.44 -17.95 35.52
C ASN C 725 3.82 -19.28 35.08
N ILE C 726 4.27 -19.76 33.93
CA ILE C 726 3.76 -21.03 33.36
C ILE C 726 4.87 -22.09 33.31
N SER C 727 4.45 -23.35 33.46
CA SER C 727 5.34 -24.50 33.64
C SER C 727 6.34 -24.74 32.50
N ALA C 728 5.95 -24.42 31.28
CA ALA C 728 6.69 -24.75 30.04
C ALA C 728 6.27 -26.11 29.50
N ALA C 729 6.18 -27.10 30.38
CA ALA C 729 5.62 -28.40 30.04
C ALA C 729 4.10 -28.30 29.86
N MET C 730 3.47 -27.51 30.72
CA MET C 730 2.03 -27.25 30.64
C MET C 730 1.71 -26.25 29.52
N ALA C 731 2.71 -25.49 29.11
CA ALA C 731 2.57 -24.54 28.01
C ALA C 731 2.51 -25.26 26.66
N MET C 732 3.43 -26.19 26.46
CA MET C 732 3.55 -26.92 25.20
C MET C 732 2.55 -28.08 25.08
N PHE C 733 2.32 -28.79 26.18
CA PHE C 733 1.45 -29.96 26.18
C PHE C 733 0.18 -29.76 27.02
N GLY C 734 -0.26 -28.49 27.11
CA GLY C 734 -1.54 -28.15 27.73
C GLY C 734 -2.68 -28.33 26.74
N LYS C 735 -2.42 -29.11 25.70
CA LYS C 735 -3.42 -29.47 24.69
C LYS C 735 -4.52 -30.31 25.34
N GLN C 736 -4.12 -31.42 25.95
CA GLN C 736 -5.01 -32.27 26.73
C GLN C 736 -4.18 -33.19 27.62
N ALA C 737 -3.87 -32.72 28.82
CA ALA C 737 -3.15 -33.49 29.82
C ALA C 737 -4.01 -33.68 31.07
N ALA C 738 -3.45 -34.35 32.07
CA ALA C 738 -4.15 -34.60 33.33
C ALA C 738 -3.72 -33.61 34.41
N SER C 739 -2.41 -33.57 34.68
CA SER C 739 -1.83 -32.67 35.68
C SER C 739 -0.41 -32.26 35.28
N GLU C 740 0.25 -31.53 36.18
CA GLU C 740 1.64 -31.12 35.98
C GLU C 740 2.57 -32.29 35.69
N ALA C 741 2.40 -33.37 36.47
CA ALA C 741 3.22 -34.58 36.32
C ALA C 741 3.08 -35.23 34.95
N HIS C 742 1.85 -35.31 34.44
CA HIS C 742 1.59 -35.92 33.14
C HIS C 742 2.04 -35.02 31.98
N ALA C 743 1.98 -33.71 32.19
CA ALA C 743 2.45 -32.73 31.20
C ALA C 743 3.97 -32.68 31.13
N GLU C 744 4.63 -32.91 32.27
CA GLU C 744 6.08 -33.02 32.32
C GLU C 744 6.56 -34.28 31.59
N GLU C 745 5.72 -35.33 31.65
CA GLU C 745 6.03 -36.62 31.05
C GLU C 745 5.98 -36.57 29.53
N LEU C 746 5.15 -35.66 29.00
CA LEU C 746 5.04 -35.46 27.56
C LEU C 746 6.16 -34.57 27.02
N LEU C 747 6.64 -33.65 27.86
CA LEU C 747 7.81 -32.84 27.54
C LEU C 747 9.06 -33.69 27.54
N ALA C 748 9.15 -34.60 28.51
CA ALA C 748 10.25 -35.55 28.62
C ALA C 748 10.28 -36.49 27.42
N ARG C 749 9.09 -36.90 26.96
CA ARG C 749 8.95 -37.71 25.77
C ARG C 749 9.46 -36.98 24.52
N PHE C 750 9.01 -35.73 24.34
CA PHE C 750 9.41 -34.92 23.20
C PHE C 750 10.92 -34.72 23.11
N LEU C 751 11.53 -34.38 24.23
CA LEU C 751 12.98 -34.17 24.28
C LEU C 751 13.75 -35.46 24.03
N LYS C 752 13.27 -36.55 24.62
CA LYS C 752 13.86 -37.87 24.45
C LYS C 752 13.73 -38.37 23.01
N ASP C 753 12.55 -38.17 22.42
CA ASP C 753 12.29 -38.56 21.02
C ASP C 753 13.19 -37.80 20.06
N MET C 754 13.33 -36.50 20.27
CA MET C 754 14.15 -35.66 19.42
C MET C 754 15.63 -36.01 19.51
N GLU C 755 16.11 -36.32 20.71
CA GLU C 755 17.51 -36.71 20.89
C GLU C 755 17.79 -38.08 20.28
N THR C 756 16.85 -39.00 20.43
CA THR C 756 16.98 -40.36 19.90
C THR C 756 17.05 -40.38 18.37
N LEU C 757 16.10 -39.69 17.75
CA LEU C 757 15.93 -39.73 16.30
C LEU C 757 16.96 -38.90 15.53
N THR C 758 17.55 -37.90 16.19
CA THR C 758 18.53 -37.03 15.54
C THR C 758 19.98 -37.49 15.70
N SER C 759 20.25 -38.25 16.77
CA SER C 759 21.61 -38.75 17.03
C SER C 759 21.86 -40.12 16.42
N THR C 760 20.79 -40.88 16.21
CA THR C 760 20.89 -42.23 15.65
C THR C 760 19.98 -42.36 14.43
N VAL C 761 20.53 -42.93 13.35
CA VAL C 761 19.76 -43.23 12.14
C VAL C 761 19.89 -44.71 11.75
N PRO C 762 18.87 -45.27 11.07
CA PRO C 762 19.02 -46.61 10.53
C PRO C 762 19.62 -46.59 9.12
N VAL C 763 20.34 -47.66 8.79
CA VAL C 763 20.84 -47.91 7.44
C VAL C 763 20.54 -49.36 7.05
N LYS C 764 20.60 -49.65 5.75
CA LYS C 764 20.35 -51.01 5.27
C LYS C 764 21.66 -51.65 4.82
N ARG C 765 22.08 -52.69 5.55
CA ARG C 765 23.30 -53.43 5.25
C ARG C 765 23.00 -54.91 5.12
N LYS C 766 23.24 -55.47 3.92
CA LYS C 766 22.99 -56.89 3.62
C LYS C 766 21.50 -57.26 3.77
N GLY C 767 20.62 -56.32 3.42
CA GLY C 767 19.17 -56.51 3.58
C GLY C 767 18.71 -56.51 5.04
N VAL C 768 19.55 -55.97 5.92
CA VAL C 768 19.28 -55.93 7.35
C VAL C 768 19.43 -54.49 7.85
N LEU C 769 18.50 -54.07 8.71
CA LEU C 769 18.56 -52.75 9.32
C LEU C 769 19.58 -52.70 10.46
N GLU C 770 20.38 -51.64 10.48
CA GLU C 770 21.39 -51.42 11.52
C GLU C 770 21.39 -49.96 11.94
N LEU C 771 21.68 -49.72 13.21
CA LEU C 771 21.71 -48.36 13.74
C LEU C 771 23.12 -47.75 13.72
N GLN C 772 23.17 -46.49 13.30
CA GLN C 772 24.42 -45.78 13.07
C GLN C 772 24.32 -44.35 13.59
N SER C 773 25.38 -43.88 14.24
CA SER C 773 25.40 -42.54 14.82
C SER C 773 25.56 -41.44 13.78
N THR C 774 25.08 -40.25 14.11
CA THR C 774 25.20 -39.08 13.24
C THR C 774 26.17 -38.06 13.83
N GLY C 775 26.22 -38.03 15.17
CA GLY C 775 27.06 -37.07 15.89
C GLY C 775 26.54 -35.64 15.82
N THR C 776 25.24 -35.49 15.60
CA THR C 776 24.62 -34.17 15.45
C THR C 776 23.28 -34.07 16.20
N GLY C 777 23.08 -34.95 17.17
CA GLY C 777 21.85 -35.03 17.95
C GLY C 777 21.43 -33.74 18.64
N ALA C 778 20.12 -33.58 18.81
CA ALA C 778 19.51 -32.35 19.35
C ALA C 778 19.90 -32.10 20.82
N LYS C 779 20.42 -30.90 21.06
CA LYS C 779 20.86 -30.50 22.41
C LYS C 779 19.81 -29.69 23.18
N GLY C 780 20.24 -29.07 24.28
CA GLY C 780 19.34 -28.41 25.23
C GLY C 780 18.78 -27.06 24.83
N LYS C 781 18.66 -26.18 25.83
CA LYS C 781 17.99 -24.86 25.73
C LYS C 781 16.53 -24.86 25.23
N ILE C 782 16.34 -24.83 23.91
CA ILE C 782 15.02 -24.62 23.28
C ILE C 782 14.42 -23.23 23.57
N ASN C 783 14.49 -22.37 22.56
CA ASN C 783 13.79 -21.08 22.59
C ASN C 783 12.64 -21.10 21.60
N PRO C 784 11.39 -21.13 22.11
CA PRO C 784 10.17 -21.28 21.29
C PRO C 784 10.05 -20.24 20.17
N LYS C 785 10.81 -19.16 20.26
CA LYS C 785 10.82 -18.11 19.26
C LYS C 785 11.68 -18.50 18.05
N THR C 786 12.85 -19.07 18.33
CA THR C 786 13.86 -19.32 17.30
C THR C 786 14.02 -20.80 16.92
N TYR C 787 13.41 -21.69 17.71
CA TYR C 787 13.54 -23.15 17.52
C TYR C 787 13.41 -23.55 16.05
N THR C 788 14.49 -24.13 15.53
CA THR C 788 14.56 -24.54 14.13
C THR C 788 15.29 -25.88 14.03
N ILE C 789 14.62 -26.87 13.44
CA ILE C 789 15.24 -28.16 13.18
C ILE C 789 16.03 -28.05 11.88
N LYS C 790 17.34 -27.89 12.01
CA LYS C 790 18.23 -27.61 10.88
C LYS C 790 18.42 -28.77 9.91
N GLY C 791 19.21 -28.52 8.87
CA GLY C 791 19.43 -29.46 7.77
C GLY C 791 19.84 -30.88 8.14
N GLU C 792 20.91 -31.00 8.91
CA GLU C 792 21.45 -32.32 9.26
C GLU C 792 20.59 -33.05 10.30
N GLN C 793 19.78 -32.30 11.03
CA GLN C 793 18.82 -32.90 11.97
C GLN C 793 17.56 -33.36 11.24
N LEU C 794 17.19 -32.64 10.18
CA LEU C 794 16.03 -33.00 9.35
C LEU C 794 16.24 -34.31 8.62
N LYS C 795 17.45 -34.50 8.06
CA LYS C 795 17.80 -35.71 7.34
C LYS C 795 17.80 -36.92 8.27
N ALA C 796 18.16 -36.69 9.53
CA ALA C 796 18.17 -37.74 10.54
C ALA C 796 16.75 -38.27 10.79
N LEU C 797 15.81 -37.36 11.02
CA LEU C 797 14.40 -37.71 11.18
C LEU C 797 13.86 -38.40 9.93
N GLN C 798 14.32 -37.93 8.78
CA GLN C 798 13.93 -38.46 7.47
C GLN C 798 14.36 -39.92 7.30
N GLU C 799 15.60 -40.22 7.70
CA GLU C 799 16.14 -41.58 7.59
C GLU C 799 15.37 -42.56 8.49
N ASN C 800 15.00 -42.11 9.69
CA ASN C 800 14.16 -42.89 10.59
C ASN C 800 12.75 -43.10 10.03
N MET C 801 12.16 -42.03 9.51
CA MET C 801 10.83 -42.08 8.90
C MET C 801 10.80 -43.04 7.71
N LEU C 802 11.89 -43.04 6.94
CA LEU C 802 12.03 -43.91 5.78
C LEU C 802 11.94 -45.41 6.12
N HIS C 803 12.86 -45.88 6.96
CA HIS C 803 13.01 -47.31 7.23
C HIS C 803 12.02 -47.86 8.26
N PHE C 804 11.61 -47.03 9.22
CA PHE C 804 10.71 -47.49 10.27
C PHE C 804 9.22 -47.15 10.05
N PHE C 805 8.90 -46.50 8.93
CA PHE C 805 7.51 -46.14 8.65
C PHE C 805 7.13 -46.15 7.16
N VAL C 806 7.92 -45.47 6.33
CA VAL C 806 7.59 -45.35 4.90
C VAL C 806 7.73 -46.68 4.17
N GLU C 807 8.82 -47.41 4.46
CA GLU C 807 9.07 -48.70 3.83
C GLU C 807 7.96 -49.74 4.10
N PRO C 808 7.51 -49.89 5.36
CA PRO C 808 6.36 -50.76 5.63
C PRO C 808 5.06 -50.30 4.96
N LEU C 809 4.90 -49.00 4.81
CA LEU C 809 3.74 -48.42 4.13
C LEU C 809 3.72 -48.76 2.65
N ARG C 810 4.89 -48.76 2.03
CA ARG C 810 5.06 -49.13 0.63
C ARG C 810 4.74 -50.61 0.41
N ASN C 811 5.19 -51.45 1.34
CA ASN C 811 4.82 -52.87 1.35
C ASN C 811 3.32 -53.05 1.52
N GLY C 812 2.72 -52.19 2.34
CA GLY C 812 1.28 -52.13 2.51
C GLY C 812 0.55 -51.75 1.23
N ILE C 813 1.04 -50.70 0.57
CA ILE C 813 0.47 -50.24 -0.70
C ILE C 813 0.52 -51.33 -1.76
N THR C 814 1.67 -51.99 -1.90
CA THR C 814 1.88 -53.08 -2.85
C THR C 814 0.92 -54.24 -2.59
N GLN C 815 0.66 -54.50 -1.31
CA GLN C 815 -0.25 -55.56 -0.89
C GLN C 815 -1.69 -55.22 -1.24
N THR C 816 -2.03 -53.94 -1.13
CA THR C 816 -3.39 -53.45 -1.36
C THR C 816 -3.72 -53.39 -2.85
N VAL C 817 -2.82 -52.83 -3.65
CA VAL C 817 -3.08 -52.65 -5.08
C VAL C 817 -2.67 -53.88 -5.92
N GLY C 818 -1.89 -54.77 -5.32
CA GLY C 818 -1.45 -55.99 -5.99
C GLY C 818 -0.11 -55.83 -6.69
N GLU C 819 0.73 -56.86 -6.59
CA GLU C 819 2.03 -56.88 -7.26
C GLU C 819 1.91 -56.82 -8.78
N SER C 820 0.78 -57.31 -9.30
CA SER C 820 0.50 -57.29 -10.73
C SER C 820 0.53 -55.86 -11.28
N LEU C 821 -0.06 -54.92 -10.56
CA LEU C 821 -0.03 -53.51 -10.94
C LEU C 821 1.38 -52.91 -10.82
N VAL C 822 2.04 -53.19 -9.70
CA VAL C 822 3.41 -52.71 -9.46
C VAL C 822 4.36 -53.18 -10.58
N TYR C 823 4.20 -54.43 -11.01
CA TYR C 823 4.97 -54.98 -12.12
C TYR C 823 4.70 -54.21 -13.41
N SER C 824 3.43 -53.98 -13.71
CA SER C 824 3.02 -53.27 -14.93
C SER C 824 3.57 -51.86 -15.00
N THR C 825 3.49 -51.13 -13.88
CA THR C 825 4.00 -49.76 -13.80
C THR C 825 5.52 -49.72 -13.98
N GLU C 826 6.20 -50.76 -13.51
CA GLU C 826 7.66 -50.87 -13.63
C GLU C 826 8.08 -51.08 -15.08
N GLN C 827 7.37 -51.95 -15.79
CA GLN C 827 7.62 -52.18 -17.20
C GLN C 827 7.29 -50.93 -18.02
N LEU C 828 6.21 -50.26 -17.62
CA LEU C 828 5.81 -48.98 -18.20
C LEU C 828 6.91 -47.95 -18.04
N GLN C 829 7.44 -47.84 -16.82
CA GLN C 829 8.51 -46.90 -16.48
C GLN C 829 9.79 -47.18 -17.27
N LYS C 830 10.17 -48.44 -17.37
CA LYS C 830 11.38 -48.86 -18.09
C LYS C 830 11.29 -48.54 -19.58
N ALA C 831 10.21 -48.99 -20.22
CA ALA C 831 10.00 -48.79 -21.64
C ALA C 831 10.04 -47.32 -22.05
N THR C 832 9.35 -46.48 -21.27
CA THR C 832 9.27 -45.04 -21.57
C THR C 832 10.56 -44.32 -21.21
N GLN C 833 11.28 -44.82 -20.22
CA GLN C 833 12.59 -44.27 -19.88
C GLN C 833 13.62 -44.62 -20.96
N ILE C 834 13.73 -45.91 -21.29
CA ILE C 834 14.66 -46.37 -22.33
C ILE C 834 14.50 -45.59 -23.63
N GLN C 835 13.26 -45.42 -24.06
CA GLN C 835 12.94 -44.71 -25.30
C GLN C 835 13.36 -43.25 -25.24
N SER C 836 13.10 -42.60 -24.11
CA SER C 836 13.44 -41.17 -23.93
C SER C 836 14.94 -40.93 -23.87
N VAL C 837 15.69 -41.94 -23.43
CA VAL C 837 17.14 -41.88 -23.41
C VAL C 837 17.68 -41.80 -24.84
N VAL C 838 17.14 -42.65 -25.70
CA VAL C 838 17.57 -42.71 -27.11
C VAL C 838 17.16 -41.44 -27.86
N LEU C 839 15.90 -41.02 -27.69
CA LEU C 839 15.39 -39.80 -28.33
C LEU C 839 16.25 -38.58 -28.01
N GLU C 840 16.55 -38.39 -26.72
CA GLU C 840 17.37 -37.28 -26.26
C GLU C 840 18.76 -37.33 -26.88
N ASP C 841 19.37 -38.52 -26.85
CA ASP C 841 20.72 -38.71 -27.38
C ASP C 841 20.80 -38.50 -28.88
N MET C 842 19.83 -39.03 -29.62
CA MET C 842 19.78 -38.86 -31.07
C MET C 842 19.58 -37.39 -31.47
N PHE C 843 18.67 -36.71 -30.78
CA PHE C 843 18.44 -35.28 -30.98
C PHE C 843 19.73 -34.51 -30.73
N LYS C 844 20.36 -34.79 -29.59
CA LYS C 844 21.63 -34.18 -29.20
C LYS C 844 22.71 -34.41 -30.27
N GLN C 845 22.78 -35.64 -30.79
CA GLN C 845 23.79 -35.98 -31.80
C GLN C 845 23.53 -35.34 -33.16
N ARG C 846 22.27 -35.31 -33.57
CA ARG C 846 21.88 -34.69 -34.84
C ARG C 846 21.96 -33.16 -34.81
N VAL C 847 21.86 -32.59 -33.60
CA VAL C 847 22.06 -31.15 -33.42
C VAL C 847 23.54 -30.79 -33.55
N GLN C 848 24.40 -31.54 -32.86
CA GLN C 848 25.85 -31.29 -32.91
C GLN C 848 26.44 -31.54 -34.29
N GLU C 849 25.87 -32.49 -35.02
CA GLU C 849 26.30 -32.80 -36.39
C GLU C 849 25.95 -31.68 -37.37
N LYS C 850 24.77 -31.09 -37.19
CA LYS C 850 24.34 -29.97 -38.02
C LYS C 850 25.17 -28.73 -37.70
N LEU C 851 25.58 -28.61 -36.44
CA LEU C 851 26.43 -27.50 -36.01
C LEU C 851 27.87 -27.61 -36.53
N ALA C 852 28.27 -28.82 -36.88
CA ALA C 852 29.60 -29.08 -37.44
C ALA C 852 29.69 -28.61 -38.89
N GLU C 853 28.62 -28.84 -39.65
CA GLU C 853 28.49 -28.33 -41.01
C GLU C 853 28.38 -26.81 -41.02
N LYS C 854 27.74 -26.27 -39.98
CA LYS C 854 27.55 -24.83 -39.84
C LYS C 854 28.86 -24.09 -39.64
N ALA C 855 29.84 -24.74 -39.01
CA ALA C 855 31.17 -24.18 -38.80
C ALA C 855 31.88 -23.90 -40.12
N LYS C 856 31.56 -24.67 -41.16
CA LYS C 856 32.09 -24.47 -42.50
C LYS C 856 31.44 -23.27 -43.19
N ASP C 857 30.19 -22.99 -42.82
CA ASP C 857 29.42 -21.86 -43.36
C ASP C 857 29.99 -20.53 -42.88
N PRO C 858 30.41 -19.65 -43.82
CA PRO C 858 31.01 -18.37 -43.45
C PRO C 858 29.99 -17.32 -42.99
N THR C 859 28.72 -17.50 -43.35
CA THR C 859 27.65 -16.57 -42.99
C THR C 859 27.13 -16.82 -41.58
N TRP C 860 27.44 -18.00 -41.04
CA TRP C 860 26.96 -18.45 -39.75
C TRP C 860 28.00 -18.26 -38.66
N LYS C 861 27.54 -17.79 -37.50
CA LYS C 861 28.39 -17.59 -36.33
C LYS C 861 27.95 -18.54 -35.21
N LYS C 862 28.89 -18.89 -34.33
CA LYS C 862 28.66 -19.99 -33.37
C LYS C 862 27.46 -19.81 -32.43
N GLY C 863 27.20 -18.57 -32.03
CA GLY C 863 26.08 -18.27 -31.13
C GLY C 863 24.70 -18.22 -31.79
N ASP C 864 24.65 -18.39 -33.11
CA ASP C 864 23.40 -18.29 -33.86
C ASP C 864 22.50 -19.51 -33.68
N PHE C 865 23.12 -20.68 -33.43
CA PHE C 865 22.42 -21.96 -33.31
C PHE C 865 21.73 -22.35 -34.63
N LEU C 866 20.62 -23.09 -34.55
CA LEU C 866 19.95 -23.62 -35.74
C LEU C 866 18.72 -22.80 -36.10
N THR C 867 18.23 -22.99 -37.33
CA THR C 867 16.99 -22.37 -37.78
C THR C 867 15.80 -23.25 -37.38
N GLN C 868 14.58 -22.71 -37.51
CA GLN C 868 13.38 -23.45 -37.14
C GLN C 868 13.10 -24.62 -38.08
N LYS C 869 13.40 -24.43 -39.37
CA LYS C 869 13.28 -25.49 -40.36
C LYS C 869 14.25 -26.64 -40.07
N GLU C 870 15.49 -26.29 -39.76
CA GLU C 870 16.52 -27.27 -39.43
C GLU C 870 16.18 -28.06 -38.16
N LEU C 871 15.55 -27.38 -37.21
CA LEU C 871 15.18 -27.97 -35.94
C LEU C 871 13.89 -28.80 -36.06
N ASN C 872 13.06 -28.47 -37.04
CA ASN C 872 11.88 -29.26 -37.37
C ASN C 872 12.22 -30.60 -38.01
N ASP C 873 13.29 -30.59 -38.82
CA ASP C 873 13.76 -31.78 -39.53
C ASP C 873 14.40 -32.80 -38.57
N ILE C 874 15.11 -32.30 -37.57
CA ILE C 874 15.69 -33.13 -36.53
C ILE C 874 14.60 -33.77 -35.66
N GLN C 875 13.57 -32.99 -35.34
CA GLN C 875 12.42 -33.52 -34.63
C GLN C 875 11.73 -34.61 -35.44
N ALA C 876 11.52 -34.33 -36.74
CA ALA C 876 10.87 -35.26 -37.66
C ALA C 876 11.68 -36.54 -37.86
N SER C 877 13.00 -36.44 -37.75
CA SER C 877 13.88 -37.59 -37.92
C SER C 877 13.75 -38.57 -36.76
N LEU C 878 12.93 -38.23 -35.77
CA LEU C 878 12.69 -39.10 -34.62
C LEU C 878 11.34 -39.83 -34.72
N ASN C 879 10.56 -39.52 -35.75
CA ASN C 879 9.26 -40.15 -35.95
C ASN C 879 9.30 -41.67 -36.10
N ASN C 880 10.41 -42.19 -36.62
CA ASN C 880 10.58 -43.63 -36.78
C ASN C 880 10.82 -44.35 -35.45
N LEU C 881 11.18 -43.59 -34.43
CA LEU C 881 11.36 -44.10 -33.07
C LEU C 881 10.05 -44.05 -32.26
N ALA C 882 9.00 -43.50 -32.88
CA ALA C 882 7.66 -43.40 -32.28
C ALA C 882 7.63 -42.65 -30.93
N PRO C 883 7.97 -41.34 -30.95
CA PRO C 883 8.03 -40.57 -29.70
C PRO C 883 6.64 -40.26 -29.14
N MET C 884 5.61 -40.50 -29.94
CA MET C 884 4.23 -40.20 -29.57
C MET C 884 3.45 -41.48 -29.31
N ILE C 885 2.76 -41.51 -28.17
CA ILE C 885 1.87 -42.62 -27.84
C ILE C 885 0.44 -42.23 -28.20
N GLU C 886 -0.16 -43.00 -29.11
CA GLU C 886 -1.50 -42.73 -29.62
C GLU C 886 -2.51 -43.71 -29.05
N THR C 887 -3.65 -43.19 -28.58
CA THR C 887 -4.73 -44.04 -28.07
C THR C 887 -5.92 -44.07 -29.02
N GLY C 888 -5.90 -43.16 -30.01
CA GLY C 888 -7.02 -42.98 -30.91
C GLY C 888 -7.77 -41.69 -30.63
N SER C 889 -7.92 -41.38 -29.34
CA SER C 889 -8.60 -40.15 -28.92
C SER C 889 -7.68 -39.22 -28.12
N GLN C 890 -6.48 -39.70 -27.83
CA GLN C 890 -5.49 -38.91 -27.08
C GLN C 890 -4.09 -39.07 -27.66
N THR C 891 -3.21 -38.13 -27.31
CA THR C 891 -1.82 -38.21 -27.70
C THR C 891 -0.94 -37.78 -26.53
N PHE C 892 0.15 -38.51 -26.32
CA PHE C 892 1.09 -38.23 -25.24
C PHE C 892 2.52 -38.18 -25.74
N TYR C 893 3.30 -37.25 -25.19
CA TYR C 893 4.71 -37.11 -25.51
C TYR C 893 5.49 -36.95 -24.22
N ILE C 894 5.85 -38.09 -23.63
CA ILE C 894 6.46 -38.16 -22.30
C ILE C 894 7.82 -37.48 -22.24
N ALA C 895 8.59 -37.63 -23.31
CA ALA C 895 9.95 -37.08 -23.38
C ALA C 895 9.98 -35.58 -23.64
N GLY C 896 8.89 -35.04 -24.17
CA GLY C 896 8.80 -33.62 -24.54
C GLY C 896 9.11 -32.65 -23.40
N SER C 897 10.02 -31.73 -23.67
CA SER C 897 10.43 -30.72 -22.70
C SER C 897 11.04 -29.50 -23.38
N GLU C 898 11.33 -28.47 -22.60
CA GLU C 898 12.10 -27.33 -23.08
C GLU C 898 13.26 -27.09 -22.12
N ASN C 899 14.45 -27.54 -22.53
CA ASN C 899 15.63 -27.49 -21.66
C ASN C 899 16.78 -26.66 -22.23
N ALA C 900 17.76 -26.37 -21.37
CA ALA C 900 18.91 -25.55 -21.74
C ALA C 900 20.12 -26.38 -22.15
N GLU C 901 20.00 -27.70 -22.04
CA GLU C 901 21.12 -28.62 -22.29
C GLU C 901 21.49 -28.81 -23.76
N VAL C 902 20.49 -28.72 -24.64
CA VAL C 902 20.70 -28.93 -26.07
C VAL C 902 21.58 -27.85 -26.69
N ALA C 903 21.29 -26.59 -26.37
CA ALA C 903 22.06 -25.47 -26.88
C ALA C 903 23.31 -25.22 -26.04
N ASN C 904 23.16 -25.36 -24.72
CA ASN C 904 24.24 -25.11 -23.75
C ASN C 904 24.95 -23.77 -23.96
N GLN C 905 24.15 -22.75 -24.28
CA GLN C 905 24.66 -21.40 -24.53
C GLN C 905 23.68 -20.34 -24.06
N VAL C 906 24.16 -19.11 -23.90
CA VAL C 906 23.32 -17.99 -23.52
C VAL C 906 22.58 -17.46 -24.75
N LEU C 907 21.28 -17.24 -24.61
CA LEU C 907 20.47 -16.66 -25.68
C LEU C 907 20.71 -15.17 -25.78
N ALA C 908 20.52 -14.47 -24.66
CA ALA C 908 20.68 -13.02 -24.60
C ALA C 908 20.91 -12.52 -23.18
N THR C 909 21.50 -11.34 -23.07
CA THR C 909 21.69 -10.66 -21.79
C THR C 909 21.16 -9.22 -21.92
N ASN C 910 20.99 -8.54 -20.79
CA ASN C 910 20.71 -7.10 -20.83
C ASN C 910 21.99 -6.33 -21.20
N LEU C 911 21.89 -5.02 -21.31
CA LEU C 911 23.01 -4.19 -21.76
C LEU C 911 24.09 -3.97 -20.69
N ASP C 912 23.83 -4.43 -19.47
CA ASP C 912 24.83 -4.36 -18.39
C ASP C 912 25.58 -5.68 -18.20
N ASP C 913 25.51 -6.55 -19.21
CA ASP C 913 26.13 -7.89 -19.16
C ASP C 913 25.50 -8.78 -18.07
N ARG C 914 24.28 -8.44 -17.67
CA ARG C 914 23.55 -9.21 -16.65
C ARG C 914 22.24 -9.76 -17.22
N MET C 915 21.47 -10.44 -16.36
CA MET C 915 20.23 -11.13 -16.77
C MET C 915 20.47 -12.08 -17.95
N ARG C 916 21.42 -12.99 -17.77
CA ARG C 916 21.86 -13.91 -18.83
C ARG C 916 20.88 -15.07 -19.01
N VAL C 917 20.00 -14.92 -20.00
CA VAL C 917 18.97 -15.91 -20.28
C VAL C 917 19.56 -17.10 -21.03
N PRO C 918 19.35 -18.33 -20.50
CA PRO C 918 19.78 -19.53 -21.21
C PRO C 918 18.94 -19.74 -22.46
N MET C 919 19.55 -20.34 -23.49
CA MET C 919 18.81 -20.68 -24.69
C MET C 919 18.10 -22.02 -24.52
N SER C 920 16.81 -21.96 -24.20
CA SER C 920 15.98 -23.16 -24.11
C SER C 920 15.35 -23.49 -25.45
N ILE C 921 15.51 -24.73 -25.89
CA ILE C 921 14.85 -25.18 -27.11
C ILE C 921 13.98 -26.40 -26.83
N TYR C 922 12.98 -26.60 -27.67
CA TYR C 922 12.01 -27.67 -27.49
C TYR C 922 12.52 -29.00 -28.03
N ALA C 923 12.82 -29.92 -27.11
CA ALA C 923 13.48 -31.19 -27.44
C ALA C 923 13.13 -32.30 -26.45
N PRO C 924 13.31 -33.57 -26.86
CA PRO C 924 13.07 -34.68 -25.94
C PRO C 924 14.15 -34.80 -24.86
N ALA C 925 13.72 -35.14 -23.66
CA ALA C 925 14.64 -35.35 -22.54
C ALA C 925 14.26 -36.64 -21.82
N GLN C 926 15.14 -37.12 -20.95
CA GLN C 926 14.87 -38.33 -20.16
C GLN C 926 13.57 -38.19 -19.39
N ALA C 927 12.80 -39.28 -19.37
CA ALA C 927 11.46 -39.28 -18.80
C ALA C 927 11.44 -39.55 -17.31
N GLY C 928 12.45 -40.26 -16.82
CA GLY C 928 12.47 -40.72 -15.43
C GLY C 928 11.29 -41.63 -15.17
N VAL C 929 10.44 -41.23 -14.23
CA VAL C 929 9.24 -41.99 -13.89
C VAL C 929 7.97 -41.39 -14.50
N ALA C 930 8.12 -40.31 -15.27
CA ALA C 930 6.98 -39.55 -15.83
C ALA C 930 5.98 -40.42 -16.59
N GLY C 931 6.46 -41.49 -17.23
CA GLY C 931 5.61 -42.40 -17.99
C GLY C 931 4.39 -42.88 -17.22
N ILE C 932 4.59 -43.26 -15.96
CA ILE C 932 3.50 -43.77 -15.13
C ILE C 932 2.38 -42.74 -14.92
N PRO C 933 2.68 -41.58 -14.29
CA PRO C 933 1.62 -40.57 -14.14
C PRO C 933 1.01 -40.14 -15.48
N PHE C 934 1.84 -39.94 -16.50
CA PHE C 934 1.36 -39.54 -17.83
C PHE C 934 0.21 -40.42 -18.32
N MET C 935 0.41 -41.73 -18.29
CA MET C 935 -0.57 -42.68 -18.82
C MET C 935 -1.75 -42.94 -17.88
N THR C 936 -1.50 -42.95 -16.57
CA THR C 936 -2.55 -43.19 -15.58
C THR C 936 -3.52 -42.02 -15.49
N ILE C 937 -2.99 -40.81 -15.34
CA ILE C 937 -3.80 -39.60 -15.37
C ILE C 937 -4.49 -39.47 -16.74
N GLY C 938 -3.70 -39.66 -17.80
CA GLY C 938 -4.17 -39.53 -19.16
C GLY C 938 -5.34 -40.42 -19.53
N THR C 939 -5.10 -41.73 -19.58
CA THR C 939 -6.14 -42.69 -19.97
C THR C 939 -7.15 -42.95 -18.83
N GLY C 940 -6.89 -42.36 -17.67
CA GLY C 940 -7.80 -42.45 -16.52
C GLY C 940 -8.75 -41.28 -16.45
N ASP C 941 -8.49 -40.33 -15.55
CA ASP C 941 -9.38 -39.18 -15.35
C ASP C 941 -9.40 -38.22 -16.54
N GLY C 942 -8.30 -38.16 -17.28
CA GLY C 942 -8.24 -37.37 -18.51
C GLY C 942 -9.23 -37.85 -19.56
N MET C 943 -9.22 -39.15 -19.82
CA MET C 943 -10.13 -39.75 -20.80
C MET C 943 -11.59 -39.68 -20.33
N MET C 944 -11.80 -39.85 -19.02
CA MET C 944 -13.13 -39.76 -18.42
C MET C 944 -13.77 -38.39 -18.65
N MET C 945 -13.06 -37.33 -18.24
CA MET C 945 -13.56 -35.96 -18.36
C MET C 945 -13.78 -35.57 -19.82
N GLN C 946 -12.84 -35.95 -20.68
CA GLN C 946 -12.91 -35.74 -22.12
C GLN C 946 -14.14 -36.44 -22.71
N THR C 947 -14.36 -37.68 -22.29
CA THR C 947 -15.54 -38.45 -22.69
C THR C 947 -16.81 -37.75 -22.20
N LEU C 948 -16.79 -37.35 -20.92
CA LEU C 948 -17.91 -36.70 -20.26
C LEU C 948 -18.37 -35.40 -20.93
N SER C 949 -17.44 -34.72 -21.60
CA SER C 949 -17.73 -33.47 -22.32
C SER C 949 -18.33 -33.69 -23.70
N THR C 950 -18.04 -34.83 -24.32
CA THR C 950 -18.40 -35.06 -25.72
C THR C 950 -19.43 -36.18 -25.95
N MET C 951 -19.69 -36.99 -24.92
CA MET C 951 -20.56 -38.16 -25.05
C MET C 951 -22.02 -37.82 -25.33
N LYS C 952 -22.78 -38.82 -25.77
CA LYS C 952 -24.21 -38.67 -26.03
C LYS C 952 -24.93 -38.26 -24.75
N GLY C 953 -25.63 -37.13 -24.82
CA GLY C 953 -26.32 -36.58 -23.65
C GLY C 953 -25.33 -36.09 -22.61
N ALA C 954 -24.24 -35.48 -23.06
CA ALA C 954 -23.22 -34.92 -22.17
C ALA C 954 -23.82 -33.85 -21.28
N PRO C 955 -23.57 -33.94 -19.96
CA PRO C 955 -24.14 -32.99 -19.01
C PRO C 955 -23.50 -31.63 -19.17
N LYS C 956 -24.32 -30.58 -19.15
CA LYS C 956 -23.79 -29.22 -19.24
C LYS C 956 -24.04 -28.46 -17.95
N ASN C 957 -23.52 -27.22 -17.90
CA ASN C 957 -23.55 -26.38 -16.71
C ASN C 957 -22.82 -27.04 -15.52
N THR C 958 -21.68 -27.66 -15.82
CA THR C 958 -20.87 -28.35 -14.82
C THR C 958 -19.47 -27.75 -14.74
N LEU C 959 -18.83 -27.92 -13.58
CA LEU C 959 -17.42 -27.57 -13.43
C LEU C 959 -16.62 -28.85 -13.23
N LYS C 960 -15.75 -29.15 -14.18
CA LYS C 960 -14.90 -30.33 -14.10
C LYS C 960 -13.58 -29.98 -13.43
N ILE C 961 -13.25 -30.73 -12.38
CA ILE C 961 -12.00 -30.53 -11.64
C ILE C 961 -11.22 -31.85 -11.60
N PHE C 962 -10.89 -32.35 -12.78
CA PHE C 962 -10.00 -33.52 -12.99
C PHE C 962 -10.59 -34.87 -12.55
N ASP C 963 -10.78 -35.05 -11.24
CA ASP C 963 -11.39 -36.29 -10.73
C ASP C 963 -12.71 -36.04 -10.01
N GLY C 964 -13.27 -34.86 -10.22
CA GLY C 964 -14.55 -34.47 -9.62
C GLY C 964 -15.31 -33.52 -10.52
N MET C 965 -16.64 -33.59 -10.45
CA MET C 965 -17.49 -32.74 -11.27
C MET C 965 -18.66 -32.14 -10.47
N ASN C 966 -18.75 -30.81 -10.48
CA ASN C 966 -19.82 -30.09 -9.79
C ASN C 966 -21.09 -30.07 -10.62
N ILE C 967 -22.16 -30.63 -10.08
CA ILE C 967 -23.43 -30.75 -10.80
C ILE C 967 -24.49 -29.88 -10.14
N GLY C 968 -25.33 -29.26 -10.98
CA GLY C 968 -26.51 -28.53 -10.50
C GLY C 968 -27.53 -29.49 -9.93
N LEU C 969 -28.29 -29.03 -8.94
CA LEU C 969 -29.18 -29.89 -8.16
C LEU C 969 -30.31 -30.55 -8.96
N ASN C 970 -30.66 -29.97 -10.11
CA ASN C 970 -31.65 -30.56 -11.01
C ASN C 970 -31.13 -31.75 -11.81
N ASP C 971 -29.81 -31.85 -11.95
CA ASP C 971 -29.20 -32.81 -12.88
C ASP C 971 -28.38 -33.93 -12.23
N ILE C 972 -28.42 -34.01 -10.89
CA ILE C 972 -27.50 -34.87 -10.13
C ILE C 972 -27.53 -36.36 -10.48
N THR C 973 -28.72 -36.89 -10.79
CA THR C 973 -28.89 -38.30 -11.12
C THR C 973 -28.35 -38.64 -12.52
N ASP C 974 -28.82 -37.90 -13.52
CA ASP C 974 -28.46 -38.16 -14.91
C ASP C 974 -26.99 -37.84 -15.22
N ALA C 975 -26.43 -36.83 -14.56
CA ALA C 975 -25.04 -36.45 -14.76
C ALA C 975 -24.05 -37.42 -14.12
N SER C 976 -24.39 -37.89 -12.92
CA SER C 976 -23.58 -38.90 -12.22
C SER C 976 -23.54 -40.20 -12.98
N ARG C 977 -24.69 -40.64 -13.47
CA ARG C 977 -24.81 -41.85 -14.28
C ARG C 977 -23.94 -41.74 -15.54
N LYS C 978 -23.95 -40.56 -16.17
CA LYS C 978 -23.11 -40.29 -17.33
C LYS C 978 -21.63 -40.25 -16.96
N ALA C 979 -21.33 -39.69 -15.79
CA ALA C 979 -19.95 -39.68 -15.27
C ALA C 979 -19.43 -41.09 -15.06
N ASN C 980 -20.29 -41.97 -14.55
CA ASN C 980 -19.95 -43.37 -14.37
C ASN C 980 -19.85 -44.13 -15.69
N GLU C 981 -20.67 -43.72 -16.66
CA GLU C 981 -20.59 -44.25 -18.02
C GLU C 981 -19.26 -43.86 -18.67
N ALA C 982 -18.79 -42.65 -18.37
CA ALA C 982 -17.51 -42.15 -18.86
C ALA C 982 -16.35 -42.90 -18.21
N VAL C 983 -16.52 -43.22 -16.92
CA VAL C 983 -15.55 -44.01 -16.17
C VAL C 983 -15.39 -45.39 -16.81
N TYR C 984 -16.52 -46.01 -17.16
CA TYR C 984 -16.51 -47.32 -17.79
C TYR C 984 -15.87 -47.28 -19.17
N THR C 985 -16.16 -46.21 -19.92
CA THR C 985 -15.55 -45.97 -21.23
C THR C 985 -14.03 -45.84 -21.12
N SER C 986 -13.57 -45.10 -20.12
CA SER C 986 -12.14 -44.93 -19.90
C SER C 986 -11.50 -46.26 -19.52
N TRP C 987 -12.26 -47.09 -18.81
CA TRP C 987 -11.80 -48.42 -18.39
C TRP C 987 -11.73 -49.45 -19.51
N GLN C 988 -12.10 -49.05 -20.72
CA GLN C 988 -11.92 -49.86 -21.92
C GLN C 988 -10.57 -49.58 -22.56
N GLY C 989 -9.88 -48.56 -22.05
CA GLY C 989 -8.56 -48.19 -22.52
C GLY C 989 -7.51 -49.21 -22.13
N ASN C 990 -6.38 -49.16 -22.80
CA ASN C 990 -5.28 -50.08 -22.57
C ASN C 990 -3.96 -49.33 -22.75
N PRO C 991 -3.56 -48.55 -21.73
CA PRO C 991 -2.35 -47.73 -21.80
C PRO C 991 -1.07 -48.54 -22.09
N ILE C 992 -0.94 -49.72 -21.50
CA ILE C 992 0.23 -50.57 -21.72
C ILE C 992 0.33 -51.01 -23.19
N LYS C 993 -0.81 -51.32 -23.79
CA LYS C 993 -0.86 -51.65 -25.23
C LYS C 993 -0.41 -50.45 -26.07
N ASN C 994 -0.89 -49.27 -25.68
CA ASN C 994 -0.53 -48.02 -26.36
C ASN C 994 0.96 -47.74 -26.30
N VAL C 995 1.57 -48.06 -25.16
CA VAL C 995 3.00 -47.94 -24.97
C VAL C 995 3.74 -49.03 -25.75
N TYR C 996 3.22 -50.26 -25.68
CA TYR C 996 3.80 -51.40 -26.42
C TYR C 996 3.88 -51.13 -27.92
N GLU C 997 2.82 -50.58 -28.50
CA GLU C 997 2.78 -50.24 -29.93
C GLU C 997 3.86 -49.24 -30.31
N SER C 998 4.06 -48.25 -29.45
CA SER C 998 5.12 -47.25 -29.63
C SER C 998 6.51 -47.86 -29.42
N TYR C 999 6.63 -48.74 -28.43
CA TYR C 999 7.91 -49.36 -28.07
C TYR C 999 8.35 -50.44 -29.07
N ALA C 1000 7.38 -51.11 -29.68
CA ALA C 1000 7.67 -52.10 -30.72
C ALA C 1000 8.29 -51.42 -31.96
N LYS C 1001 7.67 -50.32 -32.40
CA LYS C 1001 8.19 -49.56 -33.53
C LYS C 1001 9.57 -48.98 -33.20
N PHE C 1002 9.73 -48.54 -31.95
CA PHE C 1002 11.00 -48.04 -31.44
C PHE C 1002 12.13 -49.07 -31.59
N MET C 1003 11.87 -50.31 -31.17
CA MET C 1003 12.86 -51.40 -31.25
C MET C 1003 13.22 -51.78 -32.68
N LYS C 1004 12.38 -51.37 -33.63
CA LYS C 1004 12.60 -51.67 -35.05
C LYS C 1004 13.47 -50.62 -35.73
N ASN C 1005 13.59 -49.45 -35.12
CA ASN C 1005 14.33 -48.33 -35.71
C ASN C 1005 15.46 -47.78 -34.84
N VAL C 1006 15.62 -48.35 -33.66
CA VAL C 1006 16.67 -47.93 -32.73
C VAL C 1006 18.03 -48.46 -33.17
N ASP C 1007 19.05 -47.61 -33.06
CA ASP C 1007 20.42 -47.96 -33.41
C ASP C 1007 21.30 -47.80 -32.17
N PHE C 1008 21.56 -48.92 -31.48
CA PHE C 1008 22.31 -48.91 -30.22
C PHE C 1008 23.80 -48.60 -30.41
N SER C 1009 24.34 -49.01 -31.55
CA SER C 1009 25.76 -48.81 -31.85
C SER C 1009 26.13 -47.33 -32.07
N LYS C 1010 25.13 -46.49 -32.34
CA LYS C 1010 25.36 -45.06 -32.54
C LYS C 1010 25.14 -44.25 -31.27
N LEU C 1011 24.63 -44.90 -30.22
CA LEU C 1011 24.40 -44.23 -28.94
C LEU C 1011 25.72 -43.95 -28.22
N SER C 1012 25.77 -42.83 -27.50
CA SER C 1012 26.91 -42.47 -26.68
C SER C 1012 27.01 -43.41 -25.46
N PRO C 1013 28.21 -43.55 -24.88
CA PRO C 1013 28.37 -44.39 -23.69
C PRO C 1013 27.46 -44.03 -22.52
N GLU C 1014 27.16 -42.74 -22.34
CA GLU C 1014 26.27 -42.27 -21.27
C GLU C 1014 24.85 -42.77 -21.49
N ALA C 1015 24.42 -42.79 -22.75
CA ALA C 1015 23.10 -43.29 -23.13
C ALA C 1015 22.97 -44.80 -22.92
N LEU C 1016 24.02 -45.55 -23.27
CA LEU C 1016 24.04 -47.00 -23.05
C LEU C 1016 24.02 -47.34 -21.57
N GLU C 1017 24.76 -46.55 -20.78
CA GLU C 1017 24.82 -46.70 -19.34
C GLU C 1017 23.44 -46.45 -18.72
N ALA C 1018 22.76 -45.40 -19.20
CA ALA C 1018 21.43 -45.04 -18.71
C ALA C 1018 20.35 -46.07 -19.05
N ILE C 1019 20.50 -46.71 -20.21
CA ILE C 1019 19.59 -47.80 -20.61
C ILE C 1019 19.87 -49.04 -19.76
N GLY C 1020 21.15 -49.27 -19.46
CA GLY C 1020 21.58 -50.37 -18.60
C GLY C 1020 20.95 -50.36 -17.22
N LYS C 1021 20.80 -49.16 -16.64
CA LYS C 1021 20.20 -48.98 -15.31
C LYS C 1021 18.73 -49.40 -15.27
N SER C 1022 18.04 -49.25 -16.40
CA SER C 1022 16.62 -49.58 -16.49
C SER C 1022 16.35 -50.99 -16.99
N ALA C 1023 17.23 -51.51 -17.84
CA ALA C 1023 17.00 -52.77 -18.54
C ALA C 1023 17.61 -54.00 -17.86
N LEU C 1024 18.68 -53.80 -17.09
CA LEU C 1024 19.42 -54.90 -16.48
C LEU C 1024 19.47 -54.80 -14.97
N GLU C 1025 19.73 -55.94 -14.32
CA GLU C 1025 19.98 -56.00 -12.88
C GLU C 1025 21.36 -55.42 -12.57
N TYR C 1026 21.57 -54.99 -11.32
CA TYR C 1026 22.82 -54.37 -10.91
C TYR C 1026 24.07 -55.21 -11.23
N ASP C 1027 23.95 -56.52 -11.08
CA ASP C 1027 25.03 -57.46 -11.36
C ASP C 1027 25.49 -57.41 -12.81
N GLN C 1028 24.53 -57.39 -13.73
CA GLN C 1028 24.81 -57.44 -15.17
C GLN C 1028 25.23 -56.10 -15.76
N ARG C 1029 25.20 -55.04 -14.96
CA ARG C 1029 25.41 -53.67 -15.45
C ARG C 1029 26.86 -53.29 -15.72
N GLU C 1030 27.78 -53.75 -14.87
CA GLU C 1030 29.19 -53.36 -14.93
C GLU C 1030 29.89 -53.79 -16.23
N ASN C 1031 29.71 -55.05 -16.62
CA ASN C 1031 30.43 -55.62 -17.76
C ASN C 1031 29.65 -55.65 -19.08
N ALA C 1032 28.35 -55.37 -19.00
CA ALA C 1032 27.43 -55.46 -20.14
C ALA C 1032 27.93 -54.82 -21.43
N THR C 1033 27.74 -55.53 -22.54
CA THR C 1033 28.08 -55.02 -23.87
C THR C 1033 26.86 -54.39 -24.53
N VAL C 1034 27.07 -53.80 -25.70
CA VAL C 1034 26.00 -53.19 -26.50
C VAL C 1034 24.90 -54.22 -26.81
N ASP C 1035 25.31 -55.44 -27.12
CA ASP C 1035 24.37 -56.54 -27.41
C ASP C 1035 23.62 -57.03 -26.17
N ASP C 1036 24.28 -56.97 -25.02
CA ASP C 1036 23.64 -57.31 -23.73
C ASP C 1036 22.49 -56.35 -23.44
N ILE C 1037 22.76 -55.06 -23.62
CA ILE C 1037 21.79 -53.98 -23.39
C ILE C 1037 20.63 -54.06 -24.40
N ALA C 1038 20.97 -54.33 -25.66
CA ALA C 1038 19.98 -54.45 -26.73
C ALA C 1038 18.98 -55.57 -26.47
N ASN C 1039 19.49 -56.74 -26.06
CA ASN C 1039 18.65 -57.89 -25.74
C ASN C 1039 17.77 -57.67 -24.51
N ALA C 1040 18.29 -56.90 -23.55
CA ALA C 1040 17.58 -56.57 -22.33
C ALA C 1040 16.39 -55.64 -22.59
N ALA C 1041 16.58 -54.67 -23.48
CA ALA C 1041 15.50 -53.77 -23.88
C ALA C 1041 14.47 -54.51 -24.73
N SER C 1042 14.95 -55.48 -25.50
CA SER C 1042 14.10 -56.32 -26.35
C SER C 1042 13.16 -57.20 -25.53
N LEU C 1043 13.67 -57.71 -24.41
CA LEU C 1043 12.89 -58.52 -23.48
C LEU C 1043 11.75 -57.71 -22.84
N ILE C 1044 11.97 -56.41 -22.67
CA ILE C 1044 10.95 -55.50 -22.15
C ILE C 1044 9.77 -55.33 -23.12
N GLU C 1045 10.04 -55.42 -24.42
CA GLU C 1045 8.98 -55.43 -25.44
C GLU C 1045 8.09 -56.67 -25.33
N ARG C 1046 8.69 -57.79 -24.94
CA ARG C 1046 7.96 -59.05 -24.74
C ARG C 1046 7.11 -58.98 -23.47
N ASN C 1047 7.66 -58.37 -22.42
CA ASN C 1047 6.93 -58.19 -21.16
C ASN C 1047 5.73 -57.27 -21.36
N LEU C 1048 5.92 -56.21 -22.14
CA LEU C 1048 4.86 -55.29 -22.49
C LEU C 1048 3.73 -55.97 -23.27
N ARG C 1049 4.10 -56.82 -24.23
CA ARG C 1049 3.12 -57.53 -25.07
C ARG C 1049 2.18 -58.39 -24.22
N ASN C 1050 2.75 -59.15 -23.29
CA ASN C 1050 1.97 -60.06 -22.44
C ASN C 1050 1.02 -59.33 -21.47
N ILE C 1051 1.48 -58.19 -20.93
CA ILE C 1051 0.62 -57.36 -20.09
C ILE C 1051 -0.52 -56.79 -20.93
N ALA C 1052 -0.17 -56.21 -22.08
CA ALA C 1052 -1.15 -55.63 -23.00
C ALA C 1052 -2.25 -56.62 -23.40
N LEU C 1053 -1.85 -57.87 -23.66
CA LEU C 1053 -2.80 -58.93 -24.02
C LEU C 1053 -3.70 -59.26 -22.82
N GLY C 1054 -3.10 -59.44 -21.65
CA GLY C 1054 -3.83 -59.76 -20.43
C GLY C 1054 -4.87 -58.73 -20.05
N VAL C 1055 -4.49 -57.45 -20.14
CA VAL C 1055 -5.40 -56.32 -19.88
C VAL C 1055 -6.56 -56.34 -20.88
N ASP C 1056 -6.23 -56.60 -22.15
CA ASP C 1056 -7.22 -56.69 -23.22
C ASP C 1056 -8.29 -57.74 -22.90
N ILE C 1057 -7.85 -58.94 -22.51
CA ILE C 1057 -8.75 -60.05 -22.20
C ILE C 1057 -9.62 -59.76 -20.97
N ARG C 1058 -8.99 -59.22 -19.93
CA ARG C 1058 -9.68 -58.87 -18.68
C ARG C 1058 -10.85 -57.90 -18.93
N HIS C 1059 -10.61 -56.87 -19.72
CA HIS C 1059 -11.65 -55.90 -20.06
C HIS C 1059 -12.79 -56.52 -20.87
N LYS C 1060 -12.45 -57.39 -21.82
CA LYS C 1060 -13.44 -58.07 -22.65
C LYS C 1060 -14.30 -59.03 -21.82
N VAL C 1061 -13.67 -59.69 -20.84
CA VAL C 1061 -14.34 -60.60 -19.92
C VAL C 1061 -15.31 -59.84 -19.00
N LEU C 1062 -14.84 -58.73 -18.45
CA LEU C 1062 -15.66 -57.88 -17.57
C LEU C 1062 -16.88 -57.29 -18.25
N ASP C 1063 -16.78 -57.02 -19.55
CA ASP C 1063 -17.89 -56.49 -20.32
C ASP C 1063 -19.02 -57.50 -20.50
N LYS C 1064 -18.69 -58.78 -20.34
CA LYS C 1064 -19.66 -59.87 -20.49
C LYS C 1064 -20.50 -60.08 -19.24
N VAL C 1065 -19.91 -59.82 -18.07
CA VAL C 1065 -20.62 -59.97 -16.80
C VAL C 1065 -21.35 -58.68 -16.39
N ASN C 1066 -22.35 -58.82 -15.53
CA ASN C 1066 -23.13 -57.68 -15.06
C ASN C 1066 -22.38 -56.84 -14.03
N LEU C 1067 -22.24 -55.55 -14.32
CA LEU C 1067 -21.47 -54.63 -13.48
C LEU C 1067 -22.27 -53.41 -13.09
N SER C 1068 -22.13 -53.00 -11.84
CA SER C 1068 -22.67 -51.73 -11.37
C SER C 1068 -21.50 -50.84 -10.99
N ILE C 1069 -21.41 -49.69 -11.64
CA ILE C 1069 -20.25 -48.81 -11.49
C ILE C 1069 -20.60 -47.47 -10.86
N ASP C 1070 -20.05 -47.23 -9.67
CA ASP C 1070 -20.25 -45.98 -8.97
C ASP C 1070 -18.92 -45.43 -8.44
N GLN C 1071 -18.03 -45.08 -9.36
CA GLN C 1071 -16.75 -44.44 -9.04
C GLN C 1071 -16.93 -42.96 -8.75
N MET C 1072 -17.65 -42.26 -9.62
CA MET C 1072 -17.96 -40.85 -9.42
C MET C 1072 -19.15 -40.77 -8.47
N ALA C 1073 -18.84 -40.88 -7.18
CA ALA C 1073 -19.81 -41.20 -6.14
C ALA C 1073 -20.33 -39.99 -5.35
N ALA C 1074 -21.57 -40.13 -4.88
CA ALA C 1074 -22.25 -39.20 -3.97
C ALA C 1074 -23.76 -39.34 -4.12
N VAL C 1075 -24.23 -39.15 -5.35
CA VAL C 1075 -25.66 -39.11 -5.68
C VAL C 1075 -26.33 -40.49 -5.54
N GLY C 1076 -25.57 -41.54 -5.81
CA GLY C 1076 -26.11 -42.89 -5.81
C GLY C 1076 -26.74 -43.23 -7.15
N ALA C 1077 -26.04 -42.87 -8.22
CA ALA C 1077 -26.52 -43.13 -9.58
C ALA C 1077 -25.49 -43.91 -10.40
N PRO C 1078 -25.43 -45.24 -10.19
CA PRO C 1078 -24.43 -46.07 -10.85
C PRO C 1078 -24.78 -46.42 -12.30
N TYR C 1079 -23.75 -46.65 -13.11
CA TYR C 1079 -23.94 -47.10 -14.49
C TYR C 1079 -23.89 -48.63 -14.57
N GLN C 1080 -24.78 -49.18 -15.39
CA GLN C 1080 -24.84 -50.63 -15.62
C GLN C 1080 -24.43 -50.93 -17.05
N ASN C 1081 -23.50 -51.87 -17.23
CA ASN C 1081 -23.06 -52.28 -18.56
C ASN C 1081 -24.01 -53.29 -19.22
N ASN C 1082 -24.99 -53.76 -18.46
CA ASN C 1082 -25.92 -54.81 -18.90
C ASN C 1082 -25.20 -56.02 -19.54
N GLY C 1083 -24.27 -56.59 -18.78
CA GLY C 1083 -23.59 -57.83 -19.15
C GLY C 1083 -24.52 -58.99 -18.85
N LYS C 1084 -24.51 -59.99 -19.73
CA LYS C 1084 -25.47 -61.09 -19.67
C LYS C 1084 -25.13 -62.12 -18.58
N ILE C 1085 -23.85 -62.48 -18.48
CA ILE C 1085 -23.41 -63.47 -17.50
C ILE C 1085 -23.62 -62.95 -16.07
N ASP C 1086 -24.66 -63.47 -15.43
CA ASP C 1086 -25.03 -63.07 -14.08
C ASP C 1086 -24.09 -63.68 -13.05
N LEU C 1087 -23.46 -62.82 -12.24
CA LEU C 1087 -22.55 -63.28 -11.19
C LEU C 1087 -23.00 -62.86 -9.78
N SER C 1088 -24.29 -62.70 -9.60
CA SER C 1088 -24.86 -62.42 -8.29
C SER C 1088 -24.89 -63.69 -7.44
N ASN C 1089 -25.00 -63.51 -6.12
CA ASN C 1089 -25.02 -64.62 -5.15
C ASN C 1089 -23.74 -65.46 -5.17
N MET C 1090 -22.61 -64.80 -5.43
CA MET C 1090 -21.32 -65.47 -5.50
C MET C 1090 -20.29 -64.76 -4.65
N THR C 1091 -19.42 -65.55 -4.02
CA THR C 1091 -18.31 -65.02 -3.23
C THR C 1091 -17.20 -64.51 -4.16
N PRO C 1092 -16.34 -63.60 -3.66
CA PRO C 1092 -15.18 -63.15 -4.42
C PRO C 1092 -14.38 -64.31 -5.05
N GLU C 1093 -14.16 -65.38 -4.27
CA GLU C 1093 -13.46 -66.56 -4.74
C GLU C 1093 -14.18 -67.24 -5.91
N GLN C 1094 -15.52 -67.34 -5.81
CA GLN C 1094 -16.33 -67.96 -6.84
C GLN C 1094 -16.43 -67.11 -8.10
N GLN C 1095 -16.46 -65.80 -7.92
CA GLN C 1095 -16.45 -64.86 -9.05
C GLN C 1095 -15.13 -64.90 -9.79
N ALA C 1096 -14.04 -65.04 -9.03
CA ALA C 1096 -12.69 -65.13 -9.59
C ALA C 1096 -12.53 -66.37 -10.46
N ASP C 1097 -13.01 -67.51 -9.96
CA ASP C 1097 -12.94 -68.78 -10.69
C ASP C 1097 -13.75 -68.77 -11.98
N GLU C 1098 -14.88 -68.07 -11.97
CA GLU C 1098 -15.74 -67.97 -13.14
C GLU C 1098 -15.19 -66.97 -14.15
N LEU C 1099 -14.67 -65.84 -13.66
CA LEU C 1099 -14.04 -64.83 -14.51
C LEU C 1099 -12.80 -65.37 -15.21
N ASN C 1100 -12.04 -66.20 -14.49
CA ASN C 1100 -10.85 -66.85 -15.03
C ASN C 1100 -11.18 -67.90 -16.09
N LYS C 1101 -12.29 -68.60 -15.91
CA LYS C 1101 -12.80 -69.53 -16.92
C LYS C 1101 -13.11 -68.77 -18.21
N LEU C 1102 -13.69 -67.57 -18.05
CA LEU C 1102 -13.98 -66.70 -19.18
C LEU C 1102 -12.72 -66.09 -19.80
N PHE C 1103 -11.69 -65.91 -18.96
CA PHE C 1103 -10.39 -65.44 -19.41
C PHE C 1103 -9.76 -66.46 -20.37
N ARG C 1104 -9.78 -67.73 -19.96
CA ARG C 1104 -9.20 -68.81 -20.75
C ARG C 1104 -9.99 -69.12 -22.02
N GLU C 1105 -11.29 -68.85 -21.98
CA GLU C 1105 -12.16 -69.03 -23.15
C GLU C 1105 -11.91 -67.97 -24.21
N GLU C 1106 -11.61 -66.74 -23.77
CA GLU C 1106 -11.32 -65.63 -24.69
C GLU C 1106 -9.92 -65.79 -25.30
N LEU C 1107 -8.98 -66.30 -24.51
CA LEU C 1107 -7.62 -66.56 -24.95
C LEU C 1107 -7.57 -67.60 -26.08
N GLU C 1108 -8.43 -68.62 -25.97
CA GLU C 1108 -8.54 -69.65 -27.00
C GLU C 1108 -9.27 -69.14 -28.24
N ALA C 1109 -10.22 -68.22 -28.04
CA ALA C 1109 -10.97 -67.62 -29.14
C ALA C 1109 -10.09 -66.70 -30.00
N ARG C 1110 -9.08 -66.12 -29.37
CA ARG C 1110 -8.12 -65.24 -30.06
C ARG C 1110 -7.10 -66.05 -30.86
P PO4 E . -9.73 24.24 30.73
O1 PO4 E . -10.14 24.69 29.34
O2 PO4 E . -10.44 25.08 31.75
O3 PO4 E . -10.14 22.79 30.90
O4 PO4 E . -8.25 24.38 30.91
PG GTP F . -9.15 23.13 19.13
O1G GTP F . -10.15 22.28 18.36
O2G GTP F . -8.93 22.55 20.50
O3G GTP F . -9.68 24.54 19.24
O3B GTP F . -7.75 23.13 18.31
PB GTP F . -6.46 23.93 18.82
O1B GTP F . -6.82 24.94 19.88
O2B GTP F . -5.78 24.59 17.63
O3A GTP F . -5.52 22.79 19.47
PA GTP F . -3.93 22.95 19.65
O1A GTP F . -3.21 22.26 18.51
O2A GTP F . -3.51 22.37 20.97
O5' GTP F . -3.63 24.55 19.61
C5' GTP F . -2.95 25.19 18.54
C4' GTP F . -2.43 26.56 18.98
O4' GTP F . -2.12 27.34 17.83
C3' GTP F . -3.43 27.36 19.80
O3' GTP F . -3.03 27.39 21.15
C2' GTP F . -3.46 28.75 19.20
O2' GTP F . -2.89 29.69 20.07
C1' GTP F . -2.64 28.66 17.93
N9 GTP F . -3.47 28.93 16.74
C8 GTP F . -4.54 28.20 16.31
N7 GTP F . -5.03 28.76 15.18
C5 GTP F . -4.29 29.84 14.88
C6 GTP F . -4.34 30.76 13.84
O6 GTP F . -5.22 30.66 12.97
N1 GTP F . -3.42 31.80 13.79
C2 GTP F . -2.45 31.90 14.77
N2 GTP F . -1.55 32.88 14.72
N3 GTP F . -2.39 30.97 15.78
C4 GTP F . -3.29 29.96 15.85
P PO4 G . -17.95 -36.59 -0.13
O1 PO4 G . -18.71 -37.64 -0.90
O2 PO4 G . -18.84 -35.96 0.91
O3 PO4 G . -16.76 -37.22 0.56
O4 PO4 G . -17.47 -35.52 -1.09
PG GTP H . -10.45 -31.10 -1.81
O1G GTP H . -11.31 -30.62 -2.96
O2G GTP H . -11.00 -30.58 -0.50
O3G GTP H . -10.45 -32.62 -1.78
O3B GTP H . -8.94 -30.55 -2.03
PB GTP H . -8.11 -30.85 -3.38
O1B GTP H . -6.90 -31.70 -3.06
O2B GTP H . -8.98 -31.53 -4.41
O3A GTP H . -7.65 -29.39 -3.88
PA GTP H . -6.25 -29.13 -4.66
O1A GTP H . -6.13 -27.67 -5.03
O2A GTP H . -5.08 -29.55 -3.81
O5' GTP H . -6.33 -30.01 -6.01
C5' GTP H . -7.43 -29.95 -6.89
C4' GTP H . -7.41 -31.17 -7.82
O4' GTP H . -6.18 -31.19 -8.55
C3' GTP H . -7.47 -32.49 -7.06
O3' GTP H . -8.78 -33.02 -7.08
C2' GTP H . -6.48 -33.41 -7.75
O2' GTP H . -7.13 -34.26 -8.66
C1' GTP H . -5.57 -32.46 -8.51
N9 GTP H . -4.26 -32.39 -7.84
C8 GTP H . -3.98 -31.83 -6.62
N7 GTP H . -2.66 -31.96 -6.35
C5 GTP H . -2.09 -32.59 -7.40
C6 GTP H . -0.77 -32.97 -7.65
O6 GTP H . 0.12 -32.73 -6.83
N1 GTP H . -0.46 -33.62 -8.83
C2 GTP H . -1.45 -33.87 -9.76
N2 GTP H . -1.18 -34.50 -10.89
N3 GTP H . -2.76 -33.50 -9.50
C4 GTP H . -3.07 -32.86 -8.35
#